data_6L2T
#
_entry.id   6L2T
#
_cell.length_a   1.00
_cell.length_b   1.00
_cell.length_c   1.00
_cell.angle_alpha   90.00
_cell.angle_beta   90.00
_cell.angle_gamma   90.00
#
_symmetry.space_group_name_H-M   'P 1'
#
_entity_poly.entity_id   1
_entity_poly.type   'polypeptide(L)'
_entity_poly.pdbx_seq_one_letter_code
;MASGGAFCLIANDGKADKIILAQDLLNSRISNIKNVNKSYGKPDPEPTLSQIEETHLVHFNAHFKPYVPVGFEYNKVRPH
TGTPTLGNKLTFGIPQYGDFFHDMVGHHILGACHSSWQDAPIQGTSQMGAHGQLQTFPRNGYDWDNQTPLEGAVYTLVDP
FGRPIVPGTKNAYRNLVYYCEYPGLRLYENVRFEVNGNSLDEYSSDVTTLVRKFCIPGDKMTGYKHLVGQEVSVEGTSGP
LLCNIHDLHKPHQSKPILTDENDTQRTCSHTNPKFLSQHFPHFPENIQTAGKQDITPITDATYLDIRRNVHYSCNGPQTP
KYYQPPLALWIKLRFWFNDNVNLAIPSVSIPFGERFITIKLASQKDLVNEFPGLFVRQSTVIAGRPSRRNIRFKPWFIPG
VINEISLTNNELYINNLFVTPEIHNLYVKRVRFSLIRVHKTQVTHTNNNHHDEKLMSALKWPIEYMFIGLKPTWNISDQN
PHQHRDWHKFGHVVNAIMQPTHHAEISFQDRDTALPDACSSISDISPVTYPITLPIIKNISVTAHGINLIDKFPSQFCSS
YIPFHYGGNAIKTPDDPGAMMITFALYPREEYQPSGHINVSRAREFYISWDSDYVGSITTADLVVSSSAINFLLLQNGSA
VLRYST
;
_entity_poly.pdbx_strand_id   A,B,C
#
# COMPACT_ATOMS: atom_id res chain seq x y z
N CYS A 8 24.92 -4.26 -33.81
CA CYS A 8 23.48 -4.16 -33.63
C CYS A 8 22.94 -2.88 -34.26
N LEU A 9 21.73 -2.49 -33.87
CA LEU A 9 21.10 -1.28 -34.41
C LEU A 9 21.70 -0.06 -33.73
N ILE A 10 22.94 0.25 -34.09
CA ILE A 10 23.66 1.39 -33.53
C ILE A 10 24.15 2.27 -34.67
N ALA A 11 24.01 1.78 -35.90
CA ALA A 11 24.39 2.52 -37.10
C ALA A 11 23.18 3.17 -37.76
N ASN A 12 22.21 3.61 -36.95
CA ASN A 12 20.99 4.23 -37.42
C ASN A 12 20.99 5.70 -36.98
N ASP A 13 21.55 6.56 -37.83
CA ASP A 13 21.55 7.99 -37.60
C ASP A 13 21.38 8.68 -38.95
N GLY A 14 21.35 10.02 -38.91
CA GLY A 14 21.16 10.79 -40.13
C GLY A 14 20.85 12.24 -39.87
N LYS A 15 19.82 12.76 -40.54
CA LYS A 15 19.44 14.17 -40.38
C LYS A 15 18.58 14.41 -39.15
N ALA A 16 18.00 13.34 -38.58
CA ALA A 16 17.07 13.51 -37.46
C ALA A 16 17.81 13.65 -36.14
N ASP A 17 18.57 12.62 -35.75
CA ASP A 17 19.23 12.57 -34.47
C ASP A 17 20.64 13.16 -34.49
N LYS A 18 20.98 13.90 -35.54
CA LYS A 18 22.34 14.43 -35.67
C LYS A 18 22.67 15.40 -34.54
N ILE A 19 21.76 16.34 -34.26
CA ILE A 19 22.02 17.34 -33.22
C ILE A 19 22.10 16.68 -31.86
N ILE A 20 21.26 15.68 -31.60
CA ILE A 20 21.26 15.03 -30.30
C ILE A 20 22.49 14.14 -30.12
N LEU A 21 23.01 13.57 -31.21
CA LEU A 21 24.12 12.64 -31.09
C LEU A 21 25.49 13.32 -31.14
N ALA A 22 25.67 14.27 -32.06
CA ALA A 22 26.96 14.97 -32.23
C ALA A 22 28.10 13.99 -32.50
N GLN A 23 27.79 12.93 -33.26
CA GLN A 23 28.82 11.96 -33.61
C GLN A 23 29.94 12.60 -34.41
N ASP A 24 29.59 13.55 -35.30
CA ASP A 24 30.60 14.22 -36.11
C ASP A 24 31.60 14.96 -35.24
N LEU A 25 31.11 15.83 -34.35
CA LEU A 25 32.00 16.58 -33.49
C LEU A 25 32.76 15.66 -32.54
N LEU A 26 32.12 14.58 -32.08
CA LEU A 26 32.79 13.65 -31.18
C LEU A 26 33.98 12.98 -31.87
N ASN A 27 33.76 12.44 -33.07
CA ASN A 27 34.84 11.77 -33.78
C ASN A 27 35.92 12.77 -34.20
N SER A 28 35.54 13.99 -34.57
CA SER A 28 36.53 15.00 -34.89
C SER A 28 37.40 15.34 -33.68
N ARG A 29 36.76 15.51 -32.52
CA ARG A 29 37.52 15.77 -31.30
C ARG A 29 38.45 14.62 -30.97
N ILE A 30 37.96 13.39 -31.10
CA ILE A 30 38.78 12.21 -30.79
C ILE A 30 39.99 12.17 -31.71
N SER A 31 39.78 12.36 -33.02
CA SER A 31 40.88 12.29 -33.96
C SER A 31 41.88 13.42 -33.74
N ASN A 32 41.39 14.63 -33.49
CA ASN A 32 42.29 15.76 -33.29
C ASN A 32 43.11 15.60 -32.02
N ILE A 33 42.48 15.14 -30.93
CA ILE A 33 43.22 14.97 -29.68
C ILE A 33 44.18 13.80 -29.80
N LYS A 34 43.84 12.78 -30.59
CA LYS A 34 44.78 11.68 -30.80
C LYS A 34 45.99 12.14 -31.57
N ASN A 35 45.80 12.94 -32.63
CA ASN A 35 46.93 13.47 -33.38
C ASN A 35 47.79 14.35 -32.49
N VAL A 36 47.17 15.22 -31.69
CA VAL A 36 47.92 16.13 -30.82
C VAL A 36 48.74 15.32 -29.80
N ASN A 37 48.11 14.34 -29.15
CA ASN A 37 48.81 13.56 -28.14
C ASN A 37 49.92 12.71 -28.74
N LYS A 38 49.72 12.20 -29.96
CA LYS A 38 50.75 11.39 -30.59
C LYS A 38 51.94 12.24 -31.05
N SER A 39 51.67 13.45 -31.55
CA SER A 39 52.75 14.28 -32.08
C SER A 39 53.47 15.06 -30.98
N TYR A 40 52.75 15.95 -30.29
CA TYR A 40 53.40 16.89 -29.39
C TYR A 40 53.67 16.28 -28.02
N GLY A 41 52.64 15.72 -27.38
CA GLY A 41 52.78 15.21 -26.03
C GLY A 41 53.52 13.90 -25.92
N LYS A 42 53.23 13.14 -24.88
CA LYS A 42 53.93 11.89 -24.64
C LYS A 42 53.54 10.85 -25.69
N PRO A 43 54.43 9.91 -26.00
CA PRO A 43 54.07 8.82 -26.92
C PRO A 43 53.13 7.81 -26.28
N ASP A 44 51.92 8.26 -25.95
CA ASP A 44 50.92 7.40 -25.31
C ASP A 44 49.54 7.86 -25.75
N PRO A 45 49.06 7.39 -26.91
CA PRO A 45 47.77 7.83 -27.42
C PRO A 45 46.61 7.23 -26.64
N GLU A 46 45.38 7.47 -27.12
CA GLU A 46 44.16 7.01 -26.47
C GLU A 46 44.07 7.56 -25.05
N PRO A 47 43.80 8.86 -24.89
CA PRO A 47 43.73 9.44 -23.54
C PRO A 47 42.58 8.88 -22.71
N THR A 48 42.47 9.32 -21.47
CA THR A 48 41.48 8.78 -20.54
C THR A 48 40.11 9.37 -20.86
N LEU A 49 39.15 9.13 -19.98
CA LEU A 49 37.79 9.64 -20.13
C LEU A 49 37.59 11.01 -19.49
N SER A 50 38.66 11.79 -19.37
CA SER A 50 38.60 13.14 -18.82
C SER A 50 38.69 14.22 -19.87
N GLN A 51 39.63 14.12 -20.81
CA GLN A 51 39.72 15.10 -21.88
C GLN A 51 38.63 14.89 -22.92
N ILE A 52 38.30 13.63 -23.22
CA ILE A 52 37.22 13.37 -24.17
C ILE A 52 35.88 13.77 -23.60
N GLU A 53 35.73 13.71 -22.26
CA GLU A 53 34.50 14.12 -21.61
C GLU A 53 34.58 15.58 -21.17
N GLU A 54 34.70 16.45 -22.16
CA GLU A 54 34.71 17.89 -21.96
C GLU A 54 33.62 18.61 -22.74
N THR A 55 33.24 18.10 -23.91
CA THR A 55 32.17 18.65 -24.72
C THR A 55 31.09 17.61 -24.99
N HIS A 56 30.94 16.64 -24.08
CA HIS A 56 29.99 15.56 -24.26
C HIS A 56 29.57 15.06 -22.89
N LEU A 57 28.94 13.89 -22.85
CA LEU A 57 28.54 13.27 -21.58
C LEU A 57 28.48 11.76 -21.82
N VAL A 58 29.54 11.06 -21.40
CA VAL A 58 29.60 9.61 -21.52
C VAL A 58 28.82 9.00 -20.36
N HIS A 59 28.53 7.70 -20.46
CA HIS A 59 27.74 7.01 -19.45
C HIS A 59 28.56 6.03 -18.63
N PHE A 60 29.32 5.14 -19.26
CA PHE A 60 30.12 4.15 -18.53
C PHE A 60 31.34 4.83 -17.93
N ASN A 61 31.09 5.60 -16.89
CA ASN A 61 32.13 6.37 -16.21
C ASN A 61 31.58 6.85 -14.88
N ALA A 62 32.45 7.46 -14.08
CA ALA A 62 32.05 8.04 -12.81
C ALA A 62 32.93 9.26 -12.53
N HIS A 63 32.56 10.00 -11.48
CA HIS A 63 33.31 11.17 -11.05
C HIS A 63 33.74 10.96 -9.61
N PHE A 64 35.05 11.04 -9.38
CA PHE A 64 35.60 10.83 -8.05
C PHE A 64 35.60 12.15 -7.26
N LYS A 65 35.56 12.01 -5.94
CA LYS A 65 35.62 13.16 -5.05
C LYS A 65 36.16 12.71 -3.70
N PRO A 66 37.37 13.14 -3.32
CA PRO A 66 37.92 12.78 -2.00
C PRO A 66 36.98 13.15 -0.87
N TYR A 67 36.48 12.14 -0.17
CA TYR A 67 35.48 12.35 0.86
C TYR A 67 36.09 13.01 2.09
N VAL A 68 35.39 14.00 2.64
CA VAL A 68 35.85 14.69 3.85
C VAL A 68 35.57 13.80 5.06
N PRO A 69 36.43 13.81 6.07
CA PRO A 69 36.26 12.89 7.20
C PRO A 69 35.21 13.37 8.18
N VAL A 70 34.48 12.40 8.74
CA VAL A 70 33.48 12.69 9.76
C VAL A 70 33.13 11.39 10.47
N GLY A 71 32.91 11.49 11.78
CA GLY A 71 32.44 10.36 12.56
C GLY A 71 31.35 10.81 13.52
N PHE A 72 30.74 9.84 14.19
CA PHE A 72 29.62 10.15 15.07
C PHE A 72 29.39 9.00 16.03
N GLU A 73 28.59 9.28 17.06
CA GLU A 73 28.19 8.28 18.05
C GLU A 73 26.91 8.75 18.72
N TYR A 74 25.96 7.84 18.86
CA TYR A 74 24.66 8.19 19.43
C TYR A 74 24.80 8.45 20.94
N ASN A 75 24.58 9.69 21.34
CA ASN A 75 24.73 10.11 22.73
C ASN A 75 23.46 9.75 23.50
N LYS A 76 23.34 10.26 24.72
CA LYS A 76 22.19 9.99 25.56
C LYS A 76 22.08 11.09 26.61
N VAL A 77 20.85 11.52 26.89
CA VAL A 77 20.59 12.61 27.82
C VAL A 77 19.38 12.25 28.68
N ARG A 78 19.53 12.41 29.99
CA ARG A 78 18.47 12.13 30.95
C ARG A 78 17.61 13.37 31.16
N PRO A 79 16.43 13.22 31.78
CA PRO A 79 15.60 14.39 32.08
C PRO A 79 16.22 15.31 33.12
N HIS A 80 15.46 16.33 33.54
CA HIS A 80 16.00 17.34 34.44
C HIS A 80 15.13 17.48 35.69
N THR A 81 14.84 16.36 36.35
CA THR A 81 14.01 16.33 37.55
C THR A 81 12.61 16.86 37.27
N GLY A 82 11.91 16.14 36.39
CA GLY A 82 10.59 16.51 35.94
C GLY A 82 9.51 15.64 36.55
N THR A 83 8.50 16.30 37.11
CA THR A 83 7.32 15.62 37.60
C THR A 83 6.64 14.87 36.44
N PRO A 84 5.98 13.74 36.71
CA PRO A 84 5.29 13.00 35.64
C PRO A 84 4.12 13.75 35.01
N THR A 85 3.37 13.04 34.17
CA THR A 85 2.51 13.58 33.12
C THR A 85 1.70 14.82 33.50
N LEU A 86 1.40 15.01 34.78
CA LEU A 86 0.59 16.15 35.21
C LEU A 86 1.12 17.46 34.63
N GLY A 87 2.36 17.82 34.98
CA GLY A 87 2.98 19.02 34.47
C GLY A 87 3.84 18.73 33.25
N ASN A 88 4.67 19.71 32.90
CA ASN A 88 5.62 19.52 31.81
C ASN A 88 6.69 18.54 32.27
N LYS A 89 6.56 17.29 31.83
CA LYS A 89 7.31 16.17 32.38
C LYS A 89 8.73 16.08 31.85
N LEU A 90 9.26 17.15 31.25
CA LEU A 90 10.60 17.07 30.71
C LEU A 90 11.11 18.48 30.41
N THR A 91 12.40 18.69 30.65
CA THR A 91 13.10 19.87 30.15
C THR A 91 14.56 19.45 29.94
N PHE A 92 14.86 18.98 28.73
CA PHE A 92 16.15 18.39 28.46
C PHE A 92 17.20 19.47 28.21
N GLY A 93 18.46 19.05 28.16
CA GLY A 93 19.58 19.94 27.94
C GLY A 93 20.40 19.52 26.73
N ILE A 94 21.44 20.29 26.48
CA ILE A 94 22.35 20.04 25.36
C ILE A 94 23.78 19.94 25.89
N PRO A 95 24.14 18.84 26.56
CA PRO A 95 25.51 18.70 27.07
C PRO A 95 26.50 18.52 25.92
N GLN A 96 27.55 19.32 25.94
CA GLN A 96 28.53 19.32 24.84
C GLN A 96 29.39 18.08 24.95
N TYR A 97 28.88 16.98 24.39
CA TYR A 97 29.61 15.72 24.33
C TYR A 97 30.36 15.61 23.00
N GLY A 98 29.62 15.65 21.90
CA GLY A 98 30.20 15.65 20.58
C GLY A 98 30.60 17.04 20.13
N ASP A 99 30.47 17.28 18.83
CA ASP A 99 30.80 18.58 18.26
C ASP A 99 29.64 19.24 17.53
N PHE A 100 28.88 18.47 16.74
CA PHE A 100 27.73 18.97 16.00
C PHE A 100 26.46 18.33 16.54
N PHE A 101 25.32 18.72 15.97
CA PHE A 101 24.03 18.20 16.40
C PHE A 101 23.24 17.71 15.20
N HIS A 102 22.29 16.83 15.47
CA HIS A 102 21.44 16.23 14.45
C HIS A 102 20.16 15.74 15.12
N ASP A 103 19.43 14.86 14.43
CA ASP A 103 18.12 14.41 14.88
C ASP A 103 18.15 13.96 16.33
N MET A 104 17.02 14.17 17.00
CA MET A 104 16.88 13.83 18.41
C MET A 104 15.53 13.17 18.61
N VAL A 105 15.52 11.97 19.18
CA VAL A 105 14.31 11.19 19.38
C VAL A 105 14.01 11.11 20.87
N GLY A 106 12.73 11.19 21.22
CA GLY A 106 12.31 10.98 22.59
C GLY A 106 12.02 9.53 22.88
N HIS A 107 11.78 9.24 24.15
CA HIS A 107 11.51 7.87 24.57
C HIS A 107 10.68 7.91 25.86
N HIS A 108 9.59 7.15 25.88
CA HIS A 108 8.73 7.09 27.05
C HIS A 108 8.09 5.71 27.12
N ILE A 109 7.83 5.25 28.34
CA ILE A 109 7.20 3.96 28.59
C ILE A 109 5.97 4.23 29.44
N LEU A 110 4.80 4.24 28.81
CA LEU A 110 3.57 4.46 29.55
C LEU A 110 3.27 3.28 30.46
N GLY A 111 2.98 3.57 31.73
CA GLY A 111 2.70 2.51 32.67
C GLY A 111 1.45 1.73 32.32
N ALA A 112 1.35 0.54 32.89
CA ALA A 112 0.21 -0.32 32.63
C ALA A 112 -1.03 0.21 33.34
N CYS A 113 -2.16 0.17 32.65
CA CYS A 113 -3.42 0.66 33.19
C CYS A 113 -4.31 -0.50 33.60
N HIS A 114 -5.13 -0.26 34.63
CA HIS A 114 -6.05 -1.28 35.13
C HIS A 114 -7.45 -0.71 35.24
N SER A 115 -8.36 -1.45 35.86
CA SER A 115 -9.73 -1.01 36.03
C SER A 115 -10.19 -1.32 37.44
N SER A 116 -10.68 -0.30 38.14
CA SER A 116 -11.23 -0.50 39.47
C SER A 116 -12.47 -1.39 39.41
N TRP A 117 -12.66 -2.17 40.46
CA TRP A 117 -13.79 -3.10 40.50
C TRP A 117 -15.11 -2.34 40.47
N GLN A 118 -16.01 -2.79 39.60
CA GLN A 118 -17.32 -2.15 39.44
C GLN A 118 -18.40 -2.97 40.12
N ASP A 119 -19.57 -2.36 40.26
CA ASP A 119 -20.73 -3.00 40.85
C ASP A 119 -21.57 -3.66 39.75
N ALA A 120 -22.78 -4.06 40.09
CA ALA A 120 -23.71 -4.68 39.17
C ALA A 120 -25.04 -3.93 39.17
N PRO A 121 -25.90 -4.16 38.18
CA PRO A 121 -27.25 -3.59 38.24
C PRO A 121 -28.13 -4.30 39.26
N ILE A 122 -28.02 -3.88 40.51
CA ILE A 122 -28.60 -4.55 41.67
C ILE A 122 -30.05 -4.98 41.44
N GLN A 123 -30.87 -4.08 40.92
CA GLN A 123 -32.29 -4.34 40.74
C GLN A 123 -32.64 -4.35 39.25
N GLY A 124 -33.90 -4.63 38.96
CA GLY A 124 -34.40 -4.65 37.60
C GLY A 124 -34.40 -3.32 36.89
N THR A 125 -34.06 -2.24 37.60
CA THR A 125 -33.96 -0.92 36.99
C THR A 125 -33.07 -0.06 37.87
N SER A 126 -31.89 0.27 37.36
CA SER A 126 -30.93 1.11 38.08
C SER A 126 -30.82 2.47 37.41
N GLN A 127 -30.52 3.49 38.21
CA GLN A 127 -30.43 4.85 37.69
C GLN A 127 -29.31 4.98 36.67
N MET A 128 -29.48 5.91 35.75
CA MET A 128 -28.61 6.04 34.60
C MET A 128 -27.42 6.94 34.93
N GLY A 129 -26.68 7.32 33.89
CA GLY A 129 -25.62 8.31 33.98
C GLY A 129 -24.23 7.75 33.78
N ALA A 130 -23.75 7.81 32.53
CA ALA A 130 -22.36 7.54 32.21
C ALA A 130 -21.78 8.50 31.18
N HIS A 131 -22.60 9.25 30.47
CA HIS A 131 -22.21 10.15 29.39
C HIS A 131 -23.24 11.27 29.36
N GLY A 132 -23.32 11.98 28.22
CA GLY A 132 -24.49 12.79 27.97
C GLY A 132 -25.78 11.98 27.91
N GLN A 133 -25.70 10.66 27.79
CA GLN A 133 -26.86 9.78 27.81
C GLN A 133 -26.45 8.47 28.48
N LEU A 134 -27.41 7.55 28.61
CA LEU A 134 -27.16 6.25 29.19
C LEU A 134 -28.27 5.30 28.76
N GLN A 135 -28.23 4.08 29.30
CA GLN A 135 -29.19 3.05 28.95
C GLN A 135 -29.59 2.27 30.19
N THR A 136 -30.70 1.54 30.08
CA THR A 136 -31.24 0.75 31.17
C THR A 136 -32.05 -0.40 30.60
N PHE A 137 -32.03 -1.54 31.30
CA PHE A 137 -32.81 -2.70 30.90
C PHE A 137 -34.01 -2.87 31.83
N PRO A 138 -35.24 -2.74 31.33
CA PRO A 138 -36.40 -2.66 32.23
C PRO A 138 -37.13 -3.97 32.47
N ARG A 139 -37.55 -4.18 33.72
CA ARG A 139 -38.61 -5.11 34.12
C ARG A 139 -38.60 -6.46 33.40
N ASN A 140 -37.41 -7.05 33.22
CA ASN A 140 -37.27 -8.40 32.69
C ASN A 140 -37.99 -8.57 31.35
N GLY A 141 -37.63 -7.72 30.39
CA GLY A 141 -38.05 -7.86 29.02
C GLY A 141 -39.51 -7.60 28.73
N TYR A 142 -40.35 -7.40 29.74
CA TYR A 142 -41.78 -7.17 29.49
C TYR A 142 -41.99 -5.87 28.74
N ASP A 143 -41.09 -4.90 28.90
CA ASP A 143 -41.19 -3.60 28.25
C ASP A 143 -40.08 -3.45 27.23
N TRP A 144 -40.23 -2.43 26.36
CA TRP A 144 -39.21 -2.14 25.36
C TRP A 144 -38.04 -1.38 25.98
N ASP A 145 -38.30 -0.16 26.47
CA ASP A 145 -37.30 0.60 27.21
C ASP A 145 -38.03 1.47 28.22
N ASN A 146 -38.21 0.92 29.43
CA ASN A 146 -38.86 1.54 30.58
C ASN A 146 -40.35 1.81 30.37
N GLN A 147 -40.89 1.55 29.19
CA GLN A 147 -42.31 1.73 28.89
C GLN A 147 -42.59 0.99 27.58
N THR A 148 -43.79 1.21 27.03
CA THR A 148 -44.23 0.61 25.77
C THR A 148 -44.18 -0.92 25.87
N PRO A 149 -45.11 -1.54 26.59
CA PRO A 149 -45.09 -3.00 26.74
C PRO A 149 -45.14 -3.70 25.38
N LEU A 150 -44.07 -4.44 25.08
CA LEU A 150 -43.98 -5.20 23.85
C LEU A 150 -44.87 -6.44 23.94
N GLU A 151 -44.91 -7.19 22.84
CA GLU A 151 -45.69 -8.43 22.82
C GLU A 151 -45.17 -9.43 23.86
N GLY A 152 -43.90 -9.79 23.75
CA GLY A 152 -43.28 -10.67 24.72
C GLY A 152 -41.78 -10.75 24.56
N ALA A 153 -41.04 -10.60 25.66
CA ALA A 153 -39.59 -10.65 25.62
C ALA A 153 -39.08 -10.87 27.04
N VAL A 154 -37.81 -11.28 27.14
CA VAL A 154 -37.15 -11.56 28.41
C VAL A 154 -35.73 -11.01 28.36
N TYR A 155 -35.10 -10.95 29.53
CA TYR A 155 -33.75 -10.44 29.67
C TYR A 155 -32.90 -11.38 30.49
N THR A 156 -31.61 -11.49 30.15
CA THR A 156 -30.67 -12.33 30.89
C THR A 156 -29.27 -11.79 30.64
N LEU A 157 -28.65 -11.25 31.69
CA LEU A 157 -27.41 -10.49 31.54
C LEU A 157 -26.28 -11.36 31.01
N VAL A 158 -25.44 -10.77 30.16
CA VAL A 158 -24.30 -11.45 29.55
C VAL A 158 -23.03 -10.69 29.96
N ASP A 159 -21.87 -11.15 29.47
CA ASP A 159 -20.61 -10.46 29.76
C ASP A 159 -19.84 -10.21 28.47
N PRO A 160 -18.88 -9.26 28.48
CA PRO A 160 -18.29 -8.80 27.21
C PRO A 160 -17.47 -9.83 26.45
N PHE A 161 -16.46 -10.41 27.10
CA PHE A 161 -15.46 -11.19 26.38
C PHE A 161 -15.93 -12.60 26.07
N GLY A 162 -17.03 -12.72 25.32
CA GLY A 162 -17.53 -14.02 24.93
C GLY A 162 -18.93 -14.29 25.43
N ARG A 163 -19.11 -15.39 26.16
CA ARG A 163 -20.38 -15.73 26.79
C ARG A 163 -20.15 -16.24 28.21
N PRO A 164 -19.56 -15.42 29.09
CA PRO A 164 -19.51 -15.78 30.53
C PRO A 164 -20.75 -15.26 31.25
N ILE A 165 -21.85 -16.02 31.13
CA ILE A 165 -23.16 -15.62 31.64
C ILE A 165 -23.06 -15.15 33.08
N VAL A 166 -23.51 -13.92 33.32
CA VAL A 166 -23.45 -13.30 34.65
C VAL A 166 -24.74 -13.61 35.39
N PRO A 167 -24.67 -13.97 36.68
CA PRO A 167 -25.90 -14.26 37.43
C PRO A 167 -26.80 -13.04 37.54
N GLY A 168 -28.05 -13.29 37.88
CA GLY A 168 -29.08 -12.28 37.85
C GLY A 168 -28.89 -11.11 38.81
N THR A 169 -28.55 -9.95 38.26
CA THR A 169 -28.58 -8.66 38.95
C THR A 169 -27.72 -8.62 40.21
N LYS A 170 -26.79 -9.54 40.38
CA LYS A 170 -25.88 -9.49 41.53
C LYS A 170 -24.62 -10.28 41.18
N ASN A 171 -23.57 -9.56 40.80
CA ASN A 171 -22.28 -10.17 40.44
C ASN A 171 -21.25 -9.05 40.35
N ALA A 172 -20.07 -9.38 39.81
CA ALA A 172 -19.02 -8.40 39.58
C ALA A 172 -18.62 -8.43 38.11
N TYR A 173 -18.05 -7.32 37.65
CA TYR A 173 -17.63 -7.18 36.26
C TYR A 173 -16.67 -6.01 36.15
N ARG A 174 -15.49 -6.27 35.59
CA ARG A 174 -14.52 -5.21 35.38
C ARG A 174 -14.85 -4.44 34.10
N ASN A 175 -14.04 -3.41 33.80
CA ASN A 175 -14.22 -2.59 32.61
C ASN A 175 -12.95 -2.62 31.77
N LEU A 176 -13.11 -2.88 30.48
CA LEU A 176 -11.97 -2.92 29.59
C LEU A 176 -11.38 -1.53 29.39
N VAL A 177 -10.07 -1.48 29.17
CA VAL A 177 -9.33 -0.24 29.00
C VAL A 177 -8.54 -0.34 27.70
N TYR A 178 -8.65 0.69 26.86
CA TYR A 178 -7.95 0.74 25.59
C TYR A 178 -7.42 2.13 25.34
N TYR A 179 -6.23 2.22 24.76
CA TYR A 179 -5.58 3.50 24.53
C TYR A 179 -6.27 4.24 23.38
N CYS A 180 -5.69 5.37 23.00
CA CYS A 180 -6.19 6.18 21.90
C CYS A 180 -5.38 5.91 20.64
N GLU A 181 -6.05 6.04 19.50
CA GLU A 181 -5.37 5.83 18.23
C GLU A 181 -4.34 6.93 17.99
N TYR A 182 -3.20 6.55 17.41
CA TYR A 182 -2.05 7.43 17.25
C TYR A 182 -1.70 8.13 18.57
N PRO A 183 -1.41 7.38 19.63
CA PRO A 183 -1.09 8.01 20.91
C PRO A 183 0.31 8.61 20.96
N GLY A 184 1.17 8.28 20.00
CA GLY A 184 2.52 8.79 19.99
C GLY A 184 2.59 10.30 19.94
N LEU A 185 2.04 10.90 18.88
CA LEU A 185 2.06 12.35 18.76
C LEU A 185 0.80 12.99 19.35
N ARG A 186 0.51 12.62 20.60
CA ARG A 186 -0.55 13.28 21.37
C ARG A 186 0.04 13.70 22.71
N LEU A 187 1.04 12.97 23.18
CA LEU A 187 1.71 13.33 24.42
C LEU A 187 2.40 14.68 24.30
N TYR A 188 3.19 14.86 23.25
CA TYR A 188 3.92 16.11 23.05
C TYR A 188 2.93 17.18 22.59
N GLU A 189 2.23 17.76 23.56
CA GLU A 189 1.25 18.79 23.24
C GLU A 189 1.90 20.09 22.80
N ASN A 190 3.16 20.33 23.15
CA ASN A 190 3.84 21.55 22.77
C ASN A 190 5.33 21.37 22.93
N VAL A 191 6.10 21.98 22.02
CA VAL A 191 7.55 21.93 22.02
C VAL A 191 8.08 23.34 21.82
N ARG A 192 9.27 23.61 22.35
CA ARG A 192 9.90 24.92 22.20
C ARG A 192 11.39 24.78 22.45
N PHE A 193 12.20 25.21 21.49
CA PHE A 193 13.65 25.14 21.57
C PHE A 193 14.21 26.55 21.57
N GLU A 194 14.79 26.96 22.70
CA GLU A 194 15.28 28.32 22.89
C GLU A 194 16.73 28.30 23.32
N VAL A 195 17.50 29.26 22.81
CA VAL A 195 18.90 29.44 23.19
C VAL A 195 19.05 30.82 23.81
N ASN A 196 19.76 30.87 24.94
CA ASN A 196 19.99 32.11 25.68
C ASN A 196 18.68 32.79 26.06
N GLY A 197 17.60 32.02 26.14
CA GLY A 197 16.28 32.55 26.42
C GLY A 197 15.48 32.95 25.20
N ASN A 198 16.14 33.16 24.06
CA ASN A 198 15.44 33.54 22.83
C ASN A 198 14.77 32.33 22.22
N SER A 199 13.44 32.31 22.24
CA SER A 199 12.71 31.24 21.57
C SER A 199 12.88 31.37 20.06
N LEU A 200 13.15 30.24 19.41
CA LEU A 200 13.40 30.23 17.97
C LEU A 200 12.27 29.55 17.20
N ASP A 201 11.96 28.30 17.53
CA ASP A 201 10.92 27.57 16.81
C ASP A 201 10.02 26.86 17.82
N GLU A 202 8.87 26.42 17.33
CA GLU A 202 7.88 25.74 18.17
C GLU A 202 6.80 25.16 17.27
N TYR A 203 5.97 24.31 17.86
CA TYR A 203 4.77 23.80 17.22
C TYR A 203 3.86 23.26 18.32
N SER A 204 2.80 22.56 17.91
CA SER A 204 1.80 22.07 18.85
C SER A 204 1.36 20.68 18.40
N SER A 205 0.24 20.22 18.96
CA SER A 205 -0.35 18.95 18.56
C SER A 205 -1.06 19.03 17.22
N ASP A 206 -1.21 20.23 16.65
CA ASP A 206 -1.86 20.37 15.36
C ASP A 206 -0.86 20.35 14.21
N VAL A 207 0.30 20.99 14.37
CA VAL A 207 1.29 21.00 13.31
C VAL A 207 1.83 19.59 13.05
N THR A 208 2.09 18.83 14.12
CA THR A 208 2.56 17.47 13.94
C THR A 208 1.47 16.56 13.40
N THR A 209 0.20 16.96 13.50
CA THR A 209 -0.88 16.24 12.84
C THR A 209 -1.02 16.64 11.38
N LEU A 210 -0.58 17.84 11.02
CA LEU A 210 -0.59 18.31 9.64
C LEU A 210 0.70 17.96 8.90
N VAL A 211 1.53 17.09 9.47
CA VAL A 211 2.76 16.66 8.81
C VAL A 211 2.76 15.15 8.70
N ARG A 212 2.04 14.49 9.61
CA ARG A 212 1.89 13.05 9.55
C ARG A 212 1.20 12.61 8.27
N LYS A 213 0.28 13.43 7.75
CA LYS A 213 -0.44 13.09 6.54
C LYS A 213 0.33 13.41 5.26
N PHE A 214 1.37 14.24 5.35
CA PHE A 214 2.01 14.79 4.16
C PHE A 214 3.46 14.39 3.99
N CYS A 215 4.29 14.57 5.01
CA CYS A 215 5.73 14.49 4.82
C CYS A 215 6.22 13.05 4.66
N ILE A 216 5.81 12.15 5.55
CA ILE A 216 6.31 10.79 5.53
C ILE A 216 5.80 10.07 4.28
N PRO A 217 6.69 9.61 3.41
CA PRO A 217 6.24 8.91 2.21
C PRO A 217 5.66 7.54 2.55
N GLY A 218 5.02 6.94 1.55
CA GLY A 218 4.38 5.64 1.74
C GLY A 218 5.35 4.49 1.87
N ASP A 219 6.61 4.70 1.47
CA ASP A 219 7.61 3.64 1.61
C ASP A 219 7.91 3.36 3.07
N LYS A 220 8.34 4.38 3.81
CA LYS A 220 8.67 4.23 5.23
C LYS A 220 7.43 4.37 6.09
N MET A 221 6.39 3.58 5.80
CA MET A 221 5.12 3.70 6.51
C MET A 221 5.07 2.84 7.76
N THR A 222 5.42 1.56 7.64
CA THR A 222 5.35 0.66 8.80
C THR A 222 6.30 1.11 9.91
N GLY A 223 7.39 1.79 9.56
CA GLY A 223 8.26 2.35 10.59
C GLY A 223 7.53 3.34 11.48
N TYR A 224 6.92 4.35 10.88
CA TYR A 224 6.14 5.32 11.64
C TYR A 224 4.90 4.70 12.27
N LYS A 225 4.40 3.60 11.71
CA LYS A 225 3.22 2.94 12.25
C LYS A 225 3.53 2.10 13.47
N HIS A 226 4.74 1.58 13.59
CA HIS A 226 5.16 0.82 14.76
C HIS A 226 5.98 1.64 15.75
N LEU A 227 6.43 2.83 15.36
CA LEU A 227 7.27 3.62 16.24
C LEU A 227 6.45 4.40 17.28
N VAL A 228 5.26 4.86 16.91
CA VAL A 228 4.48 5.72 17.80
C VAL A 228 3.30 4.96 18.39
N GLY A 229 3.46 3.64 18.52
CA GLY A 229 2.45 2.85 19.21
C GLY A 229 1.11 2.80 18.51
N GLN A 230 1.11 2.71 17.19
CA GLN A 230 -0.11 2.57 16.42
C GLN A 230 -0.35 1.10 16.09
N GLU A 231 -1.62 0.69 16.17
CA GLU A 231 -1.98 -0.69 15.89
C GLU A 231 -1.62 -1.07 14.46
N VAL A 232 -1.19 -2.31 14.29
CA VAL A 232 -0.75 -2.81 12.99
C VAL A 232 -1.71 -3.88 12.51
N SER A 233 -1.86 -3.97 11.19
CA SER A 233 -2.76 -4.94 10.57
C SER A 233 -1.95 -6.17 10.16
N VAL A 234 -2.05 -7.23 10.95
CA VAL A 234 -1.32 -8.46 10.66
C VAL A 234 -2.05 -9.24 9.58
N GLU A 235 -1.30 -9.99 8.78
CA GLU A 235 -1.88 -10.74 7.67
C GLU A 235 -2.66 -11.95 8.20
N GLY A 236 -3.48 -12.51 7.32
CA GLY A 236 -4.28 -13.68 7.65
C GLY A 236 -4.39 -14.63 6.48
N THR A 237 -5.02 -15.76 6.73
CA THR A 237 -5.20 -16.79 5.71
C THR A 237 -6.36 -17.69 6.13
N SER A 238 -6.56 -18.77 5.39
CA SER A 238 -7.67 -19.70 5.65
C SER A 238 -7.37 -21.00 4.92
N GLY A 239 -8.36 -21.90 4.90
CA GLY A 239 -8.26 -23.14 4.19
C GLY A 239 -8.94 -23.08 2.84
N PRO A 240 -8.68 -24.07 1.99
CA PRO A 240 -9.25 -24.03 0.63
C PRO A 240 -10.74 -24.33 0.64
N LEU A 241 -11.52 -23.51 -0.07
CA LEU A 241 -12.96 -23.68 -0.19
C LEU A 241 -13.34 -23.64 -1.65
N LEU A 242 -14.06 -24.66 -2.11
CA LEU A 242 -14.41 -24.79 -3.51
C LEU A 242 -15.45 -23.76 -3.91
N CYS A 243 -15.29 -23.19 -5.11
CA CYS A 243 -16.22 -22.21 -5.64
C CYS A 243 -16.38 -22.44 -7.13
N ASN A 244 -17.63 -22.40 -7.61
CA ASN A 244 -17.89 -22.54 -9.02
C ASN A 244 -17.33 -21.33 -9.78
N ILE A 245 -16.88 -21.57 -11.01
CA ILE A 245 -16.39 -20.52 -11.90
C ILE A 245 -17.38 -20.37 -13.05
N HIS A 246 -17.76 -19.13 -13.34
CA HIS A 246 -18.79 -18.83 -14.33
C HIS A 246 -18.29 -17.71 -15.24
N ASP A 247 -18.20 -18.02 -16.53
CA ASP A 247 -17.77 -17.06 -17.55
C ASP A 247 -18.94 -16.72 -18.45
N LEU A 248 -18.70 -15.80 -19.39
CA LEU A 248 -19.70 -15.40 -20.38
C LEU A 248 -19.14 -15.67 -21.77
N HIS A 249 -19.88 -16.45 -22.56
CA HIS A 249 -19.43 -16.85 -23.90
C HIS A 249 -20.03 -15.97 -24.99
N LYS A 250 -21.35 -15.96 -25.14
CA LYS A 250 -22.04 -15.27 -26.22
C LYS A 250 -23.55 -15.41 -26.07
N PRO A 251 -24.35 -14.55 -26.71
CA PRO A 251 -25.80 -14.72 -26.67
C PRO A 251 -26.31 -15.70 -27.73
N HIS A 252 -27.32 -16.47 -27.35
CA HIS A 252 -27.96 -17.46 -28.21
C HIS A 252 -26.99 -18.54 -28.67
N GLN A 253 -25.76 -18.50 -28.17
CA GLN A 253 -24.74 -19.47 -28.55
C GLN A 253 -24.78 -20.72 -27.67
N SER A 254 -24.72 -20.53 -26.35
CA SER A 254 -24.72 -21.65 -25.41
C SER A 254 -25.57 -21.33 -24.19
N LYS A 255 -26.75 -20.76 -24.42
CA LYS A 255 -27.67 -20.37 -23.35
C LYS A 255 -29.05 -20.99 -23.57
N PRO A 256 -29.18 -22.31 -23.44
CA PRO A 256 -30.53 -22.89 -23.44
C PRO A 256 -31.29 -22.51 -22.18
N ILE A 257 -30.69 -22.77 -21.03
CA ILE A 257 -31.25 -22.40 -19.74
C ILE A 257 -30.17 -22.55 -18.70
N LEU A 258 -30.29 -21.83 -17.59
CA LEU A 258 -29.35 -21.99 -16.49
C LEU A 258 -29.63 -23.30 -15.76
N THR A 259 -28.58 -24.07 -15.54
CA THR A 259 -28.73 -25.38 -14.90
C THR A 259 -29.00 -25.21 -13.40
N ASP A 260 -29.72 -26.18 -12.85
CA ASP A 260 -30.08 -26.17 -11.44
C ASP A 260 -29.47 -27.32 -10.67
N GLU A 261 -29.68 -28.56 -11.13
CA GLU A 261 -29.12 -29.72 -10.44
C GLU A 261 -28.52 -30.77 -11.38
N ASN A 262 -28.56 -30.54 -12.69
CA ASN A 262 -28.08 -31.54 -13.65
C ASN A 262 -27.71 -30.82 -14.94
N ASP A 263 -27.31 -31.60 -15.94
CA ASP A 263 -27.00 -31.12 -17.29
C ASP A 263 -25.88 -30.07 -17.25
N THR A 264 -24.70 -30.54 -16.84
CA THR A 264 -23.51 -29.71 -16.85
C THR A 264 -22.91 -29.65 -18.26
N GLN A 265 -23.73 -29.28 -19.24
CA GLN A 265 -23.32 -29.25 -20.64
C GLN A 265 -23.91 -28.01 -21.29
N ARG A 266 -23.88 -27.98 -22.62
CA ARG A 266 -24.40 -26.87 -23.43
C ARG A 266 -23.62 -25.58 -23.12
N THR A 267 -22.31 -25.66 -23.27
CA THR A 267 -21.41 -24.53 -23.04
C THR A 267 -20.41 -24.49 -24.20
N CYS A 268 -20.75 -23.77 -25.26
CA CYS A 268 -19.80 -23.52 -26.34
C CYS A 268 -18.68 -22.65 -25.83
N SER A 269 -17.45 -23.14 -25.94
CA SER A 269 -16.32 -22.52 -25.26
C SER A 269 -15.92 -21.21 -25.94
N HIS A 270 -14.85 -20.62 -25.42
CA HIS A 270 -14.28 -19.36 -25.90
C HIS A 270 -12.79 -19.56 -26.15
N THR A 271 -12.46 -20.59 -26.95
CA THR A 271 -11.10 -21.07 -27.14
C THR A 271 -10.53 -21.60 -25.81
N ASN A 272 -11.15 -22.68 -25.35
CA ASN A 272 -10.90 -23.33 -24.06
C ASN A 272 -9.45 -23.73 -23.80
N PRO A 273 -8.58 -23.97 -24.82
CA PRO A 273 -7.16 -24.14 -24.51
C PRO A 273 -6.57 -22.97 -23.72
N LYS A 274 -7.17 -21.78 -23.87
CA LYS A 274 -6.76 -20.65 -23.05
C LYS A 274 -7.12 -20.83 -21.59
N PHE A 275 -8.13 -21.63 -21.29
CA PHE A 275 -8.55 -21.92 -19.92
C PHE A 275 -8.25 -23.37 -19.56
N LEU A 276 -7.12 -23.88 -20.04
CA LEU A 276 -6.71 -25.26 -19.80
C LEU A 276 -5.41 -25.37 -19.03
N SER A 277 -4.42 -24.53 -19.35
CA SER A 277 -3.15 -24.55 -18.64
C SER A 277 -3.05 -23.47 -17.57
N GLN A 278 -4.08 -22.64 -17.42
CA GLN A 278 -4.05 -21.53 -16.48
C GLN A 278 -4.72 -21.85 -15.15
N HIS A 279 -5.83 -22.57 -15.17
CA HIS A 279 -6.58 -22.88 -13.96
C HIS A 279 -6.41 -24.31 -13.48
N PHE A 280 -5.73 -25.17 -14.25
CA PHE A 280 -5.58 -26.58 -13.95
C PHE A 280 -6.94 -27.21 -13.67
N PRO A 281 -7.82 -27.29 -14.68
CA PRO A 281 -9.20 -27.72 -14.43
C PRO A 281 -9.36 -29.21 -14.24
N HIS A 282 -8.31 -30.01 -14.44
CA HIS A 282 -8.42 -31.45 -14.33
C HIS A 282 -8.16 -31.96 -12.92
N PHE A 283 -7.91 -31.07 -11.95
CA PHE A 283 -7.62 -31.49 -10.58
C PHE A 283 -8.47 -30.76 -9.53
N PRO A 284 -9.79 -30.78 -9.65
CA PRO A 284 -10.65 -30.60 -8.46
C PRO A 284 -11.18 -31.91 -7.89
N GLU A 285 -10.85 -33.05 -8.48
CA GLU A 285 -11.45 -34.34 -8.16
C GLU A 285 -10.43 -35.28 -7.54
N ASN A 286 -10.92 -36.17 -6.67
CA ASN A 286 -10.07 -37.12 -5.98
C ASN A 286 -9.62 -38.28 -6.87
N ILE A 287 -10.36 -38.58 -7.94
CA ILE A 287 -10.00 -39.69 -8.80
C ILE A 287 -8.64 -39.42 -9.45
N GLN A 288 -7.98 -40.49 -9.88
CA GLN A 288 -6.63 -40.39 -10.43
C GLN A 288 -6.61 -39.47 -11.64
N THR A 289 -5.64 -38.56 -11.66
CA THR A 289 -5.49 -37.58 -12.73
C THR A 289 -4.08 -37.71 -13.31
N ALA A 290 -4.00 -37.76 -14.64
CA ALA A 290 -2.71 -37.90 -15.30
C ALA A 290 -1.85 -36.67 -15.06
N GLY A 291 -0.55 -36.83 -15.31
CA GLY A 291 0.40 -35.75 -15.12
C GLY A 291 0.52 -34.83 -16.32
N LYS A 292 -0.56 -34.70 -17.09
CA LYS A 292 -0.56 -33.85 -18.28
C LYS A 292 -1.91 -33.14 -18.34
N GLN A 293 -2.17 -32.49 -19.48
CA GLN A 293 -3.40 -31.74 -19.65
C GLN A 293 -4.56 -32.65 -20.08
N ASP A 294 -5.77 -32.14 -19.88
CA ASP A 294 -6.98 -32.76 -20.41
C ASP A 294 -7.67 -31.72 -21.29
N ILE A 295 -7.60 -31.92 -22.60
CA ILE A 295 -7.97 -30.89 -23.57
C ILE A 295 -9.42 -31.08 -23.98
N THR A 296 -10.12 -29.95 -24.18
CA THR A 296 -11.45 -29.77 -24.78
C THR A 296 -12.41 -30.93 -24.53
N PRO A 297 -12.83 -31.16 -23.28
CA PRO A 297 -13.93 -32.11 -23.05
C PRO A 297 -15.23 -31.62 -23.66
N ILE A 298 -16.26 -32.46 -23.67
CA ILE A 298 -17.54 -32.09 -24.28
C ILE A 298 -18.17 -30.98 -23.45
N THR A 299 -18.18 -29.76 -23.99
CA THR A 299 -18.76 -28.58 -23.35
C THR A 299 -18.23 -28.42 -21.93
N ASP A 300 -16.90 -28.38 -21.81
CA ASP A 300 -16.23 -28.22 -20.53
C ASP A 300 -14.98 -27.37 -20.73
N ALA A 301 -14.93 -26.22 -20.07
CA ALA A 301 -13.80 -25.31 -20.17
C ALA A 301 -13.06 -25.17 -18.85
N THR A 302 -13.75 -24.79 -17.77
CA THR A 302 -13.13 -24.67 -16.46
C THR A 302 -14.18 -24.98 -15.41
N TYR A 303 -13.81 -25.75 -14.40
CA TYR A 303 -14.75 -26.24 -13.41
C TYR A 303 -14.12 -26.21 -12.03
N LEU A 304 -14.68 -25.40 -11.14
CA LEU A 304 -14.39 -25.45 -9.70
C LEU A 304 -12.90 -25.22 -9.41
N ASP A 305 -12.44 -24.01 -9.70
CA ASP A 305 -11.09 -23.62 -9.33
C ASP A 305 -10.99 -23.52 -7.79
N ILE A 306 -9.75 -23.42 -7.31
CA ILE A 306 -9.46 -23.37 -5.89
C ILE A 306 -9.25 -21.92 -5.48
N ARG A 307 -9.99 -21.47 -4.48
CA ARG A 307 -9.95 -20.09 -4.00
C ARG A 307 -9.76 -20.08 -2.50
N ARG A 308 -8.94 -19.14 -2.02
CA ARG A 308 -8.62 -19.00 -0.61
C ARG A 308 -8.98 -17.60 -0.13
N ASN A 309 -9.54 -17.51 1.06
CA ASN A 309 -9.96 -16.24 1.64
C ASN A 309 -8.91 -15.71 2.60
N VAL A 310 -9.04 -14.43 2.94
CA VAL A 310 -8.12 -13.74 3.84
C VAL A 310 -8.93 -12.99 4.89
N HIS A 311 -8.55 -13.15 6.16
CA HIS A 311 -9.22 -12.50 7.28
C HIS A 311 -8.19 -11.62 7.99
N TYR A 312 -8.14 -10.35 7.65
CA TYR A 312 -7.22 -9.44 8.33
C TYR A 312 -7.62 -9.27 9.79
N SER A 313 -6.63 -9.01 10.63
CA SER A 313 -6.86 -8.80 12.06
C SER A 313 -5.78 -7.89 12.60
N CYS A 314 -5.87 -7.60 13.90
CA CYS A 314 -4.96 -6.67 14.54
C CYS A 314 -4.79 -7.05 16.00
N ASN A 315 -3.76 -6.49 16.63
CA ASN A 315 -3.50 -6.69 18.04
C ASN A 315 -2.55 -5.60 18.52
N GLY A 316 -2.94 -4.88 19.56
CA GLY A 316 -2.14 -3.81 20.08
C GLY A 316 -2.86 -2.99 21.14
N PRO A 317 -2.45 -1.73 21.29
CA PRO A 317 -3.09 -0.88 22.32
C PRO A 317 -4.55 -0.56 22.01
N GLN A 318 -4.97 -0.59 20.76
CA GLN A 318 -6.34 -0.24 20.40
C GLN A 318 -7.31 -1.42 20.53
N THR A 319 -6.87 -2.53 21.10
CA THR A 319 -7.75 -3.67 21.33
C THR A 319 -8.14 -3.68 22.80
N PRO A 320 -9.42 -3.55 23.13
CA PRO A 320 -9.81 -3.47 24.54
C PRO A 320 -9.52 -4.75 25.31
N LYS A 321 -8.60 -4.65 26.28
CA LYS A 321 -8.24 -5.78 27.14
C LYS A 321 -8.32 -5.33 28.60
N TYR A 322 -8.38 -6.31 29.50
CA TYR A 322 -8.49 -6.02 30.92
C TYR A 322 -7.20 -5.45 31.51
N TYR A 323 -6.09 -5.49 30.75
CA TYR A 323 -4.80 -5.02 31.27
C TYR A 323 -3.92 -4.67 30.08
N GLN A 324 -3.62 -3.39 29.90
CA GLN A 324 -2.82 -2.95 28.78
C GLN A 324 -1.35 -2.99 29.15
N PRO A 325 -0.53 -3.80 28.49
CA PRO A 325 0.90 -3.85 28.81
C PRO A 325 1.58 -2.53 28.52
N PRO A 326 2.72 -2.26 29.16
CA PRO A 326 3.39 -0.97 28.94
C PRO A 326 4.02 -0.86 27.56
N LEU A 327 3.47 0.00 26.71
CA LEU A 327 3.98 0.19 25.37
C LEU A 327 5.23 1.06 25.41
N ALA A 328 5.86 1.23 24.24
CA ALA A 328 7.07 2.05 24.09
C ALA A 328 6.77 3.09 23.02
N LEU A 329 6.27 4.25 23.43
CA LEU A 329 5.78 5.26 22.51
C LEU A 329 6.92 6.21 22.17
N TRP A 330 7.65 5.90 21.10
CA TRP A 330 8.70 6.78 20.63
C TRP A 330 8.11 8.04 20.01
N ILE A 331 8.84 9.15 20.16
CA ILE A 331 8.41 10.44 19.65
C ILE A 331 9.62 11.14 19.04
N LYS A 332 9.47 11.65 17.83
CA LYS A 332 10.53 12.31 17.10
C LYS A 332 10.33 13.83 17.14
N LEU A 333 11.44 14.56 17.14
CA LEU A 333 11.43 16.03 17.14
C LEU A 333 11.77 16.50 15.73
N ARG A 334 10.83 17.20 15.09
CA ARG A 334 11.00 17.69 13.73
C ARG A 334 11.33 19.18 13.77
N PHE A 335 12.57 19.51 13.46
CA PHE A 335 13.06 20.88 13.46
C PHE A 335 13.89 21.09 12.19
N TRP A 336 14.63 22.21 12.16
CA TRP A 336 15.58 22.45 11.08
C TRP A 336 16.91 21.75 11.30
N PHE A 337 17.24 21.43 12.54
CA PHE A 337 18.45 20.64 12.80
C PHE A 337 18.21 19.16 12.50
N ASN A 338 17.05 18.64 12.86
CA ASN A 338 16.68 17.25 12.58
C ASN A 338 16.19 17.11 11.14
N ASP A 339 17.04 17.53 10.22
CA ASP A 339 16.71 17.55 8.79
C ASP A 339 17.95 17.12 8.01
N ASN A 340 17.96 17.40 6.72
CA ASN A 340 19.10 17.05 5.87
C ASN A 340 20.38 17.63 6.44
N VAL A 341 21.42 16.80 6.49
CA VAL A 341 22.71 17.19 7.06
C VAL A 341 23.48 18.07 6.10
N ASN A 342 22.91 18.32 4.93
CA ASN A 342 23.55 19.15 3.91
C ASN A 342 23.72 20.58 4.40
N ALA A 344 24.65 21.86 9.74
CA ALA A 344 23.44 22.06 10.54
C ALA A 344 23.76 22.08 12.02
N ILE A 345 23.46 23.20 12.67
CA ILE A 345 23.67 23.39 14.11
C ILE A 345 25.11 23.05 14.48
N PRO A 346 26.08 23.91 14.14
CA PRO A 346 27.49 23.56 14.40
C PRO A 346 27.79 23.25 15.85
N SER A 347 27.00 23.75 16.80
CA SER A 347 27.13 23.46 18.23
C SER A 347 28.50 23.79 18.79
N VAL A 348 29.31 24.56 18.07
CA VAL A 348 30.60 25.01 18.56
C VAL A 348 30.64 26.51 18.79
N SER A 349 29.90 27.30 18.01
CA SER A 349 29.78 28.73 18.24
C SER A 349 28.82 29.07 19.37
N ILE A 350 28.21 28.08 19.99
CA ILE A 350 27.32 28.28 21.14
C ILE A 350 28.13 28.01 22.40
N PRO A 351 28.13 28.92 23.38
CA PRO A 351 28.89 28.68 24.61
C PRO A 351 28.24 27.62 25.48
N PHE A 352 29.03 27.11 26.42
CA PHE A 352 28.56 26.08 27.35
C PHE A 352 27.42 26.62 28.20
N GLY A 353 26.22 26.08 28.00
CA GLY A 353 25.05 26.50 28.75
C GLY A 353 24.05 27.25 27.88
N GLU A 354 22.87 27.44 28.44
CA GLU A 354 21.76 28.14 27.78
C GLU A 354 21.39 27.44 26.47
N ARG A 355 20.97 26.18 26.60
CA ARG A 355 20.46 25.41 25.46
C ARG A 355 19.53 24.36 26.04
N PHE A 356 18.22 24.60 25.94
CA PHE A 356 17.23 23.77 26.60
C PHE A 356 16.13 23.38 25.62
N ILE A 357 15.29 22.45 26.08
CA ILE A 357 14.12 21.98 25.35
C ILE A 357 12.95 21.92 26.32
N THR A 358 11.80 22.43 25.90
CA THR A 358 10.60 22.43 26.74
C THR A 358 9.51 21.61 26.06
N ILE A 359 8.98 20.63 26.77
CA ILE A 359 8.02 19.68 26.23
C ILE A 359 6.85 19.60 27.21
N LYS A 360 5.80 20.37 26.95
CA LYS A 360 4.62 20.39 27.82
C LYS A 360 3.75 19.20 27.47
N LEU A 361 3.85 18.13 28.26
CA LEU A 361 3.09 16.91 27.99
C LEU A 361 1.60 17.14 28.25
N ALA A 362 0.81 16.10 27.98
CA ALA A 362 -0.62 16.13 28.16
C ALA A 362 -0.98 15.41 29.47
N SER A 363 -2.28 15.23 29.71
CA SER A 363 -2.77 14.61 30.92
C SER A 363 -3.23 13.18 30.64
N GLN A 364 -3.57 12.46 31.71
CA GLN A 364 -4.03 11.09 31.61
C GLN A 364 -5.52 10.98 31.36
N LYS A 365 -6.27 12.07 31.52
CA LYS A 365 -7.71 12.01 31.32
C LYS A 365 -8.07 11.78 29.86
N ASP A 366 -7.26 12.27 28.93
CA ASP A 366 -7.54 12.20 27.51
C ASP A 366 -6.69 11.15 26.80
N LEU A 367 -6.27 10.11 27.53
CA LEU A 367 -5.48 9.04 26.95
C LEU A 367 -6.00 7.64 27.27
N VAL A 368 -6.88 7.49 28.25
CA VAL A 368 -7.38 6.18 28.66
C VAL A 368 -8.90 6.26 28.70
N ASN A 369 -9.56 5.62 27.74
CA ASN A 369 -11.01 5.51 27.72
C ASN A 369 -11.42 4.24 28.44
N GLU A 370 -12.68 3.86 28.29
CA GLU A 370 -13.19 2.59 28.78
C GLU A 370 -14.09 1.98 27.71
N PHE A 371 -14.39 0.70 27.88
CA PHE A 371 -15.30 -0.01 27.00
C PHE A 371 -16.37 -0.70 27.81
N PRO A 372 -17.60 -0.78 27.30
CA PRO A 372 -18.67 -1.41 28.07
C PRO A 372 -18.40 -2.90 28.28
N GLY A 373 -18.57 -3.35 29.51
CA GLY A 373 -18.31 -4.74 29.85
C GLY A 373 -19.54 -5.49 30.32
N LEU A 374 -20.70 -4.84 30.28
CA LEU A 374 -21.94 -5.45 30.74
C LEU A 374 -22.75 -6.06 29.61
N PHE A 375 -22.99 -5.31 28.53
CA PHE A 375 -23.74 -5.79 27.37
C PHE A 375 -25.14 -6.25 27.80
N VAL A 376 -25.93 -5.26 28.25
CA VAL A 376 -27.31 -5.51 28.66
C VAL A 376 -28.00 -6.42 27.66
N ARG A 377 -28.77 -7.38 28.18
CA ARG A 377 -29.30 -8.47 27.39
C ARG A 377 -30.17 -7.95 26.25
N GLN A 378 -30.45 -8.85 25.31
CA GLN A 378 -31.28 -8.55 24.15
C GLN A 378 -32.67 -9.14 24.35
N SER A 379 -33.68 -8.39 23.91
CA SER A 379 -35.08 -8.81 24.03
C SER A 379 -35.33 -9.92 23.02
N THR A 380 -35.27 -11.18 23.48
CA THR A 380 -35.50 -12.33 22.63
C THR A 380 -37.00 -12.48 22.37
N VAL A 381 -37.51 -11.57 21.56
CA VAL A 381 -38.94 -11.50 21.28
C VAL A 381 -39.34 -12.63 20.34
N ILE A 382 -40.45 -13.30 20.66
CA ILE A 382 -41.03 -14.30 19.79
C ILE A 382 -42.36 -13.78 19.25
N ALA A 383 -42.31 -13.15 18.08
CA ALA A 383 -43.51 -12.55 17.48
C ALA A 383 -44.40 -13.65 16.89
N GLY A 384 -45.06 -14.37 17.80
CA GLY A 384 -45.92 -15.46 17.37
C GLY A 384 -45.11 -16.63 16.82
N ARG A 385 -45.59 -17.21 15.73
CA ARG A 385 -44.90 -18.31 15.08
C ARG A 385 -43.72 -17.82 14.24
N PRO A 386 -43.89 -16.88 13.31
CA PRO A 386 -42.76 -16.46 12.48
C PRO A 386 -41.82 -15.53 13.23
N SER A 387 -40.58 -15.49 12.75
CA SER A 387 -39.50 -14.71 13.36
C SER A 387 -39.39 -15.06 14.85
N ARG A 388 -39.10 -16.34 15.10
CA ARG A 388 -39.10 -16.85 16.47
C ARG A 388 -38.09 -16.13 17.34
N ARG A 389 -36.80 -16.26 17.01
CA ARG A 389 -35.75 -15.66 17.82
C ARG A 389 -35.26 -14.37 17.19
N ASN A 390 -34.70 -13.52 18.04
CA ASN A 390 -34.11 -12.25 17.61
C ASN A 390 -33.24 -11.68 18.72
N ILE A 391 -32.00 -11.30 18.40
CA ILE A 391 -31.05 -10.81 19.38
C ILE A 391 -30.43 -9.51 18.88
N ARG A 392 -30.54 -8.46 19.68
CA ARG A 392 -29.94 -7.18 19.36
C ARG A 392 -29.39 -6.59 20.67
N PHE A 393 -28.08 -6.66 20.84
CA PHE A 393 -27.47 -6.26 22.10
C PHE A 393 -27.40 -4.75 22.22
N LYS A 394 -27.26 -4.28 23.47
CA LYS A 394 -27.13 -2.87 23.79
C LYS A 394 -26.22 -2.70 24.99
N PRO A 395 -25.14 -1.94 24.85
CA PRO A 395 -24.17 -1.84 25.95
C PRO A 395 -24.75 -1.16 27.18
N TRP A 396 -24.26 -1.58 28.34
CA TRP A 396 -24.63 -1.02 29.64
C TRP A 396 -23.33 -0.58 30.32
N PHE A 397 -22.85 0.58 29.89
CA PHE A 397 -21.52 1.08 30.34
C PHE A 397 -21.65 2.05 31.51
N ILE A 398 -21.89 1.54 32.72
CA ILE A 398 -21.85 2.41 33.93
C ILE A 398 -20.35 2.64 34.15
N PRO A 399 -19.88 3.87 34.44
CA PRO A 399 -18.43 4.14 34.54
C PRO A 399 -17.56 3.41 35.58
N GLY A 400 -16.25 3.63 35.48
CA GLY A 400 -15.24 3.05 36.38
C GLY A 400 -14.34 4.15 36.88
N VAL A 401 -13.02 3.99 36.79
CA VAL A 401 -12.11 5.08 37.28
C VAL A 401 -10.71 4.96 36.66
N ILE A 402 -10.50 4.00 35.75
CA ILE A 402 -9.18 3.79 35.09
C ILE A 402 -8.09 3.64 36.15
N ASN A 403 -6.95 4.33 35.97
CA ASN A 403 -5.84 4.21 36.96
C ASN A 403 -4.99 5.49 36.91
N GLU A 404 -3.92 5.52 37.71
CA GLU A 404 -3.02 6.69 37.78
C GLU A 404 -1.64 6.33 37.24
N ILE A 405 -1.56 5.39 36.27
CA ILE A 405 -0.29 4.99 35.71
C ILE A 405 0.38 6.17 35.03
N SER A 406 1.72 6.22 35.12
CA SER A 406 2.49 7.30 34.53
C SER A 406 3.76 6.73 33.92
N LEU A 407 4.43 7.58 33.14
CA LEU A 407 5.68 7.19 32.51
C LEU A 407 6.82 7.13 33.52
N THR A 408 7.73 6.18 33.33
CA THR A 408 8.86 5.99 34.22
C THR A 408 10.21 6.26 33.56
N ASN A 409 10.38 5.88 32.30
CA ASN A 409 11.65 6.07 31.60
C ASN A 409 11.51 7.20 30.60
N ASN A 410 12.49 8.11 30.58
CA ASN A 410 12.50 9.24 29.65
C ASN A 410 13.93 9.44 29.16
N GLU A 411 14.11 9.38 27.84
CA GLU A 411 15.42 9.53 27.24
C GLU A 411 15.32 10.42 26.02
N LEU A 412 16.45 10.99 25.61
CA LEU A 412 16.54 11.80 24.39
C LEU A 412 17.89 11.50 23.73
N TYR A 413 17.90 10.54 22.82
CA TYR A 413 19.12 10.21 22.09
C TYR A 413 19.43 11.33 21.10
N ILE A 414 20.58 11.97 21.28
CA ILE A 414 20.99 13.11 20.45
C ILE A 414 22.30 12.72 19.80
N ASN A 415 22.24 12.18 18.58
CA ASN A 415 23.47 11.89 17.86
C ASN A 415 24.21 13.18 17.53
N ASN A 416 25.51 13.04 17.29
CA ASN A 416 26.33 14.21 17.00
C ASN A 416 27.12 13.98 15.72
N LEU A 417 28.02 14.89 15.39
CA LEU A 417 28.96 14.72 14.28
C LEU A 417 30.35 15.11 14.78
N PHE A 418 31.31 14.22 14.64
CA PHE A 418 32.68 14.48 15.04
C PHE A 418 33.47 15.06 13.88
N VAL A 419 34.50 15.84 14.21
CA VAL A 419 35.33 16.52 13.23
C VAL A 419 36.79 16.29 13.58
N THR A 420 37.63 16.12 12.55
CA THR A 420 39.05 15.95 12.77
C THR A 420 39.65 17.20 13.42
N PRO A 421 40.74 17.06 14.19
CA PRO A 421 41.33 18.22 14.86
C PRO A 421 41.93 19.25 13.91
N GLU A 422 41.98 18.98 12.61
CA GLU A 422 42.48 19.96 11.65
C GLU A 422 41.38 20.92 11.19
N ILE A 423 40.20 20.38 10.86
CA ILE A 423 39.10 21.21 10.43
C ILE A 423 38.47 21.97 11.60
N HIS A 424 38.66 21.47 12.81
CA HIS A 424 38.04 21.99 14.04
C HIS A 424 38.58 23.38 14.45
N ASN A 425 39.40 24.06 13.65
CA ASN A 425 39.92 25.36 14.02
C ASN A 425 39.56 26.48 13.05
N LEU A 426 38.96 26.16 11.90
CA LEU A 426 38.69 27.17 10.89
C LEU A 426 37.29 27.77 10.99
N TYR A 427 36.32 27.01 11.50
CA TYR A 427 34.94 27.47 11.60
C TYR A 427 34.57 27.91 13.01
N VAL A 428 35.49 27.84 13.96
CA VAL A 428 35.17 28.19 15.33
C VAL A 428 35.42 29.68 15.62
N LYS A 429 36.37 30.30 14.91
CA LYS A 429 36.65 31.71 15.10
C LYS A 429 35.85 32.60 14.15
N ARG A 430 35.53 32.10 12.96
CA ARG A 430 34.80 32.87 11.97
C ARG A 430 33.29 32.75 12.18
N VAL A 431 32.55 33.51 11.40
CA VAL A 431 31.08 33.52 11.44
C VAL A 431 30.56 33.10 10.08
N ARG A 432 29.51 32.27 10.10
CA ARG A 432 28.95 31.73 8.87
C ARG A 432 27.42 31.73 8.97
N PHE A 433 26.78 32.15 7.89
CA PHE A 433 25.32 32.18 7.80
C PHE A 433 24.81 30.96 7.04
N SER A 434 23.51 30.69 7.20
CA SER A 434 22.89 29.55 6.55
C SER A 434 21.39 29.72 6.56
N LEU A 435 20.73 29.33 5.47
CA LEU A 435 19.28 29.43 5.35
C LEU A 435 18.64 28.19 5.96
N ILE A 436 17.74 28.40 6.92
CA ILE A 436 17.06 27.33 7.62
C ILE A 436 15.56 27.51 7.46
N ARG A 437 14.81 26.45 7.77
CA ARG A 437 13.36 26.45 7.68
C ARG A 437 12.77 26.16 9.05
N VAL A 438 11.78 26.95 9.46
CA VAL A 438 11.19 26.89 10.79
C VAL A 438 9.68 26.74 10.63
N HIS A 439 8.98 26.73 11.76
CA HIS A 439 7.53 26.57 11.79
C HIS A 439 6.87 27.81 12.37
N LYS A 440 5.71 28.17 11.82
CA LYS A 440 4.87 29.22 12.35
C LYS A 440 3.44 28.70 12.45
N THR A 441 2.66 29.30 13.34
CA THR A 441 1.30 28.85 13.56
C THR A 441 0.50 29.97 14.22
N GLN A 442 -0.73 30.18 13.73
CA GLN A 442 -1.64 31.14 14.35
C GLN A 442 -3.07 30.60 14.15
N VAL A 443 -3.55 29.90 15.16
CA VAL A 443 -4.90 29.35 15.11
C VAL A 443 -5.86 30.36 15.74
N THR A 444 -7.13 30.29 15.32
CA THR A 444 -8.15 31.22 15.78
C THR A 444 -9.45 30.45 15.94
N HIS A 445 -10.55 31.19 16.08
CA HIS A 445 -11.89 30.62 16.16
C HIS A 445 -12.74 31.21 15.04
N THR A 446 -13.83 30.52 14.71
CA THR A 446 -14.64 30.90 13.57
C THR A 446 -16.12 30.70 13.86
N ASN A 447 -16.94 31.40 13.09
CA ASN A 447 -18.39 31.43 13.21
C ASN A 447 -18.98 31.84 11.87
N ASN A 448 -20.24 32.28 11.86
CA ASN A 448 -20.88 32.81 10.65
C ASN A 448 -20.97 31.73 9.56
N ASN A 449 -21.86 30.77 9.83
CA ASN A 449 -22.11 29.60 8.98
C ASN A 449 -22.16 29.92 7.49
N HIS A 450 -22.53 31.14 7.13
CA HIS A 450 -22.57 31.55 5.73
C HIS A 450 -21.16 31.83 5.22
N HIS A 451 -21.04 32.53 4.09
CA HIS A 451 -19.75 32.76 3.46
C HIS A 451 -18.95 33.73 4.35
N ASP A 452 -18.29 33.15 5.34
CA ASP A 452 -17.59 33.92 6.36
C ASP A 452 -16.23 34.38 5.85
N GLU A 453 -15.40 34.86 6.76
CA GLU A 453 -14.03 35.24 6.46
C GLU A 453 -13.21 35.09 7.74
N LYS A 454 -11.96 35.53 7.70
CA LYS A 454 -11.05 35.45 8.83
C LYS A 454 -9.86 36.34 8.53
N LEU A 455 -8.82 36.26 9.36
CA LEU A 455 -7.57 36.97 9.10
C LEU A 455 -6.44 36.21 9.75
N MET A 456 -5.25 36.33 9.16
CA MET A 456 -4.08 35.58 9.59
C MET A 456 -2.98 36.54 10.03
N SER A 457 -2.34 36.22 11.15
CA SER A 457 -1.26 37.02 11.69
C SER A 457 -0.18 36.08 12.20
N ALA A 458 0.76 36.64 12.98
CA ALA A 458 1.90 35.89 13.51
C ALA A 458 2.76 35.30 12.41
N LEU A 459 2.75 35.92 11.23
CA LEU A 459 3.58 35.51 10.10
C LEU A 459 4.35 36.75 9.64
N LYS A 460 5.64 36.79 9.92
CA LYS A 460 6.45 37.95 9.58
C LYS A 460 7.65 37.62 8.70
N TRP A 461 8.02 36.37 8.56
CA TRP A 461 9.13 35.96 7.71
C TRP A 461 8.63 35.56 6.32
N PRO A 462 9.48 35.66 5.31
CA PRO A 462 9.05 35.26 3.96
C PRO A 462 8.56 33.83 3.92
N ILE A 463 7.39 33.64 3.32
CA ILE A 463 6.68 32.37 3.34
C ILE A 463 6.75 31.74 1.96
N GLU A 464 7.02 30.43 1.92
CA GLU A 464 7.08 29.67 0.68
C GLU A 464 6.40 28.32 0.85
N TYR A 465 5.31 28.29 1.61
CA TYR A 465 4.58 27.06 1.88
C TYR A 465 3.30 27.46 2.60
N MET A 466 2.50 26.47 3.01
CA MET A 466 1.25 26.74 3.69
C MET A 466 0.59 25.43 4.10
N PHE A 467 -0.47 25.56 4.89
CA PHE A 467 -1.42 24.48 5.20
C PHE A 467 -2.70 25.12 5.69
N ILE A 468 -3.82 24.52 5.30
CA ILE A 468 -5.13 24.93 5.81
C ILE A 468 -5.91 23.68 6.18
N GLY A 469 -6.62 23.74 7.30
CA GLY A 469 -7.53 22.68 7.68
C GLY A 469 -8.73 23.26 8.39
N LEU A 470 -9.60 22.42 8.95
CA LEU A 470 -10.72 22.93 9.74
C LEU A 470 -11.12 21.83 10.72
N LYS A 471 -10.67 21.96 11.97
CA LYS A 471 -10.93 20.96 12.99
C LYS A 471 -12.13 21.37 13.81
N PRO A 472 -13.25 20.65 13.74
CA PRO A 472 -14.40 21.00 14.60
C PRO A 472 -14.07 20.75 16.07
N THR A 473 -14.51 21.68 16.92
CA THR A 473 -14.29 21.53 18.35
C THR A 473 -15.10 20.36 18.93
N TRP A 474 -16.15 19.94 18.24
CA TRP A 474 -16.93 18.77 18.68
C TRP A 474 -16.06 17.54 18.83
N ASN A 475 -14.99 17.43 18.03
CA ASN A 475 -14.12 16.26 18.11
C ASN A 475 -13.31 16.27 19.41
N ILE A 476 -13.02 17.45 19.96
CA ILE A 476 -12.21 17.52 21.17
C ILE A 476 -13.08 17.60 22.43
N SER A 477 -14.40 17.71 22.28
CA SER A 477 -15.29 17.73 23.44
C SER A 477 -15.23 16.40 24.18
N ASP A 478 -14.90 16.45 25.47
CA ASP A 478 -14.65 15.23 26.23
C ASP A 478 -15.89 14.35 26.37
N GLN A 479 -17.09 14.91 26.20
CA GLN A 479 -18.29 14.11 26.35
C GLN A 479 -18.56 13.23 25.13
N ASN A 480 -17.80 13.38 24.05
CA ASN A 480 -18.01 12.55 22.87
C ASN A 480 -17.48 11.14 23.11
N PRO A 481 -18.19 10.11 22.66
CA PRO A 481 -17.70 8.73 22.87
C PRO A 481 -16.49 8.39 22.03
N HIS A 482 -16.24 9.11 20.94
CA HIS A 482 -15.10 8.87 20.07
C HIS A 482 -14.08 10.01 20.12
N GLN A 483 -14.00 10.69 21.27
CA GLN A 483 -13.04 11.77 21.40
C GLN A 483 -11.61 11.25 21.33
N HIS A 484 -11.31 10.18 22.06
CA HIS A 484 -9.99 9.57 22.06
C HIS A 484 -9.85 8.47 21.02
N ARG A 485 -10.61 8.53 19.95
CA ARG A 485 -10.43 7.59 18.86
C ARG A 485 -10.29 8.28 17.50
N ASP A 486 -11.04 9.35 17.27
CA ASP A 486 -11.07 10.06 15.99
C ASP A 486 -10.81 11.55 16.19
N TRP A 487 -9.80 11.88 16.99
CA TRP A 487 -9.48 13.28 17.24
C TRP A 487 -8.57 13.88 16.18
N HIS A 488 -7.71 13.08 15.57
CA HIS A 488 -6.81 13.59 14.54
C HIS A 488 -7.48 13.73 13.18
N LYS A 489 -8.76 13.38 13.06
CA LYS A 489 -9.47 13.55 11.80
C LYS A 489 -9.72 15.03 11.54
N PHE A 490 -10.20 15.31 10.33
CA PHE A 490 -10.43 16.68 9.87
C PHE A 490 -11.81 16.81 9.24
N GLY A 491 -12.81 16.27 9.91
CA GLY A 491 -14.17 16.36 9.39
C GLY A 491 -15.15 15.81 10.39
N HIS A 492 -16.43 16.07 10.11
CA HIS A 492 -17.51 15.55 10.95
C HIS A 492 -17.60 14.04 10.73
N VAL A 493 -17.05 13.28 11.65
CA VAL A 493 -16.99 11.83 11.53
C VAL A 493 -18.28 11.22 12.04
N VAL A 494 -18.91 10.40 11.20
CA VAL A 494 -20.16 9.73 11.53
C VAL A 494 -19.93 8.23 11.47
N ASN A 495 -20.56 7.50 12.38
CA ASN A 495 -20.48 6.04 12.41
C ASN A 495 -21.69 5.44 11.71
N ALA A 496 -21.46 4.34 10.99
CA ALA A 496 -22.52 3.58 10.33
C ALA A 496 -22.42 2.15 10.81
N ILE A 497 -23.07 1.85 11.94
CA ILE A 497 -23.00 0.51 12.51
C ILE A 497 -23.71 -0.47 11.58
N MET A 498 -23.24 -1.72 11.59
CA MET A 498 -23.85 -2.77 10.79
C MET A 498 -24.22 -3.94 11.68
N GLN A 499 -24.61 -5.06 11.07
CA GLN A 499 -24.94 -6.27 11.83
C GLN A 499 -24.65 -7.48 10.96
N PRO A 500 -23.50 -8.13 11.16
CA PRO A 500 -23.22 -9.38 10.44
C PRO A 500 -24.08 -10.53 10.97
N THR A 501 -25.37 -10.52 10.62
CA THR A 501 -26.31 -11.46 11.18
C THR A 501 -25.98 -12.89 10.76
N HIS A 502 -26.58 -13.85 11.47
CA HIS A 502 -26.41 -15.28 11.21
C HIS A 502 -27.81 -15.87 11.06
N HIS A 503 -28.35 -15.82 9.84
CA HIS A 503 -29.68 -16.32 9.60
C HIS A 503 -29.70 -17.84 9.65
N ALA A 504 -30.75 -18.40 10.27
CA ALA A 504 -30.91 -19.84 10.41
C ALA A 504 -32.40 -20.16 10.29
N GLU A 505 -32.83 -20.49 9.07
CA GLU A 505 -34.24 -20.77 8.78
C GLU A 505 -34.40 -22.26 8.52
N ILE A 506 -34.87 -22.98 9.54
CA ILE A 506 -35.09 -24.42 9.45
C ILE A 506 -36.53 -24.72 9.86
N SER A 507 -37.18 -25.60 9.10
CA SER A 507 -38.56 -26.00 9.34
C SER A 507 -38.62 -27.50 9.50
N PHE A 508 -38.88 -27.98 10.71
CA PHE A 508 -38.97 -29.40 10.97
C PHE A 508 -40.25 -30.02 10.42
N GLN A 509 -41.24 -29.22 10.08
CA GLN A 509 -42.50 -29.75 9.57
C GLN A 509 -42.29 -30.39 8.20
N ASP A 510 -42.62 -31.68 8.09
CA ASP A 510 -42.46 -32.38 6.83
C ASP A 510 -43.50 -31.97 5.78
N ARG A 511 -44.55 -31.28 6.18
CA ARG A 511 -45.60 -30.82 5.29
C ARG A 511 -45.65 -29.30 5.29
N ASP A 512 -46.69 -28.74 4.66
CA ASP A 512 -46.90 -27.30 4.55
C ASP A 512 -45.72 -26.63 3.85
N THR A 513 -45.58 -26.98 2.58
CA THR A 513 -44.53 -26.53 1.67
C THR A 513 -44.61 -25.04 1.33
N ALA A 514 -45.51 -24.28 1.93
CA ALA A 514 -45.61 -22.84 1.68
C ALA A 514 -44.50 -22.12 2.45
N LEU A 515 -44.60 -20.81 2.56
CA LEU A 515 -43.56 -20.03 3.22
C LEU A 515 -43.44 -20.46 4.68
N PRO A 516 -42.21 -20.59 5.20
CA PRO A 516 -42.00 -21.05 6.59
C PRO A 516 -42.14 -19.93 7.63
N ASP A 517 -43.39 -19.63 7.99
CA ASP A 517 -43.69 -18.66 9.03
C ASP A 517 -43.86 -19.32 10.40
N ALA A 518 -43.18 -20.44 10.64
CA ALA A 518 -43.32 -21.21 11.87
C ALA A 518 -42.03 -21.28 12.67
N CYS A 519 -40.90 -21.57 12.02
CA CYS A 519 -39.64 -21.79 12.70
C CYS A 519 -38.54 -21.02 11.99
N SER A 520 -38.04 -19.96 12.63
CA SER A 520 -36.93 -19.17 12.10
C SER A 520 -36.04 -18.75 13.27
N SER A 521 -34.89 -18.16 12.94
CA SER A 521 -33.96 -17.75 13.98
C SER A 521 -32.99 -16.71 13.44
N ILE A 522 -32.81 -15.63 14.18
CA ILE A 522 -31.85 -14.59 13.90
C ILE A 522 -30.87 -14.54 15.07
N SER A 523 -29.72 -13.91 14.85
CA SER A 523 -28.75 -13.73 15.93
C SER A 523 -27.79 -12.60 15.55
N ASP A 524 -26.83 -12.35 16.43
CA ASP A 524 -25.84 -11.29 16.27
C ASP A 524 -24.80 -11.46 17.36
N ILE A 525 -23.74 -10.67 17.27
CA ILE A 525 -22.66 -10.72 18.27
C ILE A 525 -22.45 -9.34 18.90
N SER A 526 -22.08 -8.37 18.08
CA SER A 526 -21.77 -7.02 18.53
C SER A 526 -21.80 -6.09 17.33
N PRO A 527 -22.03 -4.79 17.54
CA PRO A 527 -22.01 -3.86 16.42
C PRO A 527 -20.62 -3.68 15.84
N VAL A 528 -20.59 -3.22 14.59
CA VAL A 528 -19.36 -3.01 13.85
C VAL A 528 -19.38 -1.59 13.30
N THR A 529 -18.37 -0.80 13.64
CA THR A 529 -18.32 0.61 13.27
C THR A 529 -17.38 0.83 12.08
N TYR A 530 -17.58 1.95 11.40
CA TYR A 530 -16.74 2.38 10.29
C TYR A 530 -16.53 3.88 10.35
N PRO A 531 -15.30 4.36 10.48
CA PRO A 531 -15.08 5.80 10.51
C PRO A 531 -15.28 6.45 9.15
N ILE A 532 -16.38 7.17 8.99
CA ILE A 532 -16.72 7.86 7.75
C ILE A 532 -16.42 9.33 7.94
N THR A 533 -15.42 9.84 7.22
CA THR A 533 -15.04 11.24 7.30
C THR A 533 -15.56 12.00 6.09
N LEU A 534 -15.91 13.27 6.30
CA LEU A 534 -16.45 14.14 5.28
C LEU A 534 -15.70 15.46 5.29
N PRO A 535 -15.59 16.13 4.14
CA PRO A 535 -14.97 17.45 4.11
C PRO A 535 -15.90 18.51 4.69
N ILE A 536 -15.31 19.66 5.03
CA ILE A 536 -16.05 20.71 5.68
C ILE A 536 -16.01 21.96 4.79
N ILE A 537 -14.80 22.42 4.49
CA ILE A 537 -14.63 23.59 3.64
C ILE A 537 -15.05 23.27 2.22
N LYS A 538 -15.73 24.21 1.56
CA LYS A 538 -16.14 24.03 0.17
C LYS A 538 -15.45 24.97 -0.80
N ASN A 539 -14.88 26.08 -0.34
CA ASN A 539 -14.19 27.01 -1.21
C ASN A 539 -13.00 27.61 -0.46
N ILE A 540 -12.02 28.09 -1.21
CA ILE A 540 -10.81 28.67 -0.63
C ILE A 540 -10.42 29.89 -1.44
N SER A 541 -10.05 30.97 -0.74
CA SER A 541 -9.65 32.21 -1.39
C SER A 541 -8.62 32.91 -0.52
N VAL A 542 -7.56 33.39 -1.14
CA VAL A 542 -6.48 34.10 -0.47
C VAL A 542 -6.27 35.43 -1.18
N THR A 543 -6.70 36.52 -0.57
CA THR A 543 -6.57 37.85 -1.12
C THR A 543 -5.64 38.69 -0.25
N ALA A 544 -5.07 39.72 -0.86
CA ALA A 544 -4.15 40.61 -0.15
C ALA A 544 -4.22 41.98 -0.82
N HIS A 545 -4.78 42.96 -0.11
CA HIS A 545 -4.89 44.33 -0.59
C HIS A 545 -5.66 44.39 -1.92
N GLY A 546 -6.90 43.96 -1.86
CA GLY A 546 -7.79 44.03 -3.03
C GLY A 546 -7.58 42.99 -4.10
N ILE A 547 -6.34 42.83 -4.58
CA ILE A 547 -6.08 41.88 -5.65
C ILE A 547 -6.23 40.46 -5.13
N ASN A 548 -6.95 39.63 -5.88
CA ASN A 548 -7.24 38.25 -5.49
C ASN A 548 -6.09 37.38 -5.98
N LEU A 549 -5.23 36.96 -5.05
CA LEU A 549 -4.04 36.21 -5.43
C LEU A 549 -4.37 34.81 -5.92
N ILE A 550 -5.43 34.20 -5.38
CA ILE A 550 -5.80 32.83 -5.73
C ILE A 550 -7.31 32.77 -5.86
N ASP A 551 -7.79 32.53 -7.08
CA ASP A 551 -9.23 32.53 -7.35
C ASP A 551 -9.93 31.44 -6.53
N LYS A 552 -11.25 31.55 -6.49
CA LYS A 552 -12.07 30.62 -5.69
C LYS A 552 -12.01 29.23 -6.29
N PHE A 553 -11.37 28.30 -5.58
CA PHE A 553 -11.23 26.92 -6.00
C PHE A 553 -11.99 26.00 -5.07
N PRO A 554 -12.53 24.91 -5.58
CA PRO A 554 -13.25 23.96 -4.72
C PRO A 554 -12.33 23.24 -3.74
N SER A 555 -12.90 22.35 -2.93
CA SER A 555 -12.10 21.65 -1.93
C SER A 555 -11.15 20.65 -2.58
N GLN A 556 -11.64 19.88 -3.55
CA GLN A 556 -10.84 18.80 -4.13
C GLN A 556 -9.70 19.31 -4.99
N PHE A 557 -9.58 20.61 -5.20
CA PHE A 557 -8.40 21.14 -5.89
C PHE A 557 -7.26 21.42 -4.93
N CYS A 558 -7.56 22.02 -3.77
CA CYS A 558 -6.54 22.30 -2.78
C CYS A 558 -6.25 21.11 -1.87
N SER A 559 -7.08 20.08 -1.92
CA SER A 559 -6.92 18.91 -1.06
C SER A 559 -6.31 17.71 -1.77
N SER A 560 -6.49 17.60 -3.08
CA SER A 560 -6.05 16.41 -3.81
C SER A 560 -5.01 16.71 -4.86
N TYR A 561 -5.25 17.66 -5.76
CA TYR A 561 -4.35 17.81 -6.91
C TYR A 561 -3.05 18.49 -6.54
N ILE A 562 -3.11 19.62 -5.83
CA ILE A 562 -1.88 20.33 -5.48
C ILE A 562 -0.93 19.46 -4.67
N PRO A 563 -1.36 18.70 -3.68
CA PRO A 563 -0.41 17.74 -3.06
C PRO A 563 0.01 16.63 -4.00
N PHE A 564 -0.86 16.23 -4.92
CA PHE A 564 -0.52 15.16 -5.87
C PHE A 564 0.66 15.55 -6.74
N HIS A 565 0.50 16.61 -7.53
CA HIS A 565 1.51 16.95 -8.53
C HIS A 565 2.75 17.57 -7.88
N TYR A 566 2.56 18.57 -7.04
CA TYR A 566 3.71 19.25 -6.43
C TYR A 566 4.44 18.32 -5.47
N GLY A 567 5.72 18.62 -5.26
CA GLY A 567 6.55 17.86 -4.36
C GLY A 567 7.11 16.57 -4.92
N GLY A 568 6.65 16.12 -6.08
CA GLY A 568 7.15 14.90 -6.66
C GLY A 568 6.82 13.68 -5.82
N ASN A 569 7.84 13.13 -5.14
CA ASN A 569 7.65 11.95 -4.31
C ASN A 569 7.66 12.26 -2.82
N ALA A 570 8.29 13.36 -2.40
CA ALA A 570 8.45 13.68 -0.99
C ALA A 570 7.17 14.21 -0.34
N ILE A 571 6.04 14.16 -1.04
CA ILE A 571 4.77 14.65 -0.51
C ILE A 571 3.68 13.69 -0.94
N LYS A 572 3.11 12.97 0.03
CA LYS A 572 2.03 12.04 -0.25
C LYS A 572 0.72 12.82 -0.35
N THR A 573 -0.41 12.10 -0.37
CA THR A 573 -1.71 12.74 -0.36
C THR A 573 -2.49 12.33 0.88
N PRO A 574 -3.24 13.24 1.48
CA PRO A 574 -4.01 12.89 2.68
C PRO A 574 -5.14 11.93 2.36
N ASP A 575 -5.25 10.87 3.16
CA ASP A 575 -6.33 9.90 2.98
C ASP A 575 -7.71 10.53 3.24
N ASP A 576 -7.76 11.60 4.02
CA ASP A 576 -8.99 12.34 4.27
C ASP A 576 -9.03 13.56 3.35
N PRO A 577 -10.12 13.75 2.61
CA PRO A 577 -10.19 14.88 1.66
C PRO A 577 -10.43 16.23 2.30
N GLY A 578 -10.29 16.37 3.62
CA GLY A 578 -10.52 17.64 4.27
C GLY A 578 -9.29 18.52 4.35
N ALA A 579 -8.12 17.91 4.50
CA ALA A 579 -6.89 18.67 4.65
C ALA A 579 -6.56 19.40 3.36
N MET A 580 -6.30 20.70 3.47
CA MET A 580 -5.95 21.52 2.32
C MET A 580 -4.44 21.66 2.23
N MET A 581 -3.99 22.32 1.17
CA MET A 581 -2.58 22.65 1.00
C MET A 581 -2.46 23.73 -0.07
N ILE A 582 -1.64 24.73 0.19
CA ILE A 582 -1.40 25.83 -0.75
C ILE A 582 0.10 26.01 -0.87
N THR A 583 0.58 26.19 -2.10
CA THR A 583 2.01 26.32 -2.35
C THR A 583 2.27 27.51 -3.24
N PHE A 584 3.25 28.34 -2.86
CA PHE A 584 3.70 29.47 -3.66
C PHE A 584 5.09 29.23 -4.21
N ALA A 585 5.44 27.97 -4.47
CA ALA A 585 6.75 27.62 -5.00
C ALA A 585 6.59 26.41 -5.91
N LEU A 586 7.69 26.01 -6.54
CA LEU A 586 7.71 24.86 -7.44
C LEU A 586 8.32 23.62 -6.82
N TYR A 587 9.19 23.77 -5.83
CA TYR A 587 9.85 22.65 -5.15
C TYR A 587 9.49 22.71 -3.67
N PRO A 588 8.33 22.19 -3.29
CA PRO A 588 7.93 22.23 -1.88
C PRO A 588 8.61 21.16 -1.05
N ARG A 589 9.82 21.48 -0.57
CA ARG A 589 10.65 20.65 0.30
C ARG A 589 11.25 19.45 -0.43
N GLU A 590 10.95 19.26 -1.72
CA GLU A 590 11.60 18.18 -2.46
C GLU A 590 13.07 18.47 -2.69
N GLU A 591 13.44 19.74 -2.80
CA GLU A 591 14.81 20.17 -3.01
C GLU A 591 15.19 21.16 -1.92
N TYR A 592 16.47 21.54 -1.91
CA TYR A 592 16.97 22.48 -0.91
C TYR A 592 16.98 23.91 -1.42
N GLN A 593 17.36 24.12 -2.68
CA GLN A 593 17.43 25.47 -3.22
C GLN A 593 16.04 26.10 -3.21
N PRO A 594 15.90 27.34 -2.76
CA PRO A 594 14.56 27.95 -2.70
C PRO A 594 13.98 28.16 -4.09
N SER A 595 12.66 28.05 -4.18
CA SER A 595 11.93 28.15 -5.43
C SER A 595 10.85 29.21 -5.34
N GLY A 596 11.21 30.38 -4.82
CA GLY A 596 10.30 31.49 -4.74
C GLY A 596 9.59 31.55 -3.38
N HIS A 597 9.02 32.72 -3.11
CA HIS A 597 8.34 32.96 -1.83
C HIS A 597 7.54 34.25 -1.93
N ILE A 598 6.30 34.21 -1.44
CA ILE A 598 5.47 35.41 -1.35
C ILE A 598 5.79 36.08 -0.02
N ASN A 599 6.50 37.21 -0.09
CA ASN A 599 6.94 37.88 1.13
C ASN A 599 5.76 38.43 1.91
N VAL A 600 5.91 38.47 3.23
CA VAL A 600 4.88 39.00 4.10
C VAL A 600 5.31 40.25 4.85
N SER A 601 6.62 40.48 5.03
CA SER A 601 7.07 41.69 5.71
C SER A 601 6.70 42.95 4.93
N ARG A 602 6.61 42.86 3.61
CA ARG A 602 6.19 43.98 2.79
C ARG A 602 4.67 44.03 2.58
N ALA A 603 3.99 42.91 2.78
CA ALA A 603 2.54 42.82 2.60
C ALA A 603 1.93 42.53 3.98
N ARG A 604 1.59 43.60 4.70
CA ARG A 604 1.00 43.42 6.02
C ARG A 604 -0.38 42.79 5.95
N GLU A 605 -1.26 43.34 5.11
CA GLU A 605 -2.61 42.82 4.99
C GLU A 605 -2.60 41.40 4.43
N PHE A 606 -3.64 40.64 4.78
CA PHE A 606 -3.76 39.25 4.36
C PHE A 606 -5.16 38.78 4.75
N TYR A 607 -5.65 37.79 4.02
CA TYR A 607 -6.99 37.28 4.27
C TYR A 607 -7.10 35.83 3.83
N ILE A 608 -8.03 35.12 4.44
CA ILE A 608 -8.42 33.77 4.02
C ILE A 608 -9.91 33.64 4.21
N SER A 609 -10.64 33.42 3.12
CA SER A 609 -12.09 33.33 3.14
C SER A 609 -12.53 31.97 2.63
N TRP A 610 -13.73 31.56 3.05
CA TRP A 610 -14.22 30.23 2.73
C TRP A 610 -15.70 30.15 3.10
N ASP A 611 -16.46 29.40 2.31
CA ASP A 611 -17.82 29.07 2.68
C ASP A 611 -17.81 27.85 3.60
N SER A 612 -18.99 27.50 4.10
CA SER A 612 -19.10 26.37 5.02
C SER A 612 -20.54 25.87 5.03
N ASP A 613 -20.69 24.64 5.54
CA ASP A 613 -22.00 24.07 5.80
C ASP A 613 -22.10 23.45 7.17
N TYR A 614 -21.07 23.58 8.02
CA TYR A 614 -21.05 22.96 9.33
C TYR A 614 -20.73 23.93 10.46
N VAL A 615 -20.16 25.10 10.16
CA VAL A 615 -19.87 26.09 11.19
C VAL A 615 -21.19 26.67 11.70
N GLY A 616 -21.14 27.35 12.84
CA GLY A 616 -22.35 27.94 13.41
C GLY A 616 -22.23 28.25 14.89
N SER A 617 -23.23 27.85 15.66
CA SER A 617 -23.26 28.10 17.10
C SER A 617 -23.24 26.82 17.92
N ILE A 618 -23.88 25.75 17.43
CA ILE A 618 -23.89 24.48 18.17
C ILE A 618 -22.62 23.68 17.90
N THR A 619 -22.19 23.60 16.64
CA THR A 619 -20.98 22.87 16.25
C THR A 619 -20.02 23.88 15.63
N THR A 620 -19.19 24.49 16.46
CA THR A 620 -18.24 25.48 15.99
C THR A 620 -17.08 24.79 15.28
N ALA A 621 -16.07 25.57 14.89
CA ALA A 621 -14.94 25.03 14.15
C ALA A 621 -13.74 25.94 14.36
N ASP A 622 -12.60 25.34 14.66
CA ASP A 622 -11.36 26.07 14.91
C ASP A 622 -10.32 25.62 13.88
N LEU A 623 -10.17 26.40 12.81
CA LEU A 623 -9.20 26.04 11.78
C LEU A 623 -7.79 26.22 12.30
N VAL A 624 -6.86 25.54 11.62
CA VAL A 624 -5.44 25.58 11.97
C VAL A 624 -4.65 25.89 10.71
N VAL A 625 -3.52 26.55 10.89
CA VAL A 625 -2.66 26.93 9.77
C VAL A 625 -1.22 26.88 10.23
N SER A 626 -0.37 26.29 9.39
CA SER A 626 1.06 26.25 9.66
C SER A 626 1.81 26.78 8.46
N SER A 627 3.14 26.71 8.48
CA SER A 627 3.94 27.20 7.36
C SER A 627 5.38 26.76 7.58
N SER A 628 6.22 27.04 6.59
CA SER A 628 7.66 26.76 6.66
C SER A 628 8.35 28.05 6.20
N ALA A 629 8.58 28.95 7.14
CA ALA A 629 9.10 30.28 6.83
C ALA A 629 10.61 30.20 6.64
N ILE A 630 11.06 30.36 5.39
CA ILE A 630 12.49 30.41 5.14
C ILE A 630 13.09 31.62 5.83
N ASN A 631 14.13 31.39 6.61
CA ASN A 631 14.81 32.46 7.33
C ASN A 631 16.23 32.00 7.64
N PHE A 632 17.19 32.89 7.37
CA PHE A 632 18.59 32.58 7.56
C PHE A 632 19.14 33.36 8.74
N LEU A 633 20.05 32.73 9.49
CA LEU A 633 20.60 33.31 10.71
C LEU A 633 22.11 33.29 10.66
N LEU A 634 22.71 33.94 11.65
CA LEU A 634 24.16 33.97 11.83
C LEU A 634 24.54 33.16 13.06
N LEU A 635 25.66 32.46 12.98
CA LEU A 635 26.08 31.57 14.07
C LEU A 635 26.68 32.37 15.22
N GLN A 636 27.75 33.11 14.95
CA GLN A 636 28.43 33.89 15.98
C GLN A 636 27.97 35.33 15.99
N CYS B 8 35.92 10.12 18.53
CA CYS B 8 35.58 8.72 18.36
C CYS B 8 36.60 8.01 17.49
N LEU B 9 36.31 6.77 17.10
CA LEU B 9 37.21 6.01 16.25
C LEU B 9 37.14 6.53 14.83
N ILE B 10 37.92 7.57 14.54
CA ILE B 10 37.92 8.20 13.21
C ILE B 10 39.36 8.30 12.72
N ALA B 11 40.31 8.07 13.63
CA ALA B 11 41.72 8.14 13.30
C ALA B 11 42.28 6.79 12.85
N ASN B 12 41.41 5.87 12.43
CA ASN B 12 41.84 4.55 11.96
C ASN B 12 42.18 4.65 10.48
N ASP B 13 43.36 5.21 10.22
CA ASP B 13 43.86 5.37 8.86
C ASP B 13 44.67 4.13 8.48
N GLY B 14 45.40 4.22 7.37
CA GLY B 14 46.19 3.10 6.90
C GLY B 14 46.77 3.31 5.52
N LYS B 15 46.61 2.31 4.65
CA LYS B 15 47.11 2.39 3.29
C LYS B 15 46.10 1.96 2.23
N ALA B 16 44.89 1.55 2.64
CA ALA B 16 43.86 1.13 1.69
C ALA B 16 42.84 2.21 1.40
N ASP B 17 42.64 3.16 2.33
CA ASP B 17 41.69 4.24 2.15
C ASP B 17 42.35 5.53 1.68
N LYS B 18 43.58 5.46 1.19
CA LYS B 18 44.27 6.66 0.73
C LYS B 18 43.55 7.29 -0.45
N ILE B 19 43.29 6.51 -1.49
CA ILE B 19 42.66 7.05 -2.70
C ILE B 19 41.30 7.64 -2.39
N ILE B 20 40.61 7.12 -1.38
CA ILE B 20 39.25 7.57 -1.10
C ILE B 20 39.17 8.70 -0.08
N LEU B 21 40.22 8.91 0.74
CA LEU B 21 40.22 10.01 1.69
C LEU B 21 41.11 11.18 1.28
N ALA B 22 42.35 10.91 0.86
CA ALA B 22 43.30 11.96 0.48
C ALA B 22 43.53 12.93 1.64
N GLN B 23 43.72 12.39 2.84
CA GLN B 23 44.00 13.22 4.00
C GLN B 23 45.32 13.95 3.85
N ASP B 24 46.31 13.30 3.22
CA ASP B 24 47.59 13.94 2.97
C ASP B 24 47.43 15.17 2.08
N LEU B 25 46.68 15.03 0.98
CA LEU B 25 46.48 16.15 0.07
C LEU B 25 45.63 17.24 0.71
N LEU B 26 44.64 16.85 1.52
CA LEU B 26 43.84 17.84 2.24
C LEU B 26 44.72 18.67 3.18
N ASN B 27 45.59 17.99 3.94
CA ASN B 27 46.48 18.70 4.85
C ASN B 27 47.46 19.59 4.09
N SER B 28 47.97 19.10 2.95
CA SER B 28 48.90 19.89 2.16
C SER B 28 48.23 21.16 1.63
N ARG B 29 47.01 21.03 1.10
CA ARG B 29 46.29 22.18 0.58
C ARG B 29 45.97 23.17 1.70
N ILE B 30 45.51 22.68 2.85
CA ILE B 30 45.15 23.59 3.93
C ILE B 30 46.40 24.28 4.49
N SER B 31 47.53 23.58 4.53
CA SER B 31 48.76 24.22 5.00
C SER B 31 49.23 25.28 4.01
N ASN B 32 49.17 24.98 2.71
CA ASN B 32 49.59 25.95 1.71
C ASN B 32 48.72 27.20 1.77
N ILE B 33 47.39 27.03 1.86
CA ILE B 33 46.53 28.21 1.93
C ILE B 33 46.73 28.95 3.24
N LYS B 34 47.04 28.25 4.33
CA LYS B 34 47.30 28.93 5.59
C LYS B 34 48.57 29.78 5.51
N ASN B 35 49.64 29.25 4.92
CA ASN B 35 50.85 30.04 4.77
C ASN B 35 50.63 31.22 3.83
N VAL B 36 49.83 31.02 2.77
CA VAL B 36 49.52 32.13 1.87
C VAL B 36 48.76 33.22 2.62
N ASN B 37 47.78 32.83 3.43
CA ASN B 37 46.99 33.81 4.17
C ASN B 37 47.82 34.50 5.25
N LYS B 38 48.81 33.81 5.82
CA LYS B 38 49.65 34.44 6.83
C LYS B 38 50.64 35.41 6.19
N SER B 39 51.22 35.04 5.05
CA SER B 39 52.15 35.94 4.38
C SER B 39 51.42 37.12 3.74
N TYR B 40 50.13 36.96 3.42
CA TYR B 40 49.37 38.05 2.84
C TYR B 40 48.89 39.06 3.87
N GLY B 41 49.05 38.78 5.16
CA GLY B 41 48.64 39.71 6.19
C GLY B 41 47.15 39.85 6.33
N LYS B 42 46.48 38.79 6.79
CA LYS B 42 45.04 38.81 6.98
C LYS B 42 44.69 38.53 8.43
N PRO B 43 43.64 39.17 8.96
CA PRO B 43 43.20 38.88 10.34
C PRO B 43 42.44 37.57 10.50
N ASP B 44 42.37 36.74 9.47
CA ASP B 44 41.74 35.42 9.52
C ASP B 44 42.78 34.37 9.21
N PRO B 45 43.60 33.99 10.20
CA PRO B 45 44.69 33.03 9.92
C PRO B 45 44.20 31.66 9.48
N GLU B 46 42.95 31.32 9.75
CA GLU B 46 42.49 30.02 9.27
C GLU B 46 41.75 30.17 7.95
N PRO B 47 41.91 29.23 7.03
CA PRO B 47 41.22 29.33 5.75
C PRO B 47 39.73 29.06 5.88
N THR B 48 38.96 29.61 4.96
CA THR B 48 37.51 29.49 4.97
C THR B 48 37.08 28.27 4.16
N LEU B 49 35.78 28.13 3.92
CA LEU B 49 35.23 27.01 3.18
C LEU B 49 35.20 27.26 1.67
N SER B 50 36.06 28.14 1.17
CA SER B 50 36.04 28.52 -0.24
C SER B 50 37.12 27.80 -1.05
N GLN B 51 38.38 27.94 -0.65
CA GLN B 51 39.48 27.37 -1.42
C GLN B 51 39.72 25.90 -1.12
N ILE B 52 39.08 25.35 -0.09
CA ILE B 52 39.27 23.95 0.24
C ILE B 52 38.44 23.02 -0.63
N GLU B 53 37.32 23.51 -1.18
CA GLU B 53 36.38 22.69 -1.93
C GLU B 53 36.79 22.48 -3.38
N GLU B 54 38.07 22.68 -3.72
CA GLU B 54 38.51 22.44 -5.08
C GLU B 54 38.58 20.95 -5.40
N THR B 55 38.96 20.13 -4.43
CA THR B 55 39.13 18.69 -4.65
C THR B 55 38.54 17.90 -3.49
N HIS B 56 37.40 18.36 -2.96
CA HIS B 56 36.75 17.68 -1.86
C HIS B 56 35.24 17.94 -1.95
N LEU B 57 34.51 17.45 -0.95
CA LEU B 57 33.07 17.59 -0.90
C LEU B 57 32.64 17.50 0.56
N VAL B 58 32.38 18.66 1.17
CA VAL B 58 31.96 18.73 2.56
C VAL B 58 30.52 18.29 2.68
N HIS B 59 30.18 17.59 3.76
CA HIS B 59 28.83 17.07 3.96
C HIS B 59 28.00 17.92 4.90
N PHE B 60 28.59 18.50 5.94
CA PHE B 60 27.84 19.38 6.84
C PHE B 60 27.84 20.82 6.35
N ASN B 61 27.44 20.99 5.09
CA ASN B 61 27.39 22.30 4.45
C ASN B 61 26.55 22.19 3.19
N ALA B 62 25.90 23.29 2.83
CA ALA B 62 25.05 23.36 1.65
C ALA B 62 25.60 24.41 0.68
N HIS B 63 24.95 24.52 -0.47
CA HIS B 63 25.33 25.49 -1.49
C HIS B 63 24.14 26.37 -1.85
N PHE B 64 24.42 27.63 -2.14
CA PHE B 64 23.39 28.62 -2.45
C PHE B 64 23.32 28.87 -3.94
N LYS B 65 22.23 29.50 -4.36
CA LYS B 65 22.05 29.88 -5.75
C LYS B 65 21.10 31.07 -5.84
N PRO B 66 21.57 32.24 -6.26
CA PRO B 66 20.67 33.39 -6.42
C PRO B 66 19.55 33.09 -7.40
N TYR B 67 18.33 33.06 -6.88
CA TYR B 67 17.16 32.69 -7.66
C TYR B 67 16.58 33.93 -8.33
N VAL B 68 16.10 33.76 -9.56
CA VAL B 68 15.40 34.83 -10.26
C VAL B 68 13.94 34.84 -9.82
N PRO B 69 13.32 36.00 -9.65
CA PRO B 69 11.93 36.03 -9.18
C PRO B 69 10.97 35.57 -10.26
N VAL B 70 9.90 34.90 -9.82
CA VAL B 70 8.88 34.40 -10.73
C VAL B 70 7.61 34.17 -9.92
N GLY B 71 6.47 34.58 -10.50
CA GLY B 71 5.18 34.40 -9.88
C GLY B 71 4.24 33.61 -10.79
N PHE B 72 3.06 33.33 -10.25
CA PHE B 72 2.05 32.58 -10.99
C PHE B 72 0.70 32.77 -10.33
N GLU B 73 -0.34 32.31 -11.02
CA GLU B 73 -1.71 32.36 -10.51
C GLU B 73 -2.57 31.43 -11.34
N TYR B 74 -3.25 30.49 -10.67
CA TYR B 74 -4.09 29.53 -11.37
C TYR B 74 -5.29 30.23 -11.97
N ASN B 75 -5.30 30.40 -13.28
CA ASN B 75 -6.36 31.09 -14.00
C ASN B 75 -7.54 30.14 -14.19
N LYS B 76 -8.48 30.52 -15.04
CA LYS B 76 -9.65 29.69 -15.32
C LYS B 76 -10.20 30.03 -16.69
N VAL B 77 -10.55 29.00 -17.46
CA VAL B 77 -11.08 29.15 -18.80
C VAL B 77 -12.37 28.34 -18.91
N ARG B 78 -13.35 28.90 -19.61
CA ARG B 78 -14.65 28.26 -19.82
C ARG B 78 -14.69 27.59 -21.19
N PRO B 79 -15.68 26.71 -21.41
CA PRO B 79 -15.75 26.00 -22.70
C PRO B 79 -16.06 26.88 -23.89
N HIS B 80 -16.23 26.27 -25.06
CA HIS B 80 -16.37 27.03 -26.28
C HIS B 80 -17.72 26.74 -26.91
N THR B 81 -18.77 26.76 -26.09
CA THR B 81 -20.16 26.59 -26.51
C THR B 81 -20.39 25.26 -27.25
N GLY B 82 -19.53 24.27 -27.00
CA GLY B 82 -19.69 22.98 -27.62
C GLY B 82 -20.94 22.26 -27.14
N THR B 83 -21.19 21.12 -27.77
CA THR B 83 -22.37 20.32 -27.48
C THR B 83 -22.26 19.67 -26.10
N PRO B 84 -23.32 19.01 -25.63
CA PRO B 84 -23.19 18.16 -24.44
C PRO B 84 -22.42 16.87 -24.73
N THR B 85 -22.46 15.93 -23.78
CA THR B 85 -21.65 14.72 -23.84
C THR B 85 -21.75 13.97 -25.17
N LEU B 86 -22.78 14.26 -25.98
CA LEU B 86 -22.93 13.57 -27.27
C LEU B 86 -21.70 13.79 -28.15
N GLY B 87 -21.46 15.03 -28.56
CA GLY B 87 -20.35 15.35 -29.43
C GLY B 87 -19.12 15.80 -28.66
N ASN B 88 -18.17 16.38 -29.40
CA ASN B 88 -16.94 16.86 -28.77
C ASN B 88 -17.28 18.09 -27.94
N LYS B 89 -17.54 17.89 -26.66
CA LYS B 89 -18.17 18.87 -25.78
C LYS B 89 -17.27 20.02 -25.45
N LEU B 90 -16.13 20.21 -26.10
CA LEU B 90 -15.27 21.32 -25.76
C LEU B 90 -14.25 21.54 -26.85
N THR B 91 -13.85 22.80 -27.02
CA THR B 91 -12.63 23.14 -27.74
C THR B 91 -12.10 24.42 -27.10
N PHE B 92 -11.27 24.26 -26.08
CA PHE B 92 -10.90 25.37 -25.23
C PHE B 92 -9.95 26.32 -25.95
N GLY B 93 -9.57 27.39 -25.27
CA GLY B 93 -8.61 28.32 -25.81
C GLY B 93 -7.49 28.60 -24.83
N ILE B 94 -6.73 29.67 -25.07
CA ILE B 94 -5.68 30.11 -24.15
C ILE B 94 -5.85 31.60 -23.91
N PRO B 95 -6.05 32.04 -22.67
CA PRO B 95 -6.13 33.48 -22.40
C PRO B 95 -4.74 34.08 -22.24
N GLN B 96 -4.56 35.27 -22.80
CA GLN B 96 -3.26 35.94 -22.70
C GLN B 96 -3.17 36.69 -21.38
N TYR B 97 -3.27 35.97 -20.26
CA TYR B 97 -3.09 36.55 -18.94
C TYR B 97 -1.71 36.28 -18.37
N GLY B 98 -1.15 35.10 -18.65
CA GLY B 98 0.18 34.76 -18.17
C GLY B 98 1.25 34.92 -19.23
N ASP B 99 2.46 34.53 -18.85
CA ASP B 99 3.62 34.60 -19.73
C ASP B 99 4.16 33.23 -20.12
N PHE B 100 3.86 32.17 -19.36
CA PHE B 100 4.29 30.82 -19.68
C PHE B 100 3.14 29.84 -19.56
N PHE B 101 3.44 28.54 -19.61
CA PHE B 101 2.45 27.50 -19.45
C PHE B 101 2.99 26.40 -18.54
N HIS B 102 2.08 25.64 -17.95
CA HIS B 102 2.41 24.56 -17.04
C HIS B 102 1.19 23.66 -16.92
N ASP B 103 1.19 22.78 -15.91
CA ASP B 103 0.16 21.78 -15.74
C ASP B 103 -1.24 22.38 -15.80
N MET B 104 -2.17 21.63 -16.37
CA MET B 104 -3.52 22.11 -16.60
C MET B 104 -4.51 21.00 -16.28
N VAL B 105 -5.37 21.23 -15.31
CA VAL B 105 -6.36 20.25 -14.87
C VAL B 105 -7.73 20.70 -15.38
N GLY B 106 -8.49 19.76 -15.92
CA GLY B 106 -9.87 20.02 -16.29
C GLY B 106 -10.79 19.89 -15.09
N HIS B 107 -12.09 20.00 -15.38
CA HIS B 107 -13.10 19.83 -14.35
C HIS B 107 -14.44 19.56 -15.03
N HIS B 108 -15.14 18.53 -14.57
CA HIS B 108 -16.44 18.19 -15.13
C HIS B 108 -17.30 17.57 -14.04
N ILE B 109 -18.59 17.89 -14.06
CA ILE B 109 -19.54 17.31 -13.14
C ILE B 109 -20.65 16.65 -13.94
N LEU B 110 -21.22 15.58 -13.38
CA LEU B 110 -22.31 14.85 -14.02
C LEU B 110 -23.55 14.94 -13.15
N GLY B 111 -24.62 15.49 -13.71
CA GLY B 111 -25.88 15.57 -13.00
C GLY B 111 -26.41 14.21 -12.59
N ALA B 112 -27.27 14.22 -11.59
CA ALA B 112 -27.83 12.98 -11.07
C ALA B 112 -28.71 12.29 -12.12
N CYS B 113 -28.99 11.03 -11.88
CA CYS B 113 -29.78 10.20 -12.78
C CYS B 113 -31.10 9.83 -12.12
N HIS B 114 -31.85 8.95 -12.78
CA HIS B 114 -33.10 8.43 -12.25
C HIS B 114 -33.22 6.98 -12.67
N SER B 115 -34.43 6.42 -12.53
CA SER B 115 -34.68 5.04 -12.91
C SER B 115 -36.07 4.93 -13.52
N SER B 116 -36.17 4.18 -14.62
CA SER B 116 -37.44 4.00 -15.31
C SER B 116 -38.26 2.93 -14.59
N TRP B 117 -39.42 3.33 -14.08
CA TRP B 117 -40.27 2.39 -13.35
C TRP B 117 -40.74 1.27 -14.26
N GLN B 118 -40.59 0.03 -13.80
CA GLN B 118 -40.98 -1.15 -14.56
C GLN B 118 -42.13 -1.86 -13.86
N ASP B 119 -42.67 -2.87 -14.55
CA ASP B 119 -43.78 -3.65 -14.03
C ASP B 119 -43.25 -4.87 -13.28
N ALA B 120 -44.13 -5.82 -12.97
CA ALA B 120 -43.79 -7.05 -12.27
C ALA B 120 -44.07 -8.25 -13.15
N PRO B 121 -43.42 -9.38 -12.88
CA PRO B 121 -43.71 -10.60 -13.67
C PRO B 121 -45.05 -11.22 -13.29
N ILE B 122 -46.11 -10.72 -13.93
CA ILE B 122 -47.50 -10.98 -13.54
C ILE B 122 -47.81 -12.47 -13.39
N GLN B 123 -47.06 -13.33 -14.08
CA GLN B 123 -47.30 -14.76 -14.00
C GLN B 123 -45.98 -15.50 -14.01
N GLY B 124 -46.04 -16.78 -13.64
CA GLY B 124 -44.85 -17.62 -13.59
C GLY B 124 -44.31 -17.97 -14.96
N THR B 125 -44.82 -17.33 -16.00
CA THR B 125 -44.32 -17.49 -17.35
C THR B 125 -44.55 -16.19 -18.09
N SER B 126 -43.51 -15.65 -18.72
CA SER B 126 -43.62 -14.38 -19.42
C SER B 126 -42.64 -14.38 -20.59
N GLN B 127 -42.57 -13.24 -21.26
CA GLN B 127 -41.67 -13.08 -22.41
C GLN B 127 -40.23 -12.96 -21.93
N MET B 128 -39.32 -13.58 -22.67
CA MET B 128 -37.90 -13.51 -22.36
C MET B 128 -37.24 -12.40 -23.17
N GLY B 129 -36.01 -12.07 -22.78
CA GLY B 129 -35.22 -11.07 -23.47
C GLY B 129 -35.09 -9.78 -22.71
N ALA B 130 -33.97 -9.61 -22.02
CA ALA B 130 -33.64 -8.37 -21.34
C ALA B 130 -32.17 -8.00 -21.46
N HIS B 131 -31.35 -8.85 -22.07
CA HIS B 131 -29.92 -8.66 -22.20
C HIS B 131 -29.43 -9.70 -23.20
N GLY B 132 -28.11 -9.90 -23.26
CA GLY B 132 -27.59 -11.03 -24.03
C GLY B 132 -28.24 -12.34 -23.65
N GLN B 133 -28.57 -12.50 -22.37
CA GLN B 133 -29.32 -13.64 -21.88
C GLN B 133 -30.50 -13.11 -21.05
N LEU B 134 -31.44 -14.00 -20.75
CA LEU B 134 -32.59 -13.62 -19.94
C LEU B 134 -33.29 -14.87 -19.43
N GLN B 135 -34.16 -14.67 -18.43
CA GLN B 135 -34.87 -15.75 -17.79
C GLN B 135 -36.03 -15.16 -17.00
N THR B 136 -36.93 -16.04 -16.54
CA THR B 136 -38.07 -15.64 -15.74
C THR B 136 -38.25 -16.64 -14.60
N PHE B 137 -39.08 -16.28 -13.64
CA PHE B 137 -39.34 -17.17 -12.51
C PHE B 137 -40.43 -18.16 -12.88
N PRO B 138 -40.19 -19.47 -12.74
CA PRO B 138 -41.07 -20.46 -13.38
C PRO B 138 -42.17 -21.03 -12.50
N ARG B 139 -43.36 -21.15 -13.10
CA ARG B 139 -44.44 -22.03 -12.67
C ARG B 139 -44.73 -22.04 -11.17
N ASN B 140 -44.49 -20.91 -10.50
CA ASN B 140 -44.86 -20.73 -9.08
C ASN B 140 -44.30 -21.84 -8.18
N GLY B 141 -43.27 -22.56 -8.64
CA GLY B 141 -42.61 -23.56 -7.83
C GLY B 141 -42.81 -24.98 -8.27
N TYR B 142 -43.72 -25.25 -9.21
CA TYR B 142 -43.97 -26.63 -9.63
C TYR B 142 -42.84 -27.16 -10.49
N ASP B 143 -42.26 -26.31 -11.34
CA ASP B 143 -41.22 -26.71 -12.28
C ASP B 143 -39.91 -25.99 -11.96
N TRP B 144 -38.92 -26.18 -12.83
CA TRP B 144 -37.61 -25.55 -12.69
C TRP B 144 -37.33 -24.51 -13.77
N ASP B 145 -37.81 -24.74 -15.00
CA ASP B 145 -37.72 -23.75 -16.06
C ASP B 145 -38.99 -23.75 -16.90
N ASN B 146 -40.13 -24.06 -16.29
CA ASN B 146 -41.43 -24.24 -16.95
C ASN B 146 -41.44 -25.42 -17.92
N GLN B 147 -40.43 -26.30 -17.86
CA GLN B 147 -40.34 -27.40 -18.81
C GLN B 147 -39.91 -28.71 -18.17
N THR B 148 -39.97 -28.83 -16.84
CA THR B 148 -39.49 -30.04 -16.18
C THR B 148 -40.14 -30.20 -14.81
N PRO B 149 -40.73 -31.36 -14.52
CA PRO B 149 -41.26 -31.60 -13.17
C PRO B 149 -40.15 -31.63 -12.14
N LEU B 150 -40.44 -31.07 -10.97
CA LEU B 150 -39.51 -31.04 -9.85
C LEU B 150 -40.24 -31.47 -8.58
N GLU B 151 -39.46 -31.82 -7.57
CA GLU B 151 -40.03 -32.29 -6.30
C GLU B 151 -41.08 -31.33 -5.77
N GLY B 152 -40.69 -30.09 -5.51
CA GLY B 152 -41.62 -29.08 -5.02
C GLY B 152 -40.93 -27.83 -4.52
N ALA B 153 -41.49 -26.67 -4.82
CA ALA B 153 -40.89 -25.39 -4.44
C ALA B 153 -41.96 -24.31 -4.54
N VAL B 154 -41.53 -23.06 -4.38
CA VAL B 154 -42.40 -21.90 -4.51
C VAL B 154 -41.52 -20.69 -4.79
N TYR B 155 -41.99 -19.80 -5.65
CA TYR B 155 -41.22 -18.64 -6.07
C TYR B 155 -41.93 -17.36 -5.63
N THR B 156 -41.19 -16.48 -4.96
CA THR B 156 -41.64 -15.17 -4.56
C THR B 156 -40.67 -14.13 -5.12
N LEU B 157 -40.80 -12.88 -4.66
CA LEU B 157 -39.93 -11.81 -5.11
C LEU B 157 -39.28 -11.14 -3.91
N VAL B 158 -38.27 -10.32 -4.21
CA VAL B 158 -37.53 -9.61 -3.18
C VAL B 158 -36.80 -8.45 -3.85
N ASP B 159 -36.55 -7.38 -3.08
CA ASP B 159 -35.80 -6.24 -3.57
C ASP B 159 -34.35 -6.33 -3.11
N PRO B 160 -33.42 -5.77 -3.88
CA PRO B 160 -31.99 -5.96 -3.54
C PRO B 160 -31.60 -5.41 -2.19
N PHE B 161 -32.01 -4.19 -1.85
CA PHE B 161 -31.59 -3.57 -0.61
C PHE B 161 -32.32 -4.20 0.57
N GLY B 162 -31.99 -5.44 0.88
CA GLY B 162 -32.64 -6.17 1.95
C GLY B 162 -33.55 -7.27 1.44
N ARG B 163 -34.70 -7.46 2.09
CA ARG B 163 -35.70 -8.42 1.64
C ARG B 163 -37.09 -7.85 1.87
N PRO B 164 -37.43 -6.74 1.20
CA PRO B 164 -38.79 -6.20 1.32
C PRO B 164 -39.77 -7.00 0.46
N ILE B 165 -40.31 -8.08 1.02
CA ILE B 165 -41.11 -9.05 0.26
C ILE B 165 -42.15 -8.34 -0.58
N VAL B 166 -42.09 -8.58 -1.89
CA VAL B 166 -42.97 -7.94 -2.86
C VAL B 166 -44.26 -8.74 -2.94
N PRO B 167 -45.43 -8.10 -3.00
CA PRO B 167 -46.67 -8.85 -3.24
C PRO B 167 -46.57 -9.65 -4.53
N GLY B 168 -47.22 -10.80 -4.52
CA GLY B 168 -47.05 -11.76 -5.60
C GLY B 168 -47.42 -11.25 -6.98
N THR B 169 -46.40 -11.01 -7.80
CA THR B 169 -46.58 -10.71 -9.23
C THR B 169 -47.44 -9.46 -9.47
N LYS B 170 -47.49 -8.55 -8.51
CA LYS B 170 -48.24 -7.31 -8.71
C LYS B 170 -47.64 -6.23 -7.82
N ASN B 171 -46.77 -5.41 -8.39
CA ASN B 171 -46.15 -4.28 -7.70
C ASN B 171 -45.35 -3.48 -8.72
N ALA B 172 -44.62 -2.48 -8.22
CA ALA B 172 -43.71 -1.67 -9.03
C ALA B 172 -42.31 -1.78 -8.46
N TYR B 173 -41.32 -1.37 -9.26
CA TYR B 173 -39.93 -1.42 -8.85
C TYR B 173 -39.10 -0.55 -9.78
N ARG B 174 -38.01 -0.01 -9.24
CA ARG B 174 -37.07 0.77 -10.02
C ARG B 174 -35.90 -0.11 -10.43
N ASN B 175 -34.87 0.49 -11.01
CA ASN B 175 -33.64 -0.22 -11.37
C ASN B 175 -32.46 0.59 -10.88
N LEU B 176 -31.57 -0.06 -10.13
CA LEU B 176 -30.43 0.62 -9.55
C LEU B 176 -29.51 1.17 -10.63
N VAL B 177 -28.89 2.31 -10.33
CA VAL B 177 -28.03 3.02 -11.27
C VAL B 177 -26.66 3.16 -10.63
N TYR B 178 -25.64 2.61 -11.28
CA TYR B 178 -24.27 2.67 -10.77
C TYR B 178 -23.34 3.06 -11.89
N TYR B 179 -22.38 3.92 -11.57
CA TYR B 179 -21.46 4.45 -12.57
C TYR B 179 -20.46 3.38 -12.99
N CYS B 180 -19.55 3.78 -13.88
CA CYS B 180 -18.54 2.87 -14.38
C CYS B 180 -17.26 3.00 -13.56
N GLU B 181 -16.51 1.91 -13.49
CA GLU B 181 -15.25 1.92 -12.76
C GLU B 181 -14.23 2.80 -13.48
N TYR B 182 -13.56 3.66 -12.72
CA TYR B 182 -12.59 4.63 -13.24
C TYR B 182 -13.21 5.51 -14.31
N PRO B 183 -14.24 6.32 -13.99
CA PRO B 183 -14.83 7.19 -15.01
C PRO B 183 -13.95 8.36 -15.39
N GLY B 184 -12.91 8.65 -14.61
CA GLY B 184 -12.00 9.73 -14.93
C GLY B 184 -11.31 9.54 -16.26
N LEU B 185 -10.63 8.41 -16.42
CA LEU B 185 -9.98 8.11 -17.70
C LEU B 185 -10.91 7.30 -18.61
N ARG B 186 -12.13 7.81 -18.79
CA ARG B 186 -13.04 7.31 -19.82
C ARG B 186 -13.79 8.40 -20.54
N LEU B 187 -13.95 9.59 -19.95
CA LEU B 187 -14.57 10.70 -20.65
C LEU B 187 -13.75 11.10 -21.87
N TYR B 188 -12.48 11.44 -21.66
CA TYR B 188 -11.66 11.99 -22.72
C TYR B 188 -11.26 10.90 -23.71
N GLU B 189 -12.10 10.65 -24.70
CA GLU B 189 -11.81 9.59 -25.67
C GLU B 189 -10.68 10.00 -26.60
N ASN B 190 -10.48 11.29 -26.81
CA ASN B 190 -9.43 11.75 -27.73
C ASN B 190 -9.14 13.22 -27.44
N VAL B 191 -7.87 13.53 -27.22
CA VAL B 191 -7.42 14.89 -26.98
C VAL B 191 -6.54 15.31 -28.15
N ARG B 192 -6.37 16.62 -28.31
CA ARG B 192 -5.54 17.14 -29.40
C ARG B 192 -5.14 18.56 -29.07
N PHE B 193 -3.86 18.88 -29.29
CA PHE B 193 -3.33 20.21 -29.04
C PHE B 193 -2.72 20.75 -30.33
N GLU B 194 -3.17 21.92 -30.75
CA GLU B 194 -2.71 22.50 -32.01
C GLU B 194 -2.62 24.02 -31.88
N VAL B 195 -1.60 24.59 -32.50
CA VAL B 195 -1.41 26.03 -32.54
C VAL B 195 -1.40 26.47 -34.01
N ASN B 196 -2.32 27.37 -34.35
CA ASN B 196 -2.46 27.87 -35.72
C ASN B 196 -2.65 26.71 -36.70
N GLY B 197 -3.55 25.80 -36.36
CA GLY B 197 -3.93 24.73 -37.26
C GLY B 197 -3.00 23.53 -37.24
N ASN B 198 -1.71 23.76 -37.06
CA ASN B 198 -0.74 22.68 -37.07
C ASN B 198 -0.88 21.84 -35.81
N SER B 199 -1.22 20.57 -35.98
CA SER B 199 -1.35 19.67 -34.85
C SER B 199 0.03 19.28 -34.31
N LEU B 200 0.14 19.15 -33.00
CA LEU B 200 1.41 18.84 -32.35
C LEU B 200 1.40 17.47 -31.69
N ASP B 201 0.46 17.22 -30.77
CA ASP B 201 0.44 15.97 -30.04
C ASP B 201 -1.01 15.57 -29.78
N GLU B 202 -1.19 14.33 -29.35
CA GLU B 202 -2.53 13.80 -29.06
C GLU B 202 -2.35 12.48 -28.33
N TYR B 203 -3.47 11.90 -27.91
CA TYR B 203 -3.53 10.56 -27.34
C TYR B 203 -5.00 10.15 -27.30
N SER B 204 -5.29 9.03 -26.64
CA SER B 204 -6.64 8.50 -26.59
C SER B 204 -6.88 7.94 -25.20
N SER B 205 -7.95 7.15 -25.05
CA SER B 205 -8.22 6.51 -23.78
C SER B 205 -7.26 5.35 -23.51
N ASP B 206 -6.78 4.70 -24.58
CA ASP B 206 -5.83 3.60 -24.40
C ASP B 206 -4.53 4.09 -23.79
N VAL B 207 -4.03 5.24 -24.23
CA VAL B 207 -2.79 5.76 -23.69
C VAL B 207 -2.97 6.19 -22.24
N THR B 208 -4.13 6.77 -21.91
CA THR B 208 -4.38 7.17 -20.53
C THR B 208 -4.60 5.97 -19.63
N THR B 209 -5.01 4.81 -20.18
CA THR B 209 -5.10 3.60 -19.39
C THR B 209 -3.81 2.81 -19.35
N LEU B 210 -2.86 3.12 -20.24
CA LEU B 210 -1.53 2.54 -20.21
C LEU B 210 -0.51 3.44 -19.53
N VAL B 211 -0.94 4.59 -19.02
CA VAL B 211 -0.07 5.47 -18.23
C VAL B 211 -0.52 5.55 -16.78
N ARG B 212 -1.73 5.10 -16.46
CA ARG B 212 -2.17 5.05 -15.07
C ARG B 212 -1.50 3.91 -14.32
N LYS B 213 -1.25 2.78 -14.97
CA LYS B 213 -0.61 1.64 -14.34
C LYS B 213 0.89 1.81 -14.15
N PHE B 214 1.51 2.79 -14.82
CA PHE B 214 2.96 2.89 -14.83
C PHE B 214 3.49 4.20 -14.27
N CYS B 215 2.92 5.34 -14.67
CA CYS B 215 3.56 6.62 -14.37
C CYS B 215 3.45 6.99 -12.90
N ILE B 216 2.23 6.97 -12.36
CA ILE B 216 2.04 7.47 -10.99
C ILE B 216 2.64 6.50 -10.00
N PRO B 217 3.50 6.95 -9.09
CA PRO B 217 4.04 6.05 -8.06
C PRO B 217 2.94 5.64 -7.09
N GLY B 218 3.24 4.58 -6.33
CA GLY B 218 2.26 4.01 -5.43
C GLY B 218 1.87 4.89 -4.27
N ASP B 219 2.57 6.00 -4.05
CA ASP B 219 2.25 6.88 -2.92
C ASP B 219 1.00 7.70 -3.19
N LYS B 220 0.92 8.33 -4.37
CA LYS B 220 -0.19 9.19 -4.72
C LYS B 220 -1.42 8.44 -5.21
N MET B 221 -1.51 7.14 -4.95
CA MET B 221 -2.69 6.40 -5.36
C MET B 221 -3.94 6.87 -4.60
N THR B 222 -3.78 7.19 -3.32
CA THR B 222 -4.90 7.71 -2.54
C THR B 222 -5.40 9.03 -3.11
N GLY B 223 -4.47 9.88 -3.56
CA GLY B 223 -4.88 11.13 -4.18
C GLY B 223 -5.54 10.92 -5.53
N TYR B 224 -5.01 10.00 -6.33
CA TYR B 224 -5.58 9.74 -7.65
C TYR B 224 -6.99 9.18 -7.54
N LYS B 225 -7.22 8.28 -6.57
CA LYS B 225 -8.54 7.69 -6.43
C LYS B 225 -9.60 8.71 -6.08
N HIS B 226 -9.23 9.78 -5.37
CA HIS B 226 -10.13 10.88 -5.10
C HIS B 226 -10.19 11.88 -6.25
N LEU B 227 -9.13 11.98 -7.04
CA LEU B 227 -9.12 12.93 -8.15
C LEU B 227 -10.04 12.47 -9.27
N VAL B 228 -9.89 11.23 -9.73
CA VAL B 228 -10.63 10.76 -10.90
C VAL B 228 -11.92 10.04 -10.50
N GLY B 229 -12.37 10.22 -9.26
CA GLY B 229 -13.66 9.68 -8.85
C GLY B 229 -13.74 8.17 -8.82
N GLN B 230 -13.01 7.54 -7.90
CA GLN B 230 -13.10 6.10 -7.67
C GLN B 230 -13.35 5.86 -6.19
N GLU B 231 -14.17 4.85 -5.90
CA GLU B 231 -14.48 4.52 -4.53
C GLU B 231 -13.21 4.10 -3.80
N VAL B 232 -13.05 4.60 -2.57
CA VAL B 232 -11.88 4.33 -1.75
C VAL B 232 -12.28 3.36 -0.64
N SER B 233 -11.41 2.38 -0.39
CA SER B 233 -11.67 1.37 0.65
C SER B 233 -11.36 1.99 2.00
N VAL B 234 -12.40 2.50 2.66
CA VAL B 234 -12.22 3.12 3.97
C VAL B 234 -11.97 2.03 5.01
N GLU B 235 -11.09 2.34 5.96
CA GLU B 235 -10.71 1.37 6.98
C GLU B 235 -11.89 1.05 7.88
N GLY B 236 -11.87 -0.15 8.47
CA GLY B 236 -12.93 -0.60 9.34
C GLY B 236 -12.37 -1.15 10.63
N THR B 237 -13.28 -1.39 11.58
CA THR B 237 -12.95 -1.97 12.87
C THR B 237 -14.04 -2.96 13.25
N SER B 238 -13.90 -3.54 14.44
CA SER B 238 -14.87 -4.50 14.95
C SER B 238 -14.76 -4.54 16.47
N GLY B 239 -15.49 -5.46 17.09
CA GLY B 239 -15.47 -5.63 18.52
C GLY B 239 -14.47 -6.69 18.95
N PRO B 240 -14.09 -6.68 20.21
CA PRO B 240 -13.09 -7.64 20.69
C PRO B 240 -13.70 -9.03 20.86
N LEU B 241 -12.90 -10.05 20.54
CA LEU B 241 -13.30 -11.43 20.69
C LEU B 241 -12.07 -12.28 20.95
N LEU B 242 -12.22 -13.28 21.80
CA LEU B 242 -11.10 -14.09 22.24
C LEU B 242 -10.82 -15.22 21.24
N CYS B 243 -9.55 -15.58 21.14
CA CYS B 243 -9.08 -16.64 20.24
C CYS B 243 -8.27 -17.65 21.03
N ASN B 244 -8.44 -18.93 20.69
CA ASN B 244 -7.77 -20.01 21.40
C ASN B 244 -6.39 -20.21 20.80
N ILE B 245 -5.37 -19.63 21.44
CA ILE B 245 -4.01 -19.76 20.95
C ILE B 245 -3.48 -21.14 21.32
N HIS B 246 -2.77 -21.78 20.38
CA HIS B 246 -2.29 -23.14 20.58
C HIS B 246 -1.00 -23.30 19.77
N ASP B 247 0.13 -23.29 20.47
CA ASP B 247 1.44 -23.38 19.84
C ASP B 247 1.93 -24.83 19.83
N LEU B 248 3.02 -25.05 19.11
CA LEU B 248 3.66 -26.35 19.00
C LEU B 248 5.03 -26.29 19.64
N HIS B 249 5.30 -27.21 20.57
CA HIS B 249 6.51 -27.15 21.38
C HIS B 249 7.65 -28.00 20.80
N LYS B 250 7.43 -29.30 20.66
CA LYS B 250 8.50 -30.24 20.32
C LYS B 250 7.91 -31.61 20.01
N PRO B 251 8.65 -32.49 19.35
CA PRO B 251 8.12 -33.83 19.03
C PRO B 251 8.07 -34.71 20.28
N HIS B 252 6.86 -35.04 20.72
CA HIS B 252 6.61 -35.97 21.81
C HIS B 252 7.23 -35.54 23.13
N GLN B 253 7.71 -34.29 23.22
CA GLN B 253 8.17 -33.78 24.51
C GLN B 253 7.03 -33.73 25.52
N SER B 254 5.81 -33.53 25.05
CA SER B 254 4.60 -33.65 25.87
C SER B 254 3.48 -33.94 24.89
N LYS B 255 2.82 -35.09 25.04
CA LYS B 255 1.96 -35.64 24.00
C LYS B 255 0.50 -35.74 24.45
N PRO B 256 -0.24 -34.61 24.46
CA PRO B 256 -1.70 -34.71 24.48
C PRO B 256 -2.25 -34.82 23.06
N ILE B 257 -3.02 -35.85 22.78
CA ILE B 257 -3.53 -36.04 21.43
C ILE B 257 -4.52 -34.94 21.07
N LEU B 258 -5.64 -34.88 21.78
CA LEU B 258 -6.66 -33.85 21.60
C LEU B 258 -7.59 -33.92 22.79
N THR B 259 -8.47 -32.93 22.90
CA THR B 259 -9.47 -32.92 23.95
C THR B 259 -10.57 -31.94 23.56
N ASP B 260 -11.81 -32.28 23.91
CA ASP B 260 -12.95 -31.46 23.53
C ASP B 260 -13.01 -30.17 24.34
N GLU B 261 -12.98 -30.28 25.67
CA GLU B 261 -13.19 -29.12 26.53
C GLU B 261 -12.22 -28.99 27.69
N ASN B 262 -11.48 -30.04 28.04
CA ASN B 262 -10.67 -30.03 29.26
C ASN B 262 -9.19 -30.16 28.91
N ASP B 263 -8.37 -30.34 29.95
CA ASP B 263 -6.92 -30.49 29.82
C ASP B 263 -6.31 -29.28 29.12
N THR B 264 -6.49 -28.12 29.72
CA THR B 264 -5.92 -26.87 29.19
C THR B 264 -4.54 -26.58 29.79
N GLN B 265 -3.67 -27.58 29.73
CA GLN B 265 -2.33 -27.52 30.30
C GLN B 265 -1.54 -28.70 29.74
N ARG B 266 -0.38 -28.96 30.34
CA ARG B 266 0.50 -30.12 30.13
C ARG B 266 1.33 -30.00 28.86
N THR B 267 1.29 -28.88 28.16
CA THR B 267 2.18 -28.72 27.02
C THR B 267 3.60 -28.39 27.50
N CYS B 268 4.57 -28.58 26.62
CA CYS B 268 5.95 -28.36 26.99
C CYS B 268 6.26 -26.86 27.06
N SER B 269 7.49 -26.55 27.45
CA SER B 269 7.90 -25.17 27.68
C SER B 269 8.74 -24.64 26.53
N HIS B 270 8.64 -23.34 26.30
CA HIS B 270 9.39 -22.62 25.28
C HIS B 270 10.01 -21.37 25.88
N THR B 271 10.69 -21.54 27.01
CA THR B 271 11.31 -20.43 27.76
C THR B 271 10.24 -19.40 28.16
N ASN B 272 9.35 -19.87 29.04
CA ASN B 272 8.17 -19.13 29.48
C ASN B 272 8.38 -17.63 29.74
N PRO B 273 9.46 -17.17 30.42
CA PRO B 273 9.59 -15.73 30.66
C PRO B 273 9.54 -14.87 29.39
N LYS B 274 9.89 -15.46 28.25
CA LYS B 274 9.84 -14.74 26.99
C LYS B 274 8.47 -14.86 26.31
N PHE B 275 7.83 -16.03 26.44
CA PHE B 275 6.53 -16.25 25.82
C PHE B 275 5.37 -15.91 26.75
N LEU B 276 5.65 -15.38 27.95
CA LEU B 276 4.60 -14.93 28.85
C LEU B 276 4.71 -13.46 29.20
N SER B 277 5.63 -12.73 28.58
CA SER B 277 5.76 -11.29 28.80
C SER B 277 5.32 -10.46 27.61
N GLN B 278 5.05 -11.09 26.46
CA GLN B 278 4.63 -10.39 25.25
C GLN B 278 3.17 -10.59 24.93
N HIS B 279 2.43 -11.33 25.77
CA HIS B 279 1.02 -11.58 25.51
C HIS B 279 0.10 -11.23 26.68
N PHE B 280 0.65 -10.74 27.79
CA PHE B 280 -0.13 -10.31 28.95
C PHE B 280 -1.09 -11.40 29.41
N PRO B 281 -0.59 -12.48 30.01
CA PRO B 281 -1.48 -13.57 30.44
C PRO B 281 -2.37 -13.22 31.62
N HIS B 282 -2.41 -11.96 32.04
CA HIS B 282 -3.20 -11.55 33.20
C HIS B 282 -4.48 -10.84 32.79
N PHE B 283 -4.83 -10.83 31.50
CA PHE B 283 -6.11 -10.22 31.12
C PHE B 283 -6.95 -11.04 30.14
N PRO B 284 -7.10 -12.35 30.28
CA PRO B 284 -8.27 -13.02 29.72
C PRO B 284 -9.37 -13.35 30.71
N GLU B 285 -9.15 -13.13 32.00
CA GLU B 285 -9.99 -13.66 33.07
C GLU B 285 -10.66 -12.53 33.86
N ASN B 286 -11.80 -12.86 34.48
CA ASN B 286 -12.51 -11.92 35.32
C ASN B 286 -11.87 -11.83 36.70
N ILE B 287 -11.21 -12.91 37.15
CA ILE B 287 -10.65 -12.96 38.49
C ILE B 287 -9.59 -11.87 38.66
N GLN B 288 -9.29 -11.55 39.92
CA GLN B 288 -8.41 -10.43 40.26
C GLN B 288 -7.10 -10.48 39.48
N THR B 289 -6.64 -9.31 39.04
CA THR B 289 -5.39 -9.14 38.33
C THR B 289 -4.51 -8.18 39.11
N ALA B 290 -3.42 -8.68 39.66
CA ALA B 290 -2.56 -7.87 40.51
C ALA B 290 -1.81 -6.82 39.68
N GLY B 291 -1.01 -6.02 40.37
CA GLY B 291 -0.22 -4.99 39.71
C GLY B 291 1.10 -5.52 39.16
N LYS B 292 1.06 -6.72 38.61
CA LYS B 292 2.24 -7.38 38.08
C LYS B 292 1.80 -8.36 37.01
N GLN B 293 2.75 -9.18 36.53
CA GLN B 293 2.45 -10.21 35.56
C GLN B 293 1.98 -11.47 36.28
N ASP B 294 1.87 -12.56 35.54
CA ASP B 294 1.50 -13.86 36.12
C ASP B 294 2.62 -14.85 35.86
N ILE B 295 3.86 -14.44 36.14
CA ILE B 295 5.03 -15.24 35.79
C ILE B 295 5.01 -16.59 36.50
N THR B 296 5.75 -17.53 35.93
CA THR B 296 5.86 -18.89 36.43
C THR B 296 4.50 -19.57 36.65
N PRO B 297 3.71 -19.76 35.59
CA PRO B 297 2.50 -20.59 35.72
C PRO B 297 2.79 -22.04 35.38
N ILE B 298 1.77 -22.89 35.43
CA ILE B 298 1.93 -24.25 34.94
C ILE B 298 2.23 -24.19 33.44
N THR B 299 3.04 -25.14 32.97
CA THR B 299 3.64 -25.04 31.64
C THR B 299 2.60 -24.87 30.54
N ASP B 300 2.59 -23.67 29.94
CA ASP B 300 1.73 -23.34 28.80
C ASP B 300 2.18 -22.01 28.21
N ALA B 301 2.29 -21.95 26.88
CA ALA B 301 2.92 -20.80 26.24
C ALA B 301 2.09 -19.53 26.42
N THR B 302 0.80 -19.59 26.10
CA THR B 302 -0.03 -18.40 26.17
C THR B 302 -1.45 -18.82 26.54
N TYR B 303 -2.21 -17.87 27.09
CA TYR B 303 -3.55 -18.12 27.62
C TYR B 303 -4.53 -17.11 27.04
N LEU B 304 -5.15 -17.46 25.91
CA LEU B 304 -6.31 -16.74 25.37
C LEU B 304 -5.98 -15.27 25.08
N ASP B 305 -5.13 -15.08 24.08
CA ASP B 305 -4.85 -13.74 23.59
C ASP B 305 -6.12 -13.11 23.02
N ILE B 306 -6.09 -11.78 22.89
CA ILE B 306 -7.24 -11.00 22.44
C ILE B 306 -7.01 -10.56 21.00
N ARG B 307 -8.05 -10.67 20.17
CA ARG B 307 -7.97 -10.39 18.75
C ARG B 307 -9.11 -9.49 18.33
N ARG B 308 -8.84 -8.63 17.35
CA ARG B 308 -9.82 -7.71 16.80
C ARG B 308 -9.76 -7.78 15.28
N ASN B 309 -10.87 -8.19 14.66
CA ASN B 309 -10.90 -8.30 13.20
C ASN B 309 -10.97 -6.92 12.56
N VAL B 310 -10.82 -6.91 11.24
CA VAL B 310 -10.87 -5.68 10.45
C VAL B 310 -11.70 -5.96 9.21
N HIS B 311 -12.81 -5.26 9.06
CA HIS B 311 -13.71 -5.42 7.92
C HIS B 311 -13.57 -4.21 7.02
N TYR B 312 -13.06 -4.42 5.81
CA TYR B 312 -12.99 -3.34 4.83
C TYR B 312 -14.38 -3.07 4.25
N SER B 313 -14.61 -1.82 3.88
CA SER B 313 -15.87 -1.39 3.30
C SER B 313 -15.60 -0.31 2.28
N CYS B 314 -16.37 -0.33 1.19
CA CYS B 314 -16.20 0.61 0.10
C CYS B 314 -17.46 1.44 -0.07
N ASN B 315 -17.28 2.66 -0.58
CA ASN B 315 -18.40 3.55 -0.83
C ASN B 315 -17.97 4.56 -1.89
N GLY B 316 -18.93 4.97 -2.71
CA GLY B 316 -18.66 5.93 -3.76
C GLY B 316 -19.59 5.78 -4.94
N PRO B 317 -19.24 6.43 -6.06
CA PRO B 317 -20.12 6.37 -7.23
C PRO B 317 -20.20 5.01 -7.88
N GLN B 318 -19.28 4.09 -7.58
CA GLN B 318 -19.32 2.76 -8.18
C GLN B 318 -20.27 1.81 -7.48
N THR B 319 -20.90 2.22 -6.37
CA THR B 319 -21.85 1.37 -5.67
C THR B 319 -23.24 1.54 -6.28
N PRO B 320 -24.05 0.48 -6.31
CA PRO B 320 -25.38 0.56 -6.92
C PRO B 320 -26.39 1.15 -5.95
N LYS B 321 -27.06 2.22 -6.36
CA LYS B 321 -28.10 2.86 -5.58
C LYS B 321 -29.22 3.30 -6.50
N TYR B 322 -30.22 3.97 -5.93
CA TYR B 322 -31.37 4.45 -6.68
C TYR B 322 -31.18 5.85 -7.24
N TYR B 323 -30.21 6.60 -6.72
CA TYR B 323 -30.03 8.00 -7.13
C TYR B 323 -28.60 8.38 -6.80
N GLN B 324 -27.80 8.66 -7.83
CA GLN B 324 -26.40 8.98 -7.63
C GLN B 324 -26.22 10.49 -7.54
N PRO B 325 -25.71 11.02 -6.42
CA PRO B 325 -25.47 12.46 -6.31
C PRO B 325 -24.49 12.93 -7.37
N PRO B 326 -24.48 14.23 -7.68
CA PRO B 326 -23.58 14.73 -8.72
C PRO B 326 -22.10 14.55 -8.37
N LEU B 327 -21.40 13.72 -9.12
CA LEU B 327 -19.99 13.47 -8.88
C LEU B 327 -19.16 14.63 -9.43
N ALA B 328 -17.84 14.52 -9.29
CA ALA B 328 -16.90 15.54 -9.79
C ALA B 328 -15.71 14.82 -10.40
N LEU B 329 -15.78 14.55 -11.71
CA LEU B 329 -14.77 13.77 -12.40
C LEU B 329 -13.65 14.69 -12.86
N TRP B 330 -12.75 15.00 -11.94
CA TRP B 330 -11.55 15.75 -12.30
C TRP B 330 -10.70 14.94 -13.25
N ILE B 331 -10.02 15.63 -14.16
CA ILE B 331 -9.21 14.99 -15.18
C ILE B 331 -7.96 15.83 -15.42
N LYS B 332 -6.80 15.19 -15.38
CA LYS B 332 -5.54 15.83 -15.72
C LYS B 332 -5.23 15.58 -17.19
N LEU B 333 -4.38 16.45 -17.76
CA LEU B 333 -3.99 16.37 -19.16
C LEU B 333 -2.49 16.10 -19.23
N ARG B 334 -2.12 14.94 -19.76
CA ARG B 334 -0.73 14.52 -19.86
C ARG B 334 -0.16 14.94 -21.20
N PHE B 335 0.82 15.83 -21.18
CA PHE B 335 1.48 16.33 -22.39
C PHE B 335 2.96 16.45 -22.07
N TRP B 336 3.69 17.18 -22.93
CA TRP B 336 5.01 17.66 -22.58
C TRP B 336 4.98 19.02 -21.90
N PHE B 337 3.83 19.67 -21.87
CA PHE B 337 3.67 20.96 -21.20
C PHE B 337 3.23 20.81 -19.75
N ASN B 338 2.44 19.79 -19.45
CA ASN B 338 2.02 19.51 -18.07
C ASN B 338 2.99 18.54 -17.39
N ASP B 339 4.27 18.88 -17.43
CA ASP B 339 5.32 18.04 -16.89
C ASP B 339 6.35 18.95 -16.23
N ASN B 340 7.54 18.42 -15.97
CA ASN B 340 8.61 19.17 -15.35
C ASN B 340 8.89 20.46 -16.12
N VAL B 341 8.65 21.61 -15.46
CA VAL B 341 8.90 22.90 -16.08
C VAL B 341 10.38 23.27 -16.11
N ASN B 342 11.25 22.42 -15.60
CA ASN B 342 12.68 22.70 -15.59
C ASN B 342 13.27 22.59 -16.99
N ALA B 344 8.40 25.83 -20.18
CA ALA B 344 7.79 25.06 -21.25
C ALA B 344 6.60 25.80 -21.86
N ILE B 345 6.46 25.71 -23.18
CA ILE B 345 5.40 26.38 -23.92
C ILE B 345 5.40 27.87 -23.61
N PRO B 346 6.37 28.63 -24.11
CA PRO B 346 6.43 30.05 -23.73
C PRO B 346 5.19 30.85 -24.09
N SER B 347 4.76 30.82 -25.35
CA SER B 347 3.56 31.54 -25.80
C SER B 347 3.70 33.04 -25.61
N VAL B 348 4.93 33.55 -25.63
CA VAL B 348 5.18 34.98 -25.66
C VAL B 348 5.48 35.46 -27.08
N SER B 349 6.29 34.71 -27.83
CA SER B 349 6.50 35.01 -29.23
C SER B 349 5.35 34.53 -30.10
N ILE B 350 4.52 33.63 -29.59
CA ILE B 350 3.30 33.22 -30.30
C ILE B 350 2.29 34.36 -30.29
N PRO B 351 1.61 34.65 -31.40
CA PRO B 351 0.63 35.74 -31.40
C PRO B 351 -0.54 35.44 -30.47
N PHE B 352 -1.37 36.47 -30.29
CA PHE B 352 -2.52 36.34 -29.40
C PHE B 352 -3.54 35.36 -29.98
N GLY B 353 -4.05 34.47 -29.13
CA GLY B 353 -5.01 33.50 -29.57
C GLY B 353 -4.40 32.45 -30.50
N GLU B 354 -5.25 31.88 -31.34
CA GLU B 354 -4.84 30.90 -32.35
C GLU B 354 -4.18 29.68 -31.71
N ARG B 355 -4.72 29.24 -30.58
CA ARG B 355 -4.24 28.03 -29.91
C ARG B 355 -5.42 27.43 -29.15
N PHE B 356 -5.76 26.19 -29.48
CA PHE B 356 -6.96 25.56 -28.93
C PHE B 356 -6.65 24.14 -28.47
N ILE B 357 -7.59 23.58 -27.71
CA ILE B 357 -7.58 22.19 -27.33
C ILE B 357 -8.80 21.54 -27.98
N THR B 358 -8.84 20.21 -27.93
CA THR B 358 -10.01 19.48 -28.42
C THR B 358 -10.17 18.22 -27.59
N ILE B 359 -11.39 18.00 -27.09
CA ILE B 359 -11.66 16.90 -26.17
C ILE B 359 -12.91 16.19 -26.67
N LYS B 360 -12.72 15.12 -27.44
CA LYS B 360 -13.87 14.36 -27.96
C LYS B 360 -14.41 13.48 -26.84
N LEU B 361 -15.43 13.98 -26.14
CA LEU B 361 -15.98 13.24 -25.01
C LEU B 361 -16.59 11.92 -25.46
N ALA B 362 -16.75 11.01 -24.50
CA ALA B 362 -17.28 9.68 -24.77
C ALA B 362 -18.80 9.73 -24.80
N SER B 363 -19.44 8.56 -24.81
CA SER B 363 -20.89 8.46 -24.89
C SER B 363 -21.48 8.19 -23.51
N GLN B 364 -22.79 8.41 -23.41
CA GLN B 364 -23.51 8.18 -22.17
C GLN B 364 -24.02 6.76 -22.05
N LYS B 365 -24.27 6.08 -23.17
CA LYS B 365 -24.72 4.70 -23.13
C LYS B 365 -23.66 3.75 -22.59
N ASP B 366 -22.41 4.18 -22.49
CA ASP B 366 -21.31 3.33 -22.01
C ASP B 366 -20.68 3.87 -20.74
N LEU B 367 -21.39 4.72 -19.99
CA LEU B 367 -20.92 5.20 -18.70
C LEU B 367 -21.84 4.85 -17.55
N VAL B 368 -23.03 4.32 -17.82
CA VAL B 368 -24.01 4.01 -16.79
C VAL B 368 -24.69 2.71 -17.16
N ASN B 369 -24.65 1.74 -16.26
CA ASN B 369 -25.33 0.46 -16.44
C ASN B 369 -26.54 0.40 -15.52
N GLU B 370 -27.18 -0.76 -15.47
CA GLU B 370 -28.26 -1.03 -14.55
C GLU B 370 -27.87 -2.21 -13.67
N PHE B 371 -28.70 -2.48 -12.67
CA PHE B 371 -28.54 -3.62 -11.80
C PHE B 371 -29.90 -4.28 -11.61
N PRO B 372 -29.94 -5.59 -11.39
CA PRO B 372 -31.22 -6.26 -11.18
C PRO B 372 -31.91 -5.72 -9.93
N GLY B 373 -33.19 -5.37 -10.09
CA GLY B 373 -33.93 -4.74 -9.02
C GLY B 373 -35.05 -5.58 -8.45
N LEU B 374 -35.19 -6.81 -8.93
CA LEU B 374 -36.22 -7.72 -8.41
C LEU B 374 -35.66 -9.15 -8.50
N PHE B 375 -35.07 -9.61 -7.40
CA PHE B 375 -34.50 -10.95 -7.36
C PHE B 375 -35.61 -11.99 -7.26
N VAL B 376 -35.67 -12.90 -8.24
CA VAL B 376 -36.57 -14.02 -8.15
C VAL B 376 -36.16 -14.90 -6.98
N ARG B 377 -37.12 -15.25 -6.13
CA ARG B 377 -36.81 -16.05 -4.96
C ARG B 377 -36.27 -17.41 -5.37
N GLN B 378 -35.62 -18.07 -4.41
CA GLN B 378 -34.87 -19.28 -4.72
C GLN B 378 -35.77 -20.51 -4.70
N SER B 379 -35.20 -21.63 -5.13
CA SER B 379 -35.89 -22.92 -5.13
C SER B 379 -35.94 -23.43 -3.70
N THR B 380 -36.94 -22.94 -2.96
CA THR B 380 -37.13 -23.35 -1.57
C THR B 380 -37.70 -24.76 -1.51
N VAL B 381 -36.92 -25.74 -1.97
CA VAL B 381 -37.38 -27.12 -2.08
C VAL B 381 -37.48 -27.75 -0.70
N ILE B 382 -38.14 -28.90 -0.62
CA ILE B 382 -38.18 -29.71 0.60
C ILE B 382 -37.79 -31.13 0.17
N ALA B 383 -36.50 -31.44 0.26
CA ALA B 383 -36.00 -32.76 -0.14
C ALA B 383 -35.88 -33.68 1.08
N GLY B 384 -37.03 -33.98 1.66
CA GLY B 384 -37.06 -34.77 2.88
C GLY B 384 -36.72 -33.94 4.11
N ARG B 385 -36.41 -34.65 5.19
CA ARG B 385 -36.03 -33.99 6.44
C ARG B 385 -34.61 -33.43 6.37
N PRO B 386 -33.58 -34.23 6.04
CA PRO B 386 -32.22 -33.66 6.00
C PRO B 386 -32.04 -32.76 4.78
N SER B 387 -31.35 -31.64 5.01
CA SER B 387 -31.12 -30.63 3.97
C SER B 387 -32.44 -30.20 3.33
N ARG B 388 -33.45 -30.00 4.17
CA ARG B 388 -34.78 -29.66 3.70
C ARG B 388 -34.79 -28.31 2.98
N ARG B 389 -34.50 -27.23 3.70
CA ARG B 389 -34.53 -25.90 3.11
C ARG B 389 -33.28 -25.66 2.27
N ASN B 390 -33.42 -24.76 1.30
CA ASN B 390 -32.32 -24.44 0.39
C ASN B 390 -32.66 -23.15 -0.34
N ILE B 391 -31.71 -22.21 -0.38
CA ILE B 391 -31.92 -20.91 -1.01
C ILE B 391 -30.67 -20.53 -1.79
N ARG B 392 -30.85 -20.23 -3.08
CA ARG B 392 -29.81 -19.68 -3.93
C ARG B 392 -30.46 -18.79 -4.96
N PHE B 393 -30.15 -17.49 -4.92
CA PHE B 393 -30.91 -16.51 -5.69
C PHE B 393 -30.39 -16.41 -7.12
N LYS B 394 -31.11 -15.63 -7.94
CA LYS B 394 -30.81 -15.41 -9.34
C LYS B 394 -31.39 -14.06 -9.75
N PRO B 395 -30.70 -13.30 -10.60
CA PRO B 395 -31.14 -11.94 -10.91
C PRO B 395 -32.30 -11.91 -11.91
N TRP B 396 -32.89 -10.74 -12.04
CA TRP B 396 -34.03 -10.50 -12.91
C TRP B 396 -34.23 -9.00 -13.12
N PHE B 397 -34.25 -8.54 -14.38
CA PHE B 397 -34.33 -7.10 -14.59
C PHE B 397 -34.85 -6.73 -15.98
N ILE B 398 -34.87 -5.43 -16.26
CA ILE B 398 -35.39 -4.86 -17.51
C ILE B 398 -34.75 -3.50 -17.74
N PRO B 399 -33.84 -3.36 -18.70
CA PRO B 399 -33.18 -2.07 -18.94
C PRO B 399 -34.15 -0.95 -19.28
N GLY B 400 -33.60 0.24 -19.51
CA GLY B 400 -34.43 1.44 -19.55
C GLY B 400 -33.86 2.64 -18.82
N VAL B 401 -32.56 2.61 -18.54
CA VAL B 401 -31.89 3.63 -17.74
C VAL B 401 -31.38 4.71 -18.68
N ILE B 402 -31.99 4.81 -19.86
CA ILE B 402 -31.60 5.70 -20.95
C ILE B 402 -31.72 7.17 -20.56
N ASN B 403 -32.11 7.43 -19.30
CA ASN B 403 -32.23 8.80 -18.80
C ASN B 403 -31.03 9.65 -19.19
N GLU B 404 -31.28 10.94 -19.38
CA GLU B 404 -30.40 11.83 -20.14
C GLU B 404 -29.54 12.72 -19.23
N ILE B 405 -28.99 12.18 -18.15
CA ILE B 405 -28.03 12.93 -17.36
C ILE B 405 -26.82 13.28 -18.23
N SER B 406 -26.31 14.49 -18.04
CA SER B 406 -25.21 14.97 -18.88
C SER B 406 -24.36 15.96 -18.08
N LEU B 407 -23.16 16.20 -18.60
CA LEU B 407 -22.20 17.09 -17.95
C LEU B 407 -22.63 18.53 -18.13
N THR B 408 -23.08 19.17 -17.05
CA THR B 408 -23.57 20.54 -17.13
C THR B 408 -22.42 21.54 -17.07
N ASN B 409 -21.67 21.57 -15.97
CA ASN B 409 -20.64 22.57 -15.76
C ASN B 409 -19.28 22.04 -16.19
N ASN B 410 -18.48 22.92 -16.79
CA ASN B 410 -17.16 22.55 -17.28
C ASN B 410 -16.24 23.76 -17.15
N GLU B 411 -14.99 23.51 -16.78
CA GLU B 411 -13.97 24.56 -16.71
C GLU B 411 -12.64 23.95 -17.11
N LEU B 412 -11.57 24.76 -17.00
CA LEU B 412 -10.22 24.27 -17.27
C LEU B 412 -9.25 25.15 -16.49
N TYR B 413 -8.76 24.65 -15.36
CA TYR B 413 -7.87 25.41 -14.50
C TYR B 413 -6.45 25.36 -15.08
N ILE B 414 -6.01 26.46 -15.67
CA ILE B 414 -4.67 26.59 -16.23
C ILE B 414 -3.89 27.56 -15.37
N ASN B 415 -2.74 27.13 -14.86
CA ASN B 415 -1.85 28.04 -14.17
C ASN B 415 -0.91 28.70 -15.18
N ASN B 416 -0.09 29.62 -14.71
CA ASN B 416 0.79 30.39 -15.59
C ASN B 416 2.14 30.53 -14.90
N LEU B 417 2.96 31.44 -15.42
CA LEU B 417 4.24 31.78 -14.81
C LEU B 417 4.52 33.25 -15.14
N PHE B 418 4.33 34.12 -14.16
CA PHE B 418 4.62 35.54 -14.36
C PHE B 418 6.11 35.80 -14.27
N VAL B 419 6.60 36.65 -15.16
CA VAL B 419 8.02 36.98 -15.21
C VAL B 419 8.18 38.46 -14.95
N THR B 420 9.31 38.82 -14.34
CA THR B 420 9.65 40.23 -14.18
C THR B 420 9.84 40.86 -15.56
N PRO B 421 9.33 42.08 -15.78
CA PRO B 421 9.45 42.71 -17.10
C PRO B 421 10.88 42.98 -17.54
N GLU B 422 11.85 42.62 -16.70
CA GLU B 422 13.25 42.74 -17.07
C GLU B 422 13.76 41.51 -17.83
N ILE B 423 13.36 40.31 -17.39
CA ILE B 423 13.69 39.11 -18.14
C ILE B 423 12.77 38.93 -19.33
N HIS B 424 11.55 39.48 -19.26
CA HIS B 424 10.56 39.33 -20.32
C HIS B 424 10.98 39.96 -21.64
N ASN B 425 12.05 40.78 -21.64
CA ASN B 425 12.43 41.53 -22.83
C ASN B 425 13.68 41.00 -23.52
N LEU B 426 14.37 40.03 -22.95
CA LEU B 426 15.62 39.55 -23.54
C LEU B 426 15.41 38.43 -24.55
N TYR B 427 14.40 37.59 -24.35
CA TYR B 427 14.13 36.47 -25.26
C TYR B 427 12.86 36.67 -26.08
N VAL B 428 12.31 37.89 -26.09
CA VAL B 428 11.10 38.14 -26.86
C VAL B 428 11.38 38.27 -28.35
N LYS B 429 12.64 38.49 -28.74
CA LYS B 429 13.03 38.58 -30.14
C LYS B 429 13.94 37.43 -30.56
N ARG B 430 13.94 36.33 -29.80
CA ARG B 430 14.82 35.21 -30.08
C ARG B 430 14.00 33.92 -30.17
N VAL B 431 14.59 32.92 -30.82
CA VAL B 431 13.98 31.61 -30.99
C VAL B 431 14.94 30.55 -30.45
N ARG B 432 14.38 29.54 -29.78
CA ARG B 432 15.20 28.53 -29.13
C ARG B 432 14.56 27.16 -29.31
N PHE B 433 15.39 26.18 -29.65
CA PHE B 433 14.94 24.79 -29.78
C PHE B 433 15.20 24.05 -28.48
N SER B 434 14.38 23.01 -28.25
CA SER B 434 14.48 22.26 -27.00
C SER B 434 13.87 20.89 -27.19
N LEU B 435 14.54 19.87 -26.65
CA LEU B 435 14.06 18.51 -26.76
C LEU B 435 12.77 18.34 -25.95
N ILE B 436 11.74 17.76 -26.58
CA ILE B 436 10.46 17.55 -25.93
C ILE B 436 10.05 16.09 -26.10
N ARG B 437 8.83 15.76 -25.66
CA ARG B 437 8.30 14.41 -25.81
C ARG B 437 6.83 14.48 -26.21
N VAL B 438 6.40 13.51 -27.02
CA VAL B 438 5.03 13.42 -27.48
C VAL B 438 4.51 12.01 -27.19
N HIS B 439 3.28 11.74 -27.59
CA HIS B 439 2.64 10.45 -27.36
C HIS B 439 2.09 9.90 -28.68
N LYS B 440 2.95 9.23 -29.45
CA LYS B 440 2.48 8.55 -30.65
C LYS B 440 1.70 7.31 -30.26
N THR B 441 0.82 6.88 -31.17
CA THR B 441 -0.04 5.73 -30.92
C THR B 441 -0.51 5.17 -32.25
N GLN B 442 -0.64 3.85 -32.32
CA GLN B 442 -1.17 3.21 -33.52
C GLN B 442 -1.85 1.92 -33.09
N VAL B 443 -3.17 1.96 -32.94
CA VAL B 443 -3.91 0.74 -32.62
C VAL B 443 -4.16 -0.05 -33.90
N THR B 444 -4.37 -1.35 -33.75
CA THR B 444 -4.57 -2.22 -34.90
C THR B 444 -5.37 -3.44 -34.47
N HIS B 445 -5.81 -4.20 -35.46
CA HIS B 445 -6.59 -5.41 -35.24
C HIS B 445 -5.76 -6.62 -35.66
N THR B 446 -6.06 -7.77 -35.06
CA THR B 446 -5.28 -8.98 -35.30
C THR B 446 -6.19 -10.19 -35.45
N ASN B 447 -5.58 -11.29 -35.90
CA ASN B 447 -6.22 -12.56 -36.17
C ASN B 447 -5.13 -13.63 -36.15
N ASN B 448 -5.42 -14.79 -36.75
CA ASN B 448 -4.44 -15.87 -36.89
C ASN B 448 -3.98 -16.39 -35.52
N ASN B 449 -4.91 -17.11 -34.88
CA ASN B 449 -4.76 -17.70 -33.55
C ASN B 449 -3.38 -18.30 -33.28
N HIS B 450 -2.74 -18.85 -34.30
CA HIS B 450 -1.44 -19.49 -34.12
C HIS B 450 -0.35 -18.42 -34.00
N HIS B 451 0.91 -18.82 -34.13
CA HIS B 451 2.04 -17.91 -33.90
C HIS B 451 2.08 -16.90 -35.04
N ASP B 452 1.23 -15.89 -34.93
CA ASP B 452 1.05 -14.89 -35.96
C ASP B 452 2.10 -13.79 -35.84
N GLU B 453 1.89 -12.69 -36.55
CA GLU B 453 2.71 -11.50 -36.45
C GLU B 453 1.83 -10.30 -36.77
N LYS B 454 2.47 -9.16 -37.00
CA LYS B 454 1.76 -7.93 -37.37
C LYS B 454 2.80 -6.93 -37.85
N LEU B 455 2.35 -5.73 -38.17
CA LEU B 455 3.23 -4.66 -38.62
C LEU B 455 2.87 -3.38 -37.88
N MET B 456 3.85 -2.53 -37.68
CA MET B 456 3.68 -1.29 -36.93
C MET B 456 3.88 -0.10 -37.85
N SER B 457 2.95 0.84 -37.81
CA SER B 457 3.01 2.04 -38.65
C SER B 457 2.82 3.29 -37.80
N ALA B 458 2.76 4.45 -38.45
CA ALA B 458 2.57 5.74 -37.81
C ALA B 458 3.63 6.06 -36.77
N LEU B 459 4.79 5.42 -36.85
CA LEU B 459 5.92 5.66 -35.94
C LEU B 459 7.15 5.92 -36.79
N LYS B 460 7.58 7.17 -36.86
CA LYS B 460 8.76 7.49 -37.65
C LYS B 460 9.79 8.29 -36.85
N TRP B 461 9.32 9.08 -35.89
CA TRP B 461 10.22 9.90 -35.11
C TRP B 461 11.05 9.02 -34.17
N PRO B 462 12.26 9.45 -33.83
CA PRO B 462 13.12 8.65 -32.94
C PRO B 462 12.40 8.29 -31.65
N ILE B 463 12.52 7.02 -31.26
CA ILE B 463 11.73 6.44 -30.19
C ILE B 463 12.65 6.06 -29.04
N GLU B 464 12.21 6.35 -27.82
CA GLU B 464 12.99 6.06 -26.61
C GLU B 464 12.08 5.54 -25.51
N TYR B 465 11.11 4.71 -25.88
CA TYR B 465 10.03 4.32 -24.98
C TYR B 465 9.15 3.34 -25.75
N MET B 466 8.27 2.65 -25.02
CA MET B 466 7.36 1.71 -25.68
C MET B 466 6.34 1.21 -24.69
N PHE B 467 5.27 0.63 -25.21
CA PHE B 467 4.27 -0.09 -24.44
C PHE B 467 3.50 -0.99 -25.40
N ILE B 468 3.22 -2.22 -24.96
CA ILE B 468 2.46 -3.17 -25.76
C ILE B 468 1.44 -3.85 -24.85
N GLY B 469 0.21 -3.98 -25.33
CA GLY B 469 -0.81 -4.67 -24.59
C GLY B 469 -1.86 -5.29 -25.49
N LEU B 470 -2.13 -6.57 -25.32
CA LEU B 470 -3.11 -7.28 -26.12
C LEU B 470 -4.43 -7.30 -25.36
N LYS B 471 -5.42 -6.55 -25.86
CA LYS B 471 -6.71 -6.42 -25.22
C LYS B 471 -7.78 -7.11 -26.04
N PRO B 472 -8.43 -8.15 -25.52
CA PRO B 472 -9.49 -8.83 -26.29
C PRO B 472 -10.75 -7.99 -26.32
N THR B 473 -11.31 -7.81 -27.52
CA THR B 473 -12.49 -6.97 -27.69
C THR B 473 -13.78 -7.67 -27.25
N TRP B 474 -13.69 -8.79 -26.56
CA TRP B 474 -14.86 -9.33 -25.88
C TRP B 474 -15.28 -8.46 -24.71
N ASN B 475 -14.33 -7.73 -24.12
CA ASN B 475 -14.63 -6.89 -22.97
C ASN B 475 -15.46 -5.68 -23.37
N ILE B 476 -14.96 -4.89 -24.32
CA ILE B 476 -15.61 -3.64 -24.71
C ILE B 476 -16.78 -3.97 -25.64
N SER B 477 -16.99 -5.27 -25.88
CA SER B 477 -18.16 -5.71 -26.62
C SER B 477 -19.43 -5.20 -25.93
N ASP B 478 -20.34 -4.65 -26.73
CA ASP B 478 -21.50 -3.96 -26.17
C ASP B 478 -22.36 -4.89 -25.32
N GLN B 479 -22.59 -6.10 -25.78
CA GLN B 479 -23.51 -7.00 -25.09
C GLN B 479 -22.90 -7.64 -23.84
N ASN B 480 -21.66 -7.31 -23.50
CA ASN B 480 -21.04 -7.90 -22.32
C ASN B 480 -21.66 -7.29 -21.07
N PRO B 481 -22.22 -8.11 -20.17
CA PRO B 481 -22.88 -7.55 -18.97
C PRO B 481 -21.92 -6.86 -18.02
N HIS B 482 -20.62 -7.12 -18.12
CA HIS B 482 -19.62 -6.58 -17.22
C HIS B 482 -18.70 -5.60 -17.92
N GLN B 483 -19.16 -5.04 -19.04
CA GLN B 483 -18.30 -4.25 -19.90
C GLN B 483 -17.89 -2.94 -19.24
N HIS B 484 -18.86 -2.21 -18.70
CA HIS B 484 -18.61 -0.90 -18.11
C HIS B 484 -18.23 -0.97 -16.64
N ARG B 485 -17.67 -2.10 -16.20
CA ARG B 485 -17.16 -2.18 -14.83
C ARG B 485 -15.75 -2.76 -14.80
N ASP B 486 -15.40 -3.53 -15.83
CA ASP B 486 -14.12 -4.24 -15.88
C ASP B 486 -13.50 -4.08 -17.27
N TRP B 487 -13.49 -2.85 -17.79
CA TRP B 487 -12.95 -2.59 -19.12
C TRP B 487 -11.48 -2.21 -19.12
N HIS B 488 -10.96 -1.67 -18.01
CA HIS B 488 -9.57 -1.24 -17.96
C HIS B 488 -8.58 -2.39 -17.82
N LYS B 489 -9.03 -3.63 -17.97
CA LYS B 489 -8.16 -4.79 -17.84
C LYS B 489 -7.49 -5.11 -19.18
N PHE B 490 -6.33 -5.77 -19.08
CA PHE B 490 -5.55 -6.15 -20.25
C PHE B 490 -5.41 -7.66 -20.34
N GLY B 491 -6.51 -8.36 -20.11
CA GLY B 491 -6.52 -9.82 -20.20
C GLY B 491 -7.93 -10.33 -20.14
N HIS B 492 -8.10 -11.56 -20.60
CA HIS B 492 -9.40 -12.22 -20.58
C HIS B 492 -9.80 -12.48 -19.13
N VAL B 493 -10.73 -11.71 -18.62
CA VAL B 493 -11.18 -11.83 -17.23
C VAL B 493 -12.29 -12.85 -17.13
N VAL B 494 -12.34 -13.56 -16.01
CA VAL B 494 -13.38 -14.53 -15.72
C VAL B 494 -13.86 -14.30 -14.30
N ASN B 495 -15.18 -14.31 -14.11
CA ASN B 495 -15.76 -14.13 -12.78
C ASN B 495 -15.76 -15.46 -12.03
N ALA B 496 -15.36 -15.41 -10.76
CA ALA B 496 -15.31 -16.58 -9.89
C ALA B 496 -16.32 -16.36 -8.77
N ILE B 497 -17.55 -16.81 -9.00
CA ILE B 497 -18.60 -16.60 -8.02
C ILE B 497 -18.39 -17.49 -6.80
N MET B 498 -18.95 -17.07 -5.67
CA MET B 498 -18.90 -17.82 -4.43
C MET B 498 -20.28 -17.76 -3.78
N GLN B 499 -20.37 -18.27 -2.55
CA GLN B 499 -21.61 -18.20 -1.80
C GLN B 499 -21.34 -18.33 -0.31
N PRO B 500 -21.15 -17.22 0.41
CA PRO B 500 -20.97 -17.31 1.86
C PRO B 500 -22.28 -17.61 2.58
N THR B 501 -22.64 -18.88 2.63
CA THR B 501 -23.93 -19.29 3.19
C THR B 501 -23.91 -19.18 4.71
N HIS B 502 -25.02 -19.61 5.33
CA HIS B 502 -25.15 -19.67 6.77
C HIS B 502 -25.95 -20.91 7.12
N HIS B 503 -25.28 -21.89 7.72
CA HIS B 503 -25.88 -23.20 7.95
C HIS B 503 -26.55 -23.28 9.32
N ALA B 504 -27.50 -24.20 9.42
CA ALA B 504 -28.19 -24.48 10.67
C ALA B 504 -28.41 -25.98 10.77
N GLU B 505 -27.91 -26.58 11.85
CA GLU B 505 -28.00 -28.02 12.06
C GLU B 505 -28.59 -28.26 13.45
N ILE B 506 -29.87 -28.61 13.49
CA ILE B 506 -30.60 -28.79 14.74
C ILE B 506 -31.31 -30.14 14.71
N SER B 507 -31.37 -30.80 15.86
CA SER B 507 -32.10 -32.05 16.02
C SER B 507 -33.26 -31.78 16.97
N PHE B 508 -34.46 -31.62 16.40
CA PHE B 508 -35.64 -31.33 17.21
C PHE B 508 -35.98 -32.49 18.15
N GLN B 509 -35.66 -33.71 17.75
CA GLN B 509 -35.95 -34.89 18.57
C GLN B 509 -35.02 -34.89 19.79
N ASP B 510 -35.60 -34.70 20.98
CA ASP B 510 -34.79 -34.68 22.19
C ASP B 510 -34.12 -36.03 22.46
N ARG B 511 -34.58 -37.08 21.82
CA ARG B 511 -33.96 -38.39 21.86
C ARG B 511 -33.48 -38.74 20.45
N ASP B 512 -33.06 -39.99 20.25
CA ASP B 512 -32.53 -40.45 18.97
C ASP B 512 -31.31 -39.62 18.56
N THR B 513 -30.26 -39.80 19.34
CA THR B 513 -29.01 -39.03 19.28
C THR B 513 -28.22 -39.27 17.98
N ALA B 514 -28.78 -39.96 17.00
CA ALA B 514 -28.11 -40.21 15.73
C ALA B 514 -27.81 -38.92 14.98
N LEU B 515 -27.18 -39.04 13.82
CA LEU B 515 -26.76 -37.89 13.05
C LEU B 515 -27.92 -36.91 12.85
N PRO B 516 -27.69 -35.60 12.89
CA PRO B 516 -28.80 -34.64 12.76
C PRO B 516 -29.35 -34.56 11.35
N ASP B 517 -29.80 -35.69 10.79
CA ASP B 517 -30.45 -35.71 9.49
C ASP B 517 -31.95 -35.45 9.59
N ALA B 518 -32.40 -34.88 10.71
CA ALA B 518 -33.81 -34.56 10.90
C ALA B 518 -34.13 -33.13 10.49
N CYS B 519 -33.22 -32.20 10.74
CA CYS B 519 -33.41 -30.79 10.38
C CYS B 519 -32.08 -30.20 9.98
N SER B 520 -32.00 -29.69 8.75
CA SER B 520 -30.82 -29.00 8.24
C SER B 520 -31.28 -27.85 7.35
N SER B 521 -30.60 -26.71 7.48
CA SER B 521 -31.04 -25.48 6.82
C SER B 521 -29.91 -24.86 6.03
N ILE B 522 -30.26 -24.23 4.91
CA ILE B 522 -29.34 -23.50 4.05
C ILE B 522 -29.92 -22.12 3.80
N SER B 523 -29.04 -21.17 3.47
CA SER B 523 -29.45 -19.82 3.11
C SER B 523 -28.36 -19.17 2.29
N ASP B 524 -28.68 -18.01 1.73
CA ASP B 524 -27.75 -17.23 0.93
C ASP B 524 -28.31 -15.82 0.79
N ILE B 525 -27.44 -14.89 0.40
CA ILE B 525 -27.84 -13.49 0.28
C ILE B 525 -27.72 -13.02 -1.16
N SER B 526 -26.49 -13.04 -1.69
CA SER B 526 -26.22 -12.56 -3.04
C SER B 526 -24.84 -13.07 -3.45
N PRO B 527 -24.62 -13.34 -4.73
CA PRO B 527 -23.32 -13.85 -5.17
C PRO B 527 -22.23 -12.81 -5.00
N VAL B 528 -20.99 -13.31 -4.89
CA VAL B 528 -19.81 -12.49 -4.69
C VAL B 528 -18.80 -12.84 -5.77
N THR B 529 -18.22 -11.83 -6.41
CA THR B 529 -17.30 -12.02 -7.52
C THR B 529 -15.90 -11.59 -7.16
N TYR B 530 -14.93 -12.08 -7.95
CA TYR B 530 -13.53 -11.71 -7.80
C TYR B 530 -12.91 -11.72 -9.19
N PRO B 531 -12.83 -10.56 -9.85
CA PRO B 531 -12.28 -10.51 -11.21
C PRO B 531 -10.81 -10.90 -11.23
N ILE B 532 -10.51 -11.99 -11.94
CA ILE B 532 -9.15 -12.49 -12.09
C ILE B 532 -8.73 -12.35 -13.55
N THR B 533 -7.52 -11.87 -13.77
CA THR B 533 -6.98 -11.63 -15.09
C THR B 533 -5.97 -12.71 -15.46
N LEU B 534 -5.80 -12.90 -16.77
CA LEU B 534 -4.88 -13.89 -17.31
C LEU B 534 -4.16 -13.29 -18.50
N PRO B 535 -2.84 -13.44 -18.58
CA PRO B 535 -2.12 -12.93 -19.76
C PRO B 535 -2.34 -13.82 -20.97
N ILE B 536 -2.34 -13.20 -22.14
CA ILE B 536 -2.56 -13.88 -23.40
C ILE B 536 -1.26 -14.13 -24.14
N ILE B 537 -0.49 -13.08 -24.38
CA ILE B 537 0.75 -13.22 -25.13
C ILE B 537 1.74 -14.07 -24.35
N LYS B 538 2.51 -14.88 -25.07
CA LYS B 538 3.54 -15.70 -24.46
C LYS B 538 4.96 -15.34 -24.89
N ASN B 539 5.13 -14.61 -25.99
CA ASN B 539 6.45 -14.24 -26.47
C ASN B 539 6.38 -12.90 -27.18
N ILE B 540 7.50 -12.19 -27.18
CA ILE B 540 7.64 -10.93 -27.91
C ILE B 540 8.79 -11.05 -28.88
N SER B 541 8.73 -10.30 -29.98
CA SER B 541 9.81 -10.29 -30.95
C SER B 541 9.76 -8.98 -31.73
N VAL B 542 10.81 -8.18 -31.63
CA VAL B 542 10.89 -6.89 -32.31
C VAL B 542 12.03 -6.98 -33.31
N THR B 543 11.68 -6.96 -34.60
CA THR B 543 12.66 -7.05 -35.67
C THR B 543 12.45 -5.91 -36.66
N ALA B 544 13.47 -5.68 -37.49
CA ALA B 544 13.39 -4.63 -38.50
C ALA B 544 14.40 -4.95 -39.59
N HIS B 545 13.91 -5.38 -40.77
CA HIS B 545 14.74 -5.69 -41.92
C HIS B 545 15.76 -6.79 -41.59
N GLY B 546 15.23 -7.97 -41.26
CA GLY B 546 16.08 -9.13 -41.03
C GLY B 546 16.69 -9.32 -39.66
N ILE B 547 17.35 -8.27 -39.14
CA ILE B 547 17.98 -8.39 -37.83
C ILE B 547 16.93 -8.54 -36.75
N ASN B 548 17.35 -9.08 -35.61
CA ASN B 548 16.48 -9.28 -34.46
C ASN B 548 16.96 -8.41 -33.32
N LEU B 549 16.10 -7.50 -32.85
CA LEU B 549 16.50 -6.60 -31.77
C LEU B 549 16.33 -7.26 -30.41
N ILE B 550 15.24 -8.00 -30.20
CA ILE B 550 14.95 -8.62 -28.91
C ILE B 550 14.45 -10.03 -29.14
N ASP B 551 15.07 -11.00 -28.47
CA ASP B 551 14.74 -12.40 -28.66
C ASP B 551 13.40 -12.72 -27.99
N LYS B 552 12.87 -13.91 -28.31
CA LYS B 552 11.59 -14.34 -27.77
C LYS B 552 11.70 -14.60 -26.27
N PHE B 553 11.01 -13.79 -25.48
CA PHE B 553 11.01 -13.87 -24.03
C PHE B 553 9.60 -14.08 -23.52
N PRO B 554 9.44 -14.76 -22.38
CA PRO B 554 8.09 -14.96 -21.83
C PRO B 554 7.45 -13.63 -21.47
N SER B 555 6.12 -13.67 -21.31
CA SER B 555 5.38 -12.46 -21.00
C SER B 555 5.79 -11.85 -19.67
N GLN B 556 6.23 -12.69 -18.73
CA GLN B 556 6.62 -12.20 -17.41
C GLN B 556 7.97 -11.52 -17.40
N PHE B 557 8.59 -11.26 -18.55
CA PHE B 557 9.84 -10.52 -18.61
C PHE B 557 9.65 -9.08 -19.03
N CYS B 558 8.98 -8.85 -20.15
CA CYS B 558 8.67 -7.50 -20.61
C CYS B 558 7.55 -6.85 -19.82
N SER B 559 7.08 -7.49 -18.77
CA SER B 559 5.95 -7.00 -17.98
C SER B 559 6.23 -6.88 -16.50
N SER B 560 7.21 -7.62 -15.96
CA SER B 560 7.45 -7.57 -14.52
C SER B 560 8.92 -7.53 -14.13
N TYR B 561 9.86 -7.52 -15.08
CA TYR B 561 11.27 -7.29 -14.76
C TYR B 561 11.80 -5.99 -15.33
N ILE B 562 11.58 -5.72 -16.61
CA ILE B 562 12.08 -4.48 -17.20
C ILE B 562 11.52 -3.24 -16.51
N PRO B 563 10.22 -3.14 -16.25
CA PRO B 563 9.75 -2.00 -15.44
C PRO B 563 10.25 -2.04 -14.01
N PHE B 564 10.43 -3.25 -13.46
CA PHE B 564 10.93 -3.38 -12.10
C PHE B 564 12.31 -2.77 -11.94
N HIS B 565 13.29 -3.28 -12.70
CA HIS B 565 14.67 -2.87 -12.51
C HIS B 565 14.93 -1.47 -13.06
N TYR B 566 14.39 -1.17 -14.23
CA TYR B 566 14.62 0.14 -14.82
C TYR B 566 13.68 1.18 -14.22
N GLY B 567 13.90 2.44 -14.58
CA GLY B 567 13.06 3.53 -14.15
C GLY B 567 13.35 4.06 -12.76
N GLY B 568 14.16 3.37 -11.97
CA GLY B 568 14.45 3.82 -10.62
C GLY B 568 13.28 3.66 -9.67
N ASN B 569 12.81 4.78 -9.11
CA ASN B 569 11.68 4.77 -8.19
C ASN B 569 10.51 5.61 -8.71
N ALA B 570 10.45 5.84 -10.02
CA ALA B 570 9.42 6.66 -10.64
C ALA B 570 8.55 5.87 -11.61
N ILE B 571 8.61 4.54 -11.57
CA ILE B 571 7.82 3.68 -12.46
C ILE B 571 7.28 2.53 -11.62
N LYS B 572 5.97 2.54 -11.37
CA LYS B 572 5.35 1.43 -10.65
C LYS B 572 5.31 0.20 -11.54
N THR B 573 4.92 -0.93 -10.94
CA THR B 573 4.77 -2.16 -11.70
C THR B 573 3.30 -2.52 -11.86
N PRO B 574 2.89 -3.02 -13.01
CA PRO B 574 1.47 -3.31 -13.24
C PRO B 574 0.98 -4.45 -12.36
N ASP B 575 -0.10 -4.18 -11.61
CA ASP B 575 -0.75 -5.25 -10.87
C ASP B 575 -1.32 -6.30 -11.82
N ASP B 576 -1.85 -5.85 -12.96
CA ASP B 576 -2.35 -6.77 -13.98
C ASP B 576 -1.19 -7.20 -14.88
N PRO B 577 -0.89 -8.49 -14.97
CA PRO B 577 0.26 -8.93 -15.79
C PRO B 577 0.03 -8.87 -17.28
N GLY B 578 -1.07 -8.30 -17.75
CA GLY B 578 -1.31 -8.24 -19.18
C GLY B 578 -0.44 -7.21 -19.88
N ALA B 579 -0.29 -6.04 -19.29
CA ALA B 579 0.48 -4.97 -19.92
C ALA B 579 1.97 -5.30 -19.90
N MET B 580 2.63 -5.03 -21.02
CA MET B 580 4.07 -5.19 -21.14
C MET B 580 4.73 -3.84 -21.38
N MET B 581 6.06 -3.86 -21.46
CA MET B 581 6.82 -2.64 -21.63
C MET B 581 8.20 -2.98 -22.16
N ILE B 582 8.62 -2.30 -23.23
CA ILE B 582 9.94 -2.47 -23.81
C ILE B 582 10.68 -1.15 -23.68
N THR B 583 11.97 -1.23 -23.38
CA THR B 583 12.82 -0.05 -23.28
C THR B 583 13.96 -0.14 -24.28
N PHE B 584 14.32 1.00 -24.85
CA PHE B 584 15.48 1.12 -25.70
C PHE B 584 16.48 2.15 -25.18
N ALA B 585 16.19 2.76 -24.03
CA ALA B 585 17.06 3.74 -23.41
C ALA B 585 17.36 3.30 -21.98
N LEU B 586 18.58 3.62 -21.53
CA LEU B 586 18.99 3.23 -20.19
C LEU B 586 18.21 3.95 -19.10
N TYR B 587 17.60 5.09 -19.41
CA TYR B 587 16.79 5.85 -18.46
C TYR B 587 15.39 5.99 -19.03
N PRO B 588 14.48 5.09 -18.69
CA PRO B 588 13.11 5.17 -19.23
C PRO B 588 12.27 6.24 -18.55
N ARG B 589 12.38 7.48 -19.03
CA ARG B 589 11.59 8.61 -18.55
C ARG B 589 11.83 8.91 -17.08
N GLU B 590 13.00 8.52 -16.55
CA GLU B 590 13.34 8.87 -15.18
C GLU B 590 13.94 10.27 -15.10
N GLU B 591 14.81 10.61 -16.03
CA GLU B 591 15.47 11.90 -16.06
C GLU B 591 15.03 12.67 -17.31
N TYR B 592 15.65 13.83 -17.54
CA TYR B 592 15.37 14.65 -18.70
C TYR B 592 16.35 14.43 -19.85
N GLN B 593 17.59 14.09 -19.53
CA GLN B 593 18.59 13.87 -20.57
C GLN B 593 18.25 12.64 -21.41
N PRO B 594 18.34 12.73 -22.73
CA PRO B 594 18.13 11.53 -23.56
C PRO B 594 19.19 10.48 -23.25
N SER B 595 18.75 9.22 -23.17
CA SER B 595 19.64 8.14 -22.75
C SER B 595 19.47 6.93 -23.64
N GLY B 596 19.21 7.15 -24.92
CA GLY B 596 19.07 6.05 -25.86
C GLY B 596 17.84 6.16 -26.73
N HIS B 597 17.99 5.83 -28.01
CA HIS B 597 16.87 5.94 -28.95
C HIS B 597 17.29 5.29 -30.27
N ILE B 598 16.36 4.60 -30.91
CA ILE B 598 16.58 3.98 -32.20
C ILE B 598 15.69 4.71 -33.21
N ASN B 599 16.33 5.39 -34.16
CA ASN B 599 15.58 6.12 -35.18
C ASN B 599 14.82 5.14 -36.06
N VAL B 600 13.52 5.34 -36.17
CA VAL B 600 12.66 4.52 -37.01
C VAL B 600 12.23 5.24 -38.29
N SER B 601 12.87 6.37 -38.59
CA SER B 601 12.65 7.04 -39.87
C SER B 601 13.62 6.53 -40.94
N ARG B 602 14.87 6.25 -40.56
CA ARG B 602 15.80 5.65 -41.50
C ARG B 602 15.41 4.22 -41.83
N ALA B 603 14.97 3.46 -40.83
CA ALA B 603 14.50 2.10 -41.01
C ALA B 603 12.99 2.13 -40.96
N ARG B 604 12.36 2.24 -42.13
CA ARG B 604 10.90 2.35 -42.19
C ARG B 604 10.24 1.04 -41.79
N GLU B 605 10.82 -0.09 -42.17
CA GLU B 605 10.23 -1.38 -41.83
C GLU B 605 10.33 -1.64 -40.33
N PHE B 606 9.38 -2.42 -39.83
CA PHE B 606 9.27 -2.71 -38.41
C PHE B 606 8.25 -3.81 -38.21
N TYR B 607 8.52 -4.72 -37.28
CA TYR B 607 7.66 -5.87 -37.07
C TYR B 607 7.59 -6.21 -35.60
N ILE B 608 6.41 -6.67 -35.17
CA ILE B 608 6.18 -7.07 -33.78
C ILE B 608 5.39 -8.37 -33.82
N SER B 609 6.05 -9.49 -33.53
CA SER B 609 5.44 -10.79 -33.57
C SER B 609 5.26 -11.33 -32.16
N TRP B 610 4.35 -12.30 -32.02
CA TRP B 610 4.00 -12.83 -30.72
C TRP B 610 3.16 -14.08 -30.91
N ASP B 611 3.42 -15.09 -30.07
CA ASP B 611 2.53 -16.24 -30.02
C ASP B 611 1.24 -15.83 -29.31
N SER B 612 0.28 -16.76 -29.25
CA SER B 612 -1.01 -16.46 -28.64
C SER B 612 -1.75 -17.76 -28.37
N ASP B 613 -2.81 -17.65 -27.58
CA ASP B 613 -3.69 -18.76 -27.30
C ASP B 613 -5.16 -18.38 -27.28
N TYR B 614 -5.50 -17.13 -27.59
CA TYR B 614 -6.87 -16.66 -27.49
C TYR B 614 -7.39 -16.01 -28.76
N VAL B 615 -6.53 -15.67 -29.71
CA VAL B 615 -6.95 -15.03 -30.96
C VAL B 615 -7.78 -16.00 -31.77
N GLY B 616 -8.47 -15.49 -32.79
CA GLY B 616 -9.26 -16.33 -33.66
C GLY B 616 -10.41 -15.61 -34.33
N SER B 617 -11.58 -16.24 -34.35
CA SER B 617 -12.78 -15.66 -34.94
C SER B 617 -13.97 -15.60 -34.00
N ILE B 618 -13.87 -16.14 -32.80
CA ILE B 618 -14.94 -16.06 -31.81
C ILE B 618 -14.73 -14.89 -30.87
N THR B 619 -13.50 -14.70 -30.37
CA THR B 619 -13.14 -13.58 -29.50
C THR B 619 -11.84 -12.99 -30.01
N THR B 620 -11.93 -12.03 -30.93
CA THR B 620 -10.74 -11.44 -31.50
C THR B 620 -10.05 -10.54 -30.49
N ALA B 621 -8.87 -10.05 -30.85
CA ALA B 621 -8.07 -9.21 -29.98
C ALA B 621 -7.43 -8.10 -30.80
N ASP B 622 -7.19 -6.97 -30.13
CA ASP B 622 -6.54 -5.81 -30.75
C ASP B 622 -5.41 -5.36 -29.84
N LEU B 623 -4.20 -5.27 -30.38
CA LEU B 623 -3.05 -4.83 -29.60
C LEU B 623 -2.91 -3.32 -29.67
N VAL B 624 -2.50 -2.73 -28.56
CA VAL B 624 -2.34 -1.29 -28.43
C VAL B 624 -0.87 -0.98 -28.22
N VAL B 625 -0.39 0.09 -28.87
CA VAL B 625 1.02 0.46 -28.80
C VAL B 625 1.11 1.97 -28.63
N SER B 626 1.85 2.41 -27.63
CA SER B 626 2.18 3.81 -27.44
C SER B 626 3.70 3.97 -27.48
N SER B 627 4.16 5.19 -27.26
CA SER B 627 5.59 5.49 -27.28
C SER B 627 5.80 6.87 -26.68
N SER B 628 7.02 7.38 -26.79
CA SER B 628 7.32 8.76 -26.41
C SER B 628 8.48 9.22 -27.31
N ALA B 629 8.13 9.86 -28.41
CA ALA B 629 9.13 10.27 -29.38
C ALA B 629 9.82 11.56 -28.94
N ILE B 630 10.92 11.88 -29.62
CA ILE B 630 11.73 13.05 -29.32
C ILE B 630 11.91 13.83 -30.61
N ASN B 631 11.46 15.09 -30.60
CA ASN B 631 11.61 15.95 -31.77
C ASN B 631 11.51 17.40 -31.31
N PHE B 632 12.61 18.13 -31.37
CA PHE B 632 12.62 19.49 -30.87
C PHE B 632 11.82 20.42 -31.79
N LEU B 633 11.26 21.47 -31.19
CA LEU B 633 10.43 22.43 -31.90
C LEU B 633 10.89 23.84 -31.58
N LEU B 634 10.63 24.76 -32.50
CA LEU B 634 11.05 26.14 -32.37
C LEU B 634 9.84 27.06 -32.30
N LEU B 635 10.04 28.22 -31.65
CA LEU B 635 8.95 29.17 -31.47
C LEU B 635 8.76 30.04 -32.72
N GLN B 636 9.80 30.80 -33.09
CA GLN B 636 9.72 31.68 -34.23
C GLN B 636 10.44 31.09 -35.44
N MET C 1 1.63 50.49 -25.62
CA MET C 1 0.99 49.31 -25.05
C MET C 1 2.04 48.33 -24.52
N ALA C 2 2.93 48.82 -23.66
CA ALA C 2 3.99 48.01 -23.06
C ALA C 2 4.06 48.28 -21.57
N SER C 3 2.91 48.26 -20.91
CA SER C 3 2.81 48.54 -19.49
C SER C 3 2.80 47.25 -18.69
N GLY C 4 2.60 47.36 -17.38
CA GLY C 4 2.52 46.18 -16.54
C GLY C 4 1.16 45.53 -16.60
N GLY C 5 1.13 44.23 -16.28
CA GLY C 5 -0.10 43.48 -16.33
C GLY C 5 -0.90 43.57 -15.04
N ALA C 6 -1.31 42.41 -14.50
CA ALA C 6 -2.09 42.40 -13.28
C ALA C 6 -1.30 42.83 -12.05
N PHE C 7 0.03 42.91 -12.16
CA PHE C 7 0.90 43.32 -11.06
C PHE C 7 0.72 42.38 -9.86
N CYS C 8 1.04 41.11 -10.09
CA CYS C 8 0.88 40.10 -9.06
C CYS C 8 1.95 40.25 -7.98
N LEU C 9 1.98 39.30 -7.05
CA LEU C 9 2.93 39.36 -5.95
C LEU C 9 4.33 39.00 -6.41
N ILE C 10 4.90 39.83 -7.28
CA ILE C 10 6.28 39.63 -7.74
C ILE C 10 7.17 40.83 -7.47
N ALA C 11 6.63 42.04 -7.33
CA ALA C 11 7.40 43.20 -6.92
C ALA C 11 7.33 43.39 -5.41
N ASN C 12 7.62 42.32 -4.67
CA ASN C 12 7.54 42.30 -3.22
C ASN C 12 8.86 41.75 -2.67
N ASP C 13 9.69 42.64 -2.16
CA ASP C 13 10.97 42.26 -1.56
C ASP C 13 11.13 43.08 -0.27
N GLY C 14 12.34 43.01 0.30
CA GLY C 14 12.59 43.72 1.55
C GLY C 14 13.97 43.48 2.13
N LYS C 15 14.01 43.18 3.43
CA LYS C 15 15.28 42.98 4.12
C LYS C 15 15.73 41.53 4.12
N ALA C 16 14.81 40.58 4.03
CA ALA C 16 15.13 39.17 4.04
C ALA C 16 15.06 38.54 2.64
N ASP C 17 14.71 39.31 1.62
CA ASP C 17 14.63 38.80 0.26
C ASP C 17 15.79 39.23 -0.61
N LYS C 18 16.59 40.21 -0.17
CA LYS C 18 17.71 40.68 -0.98
C LYS C 18 18.73 39.57 -1.20
N ILE C 19 19.13 38.89 -0.12
CA ILE C 19 20.12 37.82 -0.23
C ILE C 19 19.67 36.73 -1.18
N ILE C 20 18.36 36.44 -1.20
CA ILE C 20 17.85 35.35 -2.03
C ILE C 20 17.58 35.78 -3.46
N LEU C 21 17.34 37.07 -3.72
CA LEU C 21 16.99 37.53 -5.05
C LEU C 21 18.17 38.14 -5.81
N ALA C 22 18.88 39.09 -5.19
CA ALA C 22 20.01 39.77 -5.82
C ALA C 22 19.59 40.48 -7.11
N GLN C 23 18.45 41.17 -7.04
CA GLN C 23 17.96 41.88 -8.21
C GLN C 23 18.87 43.02 -8.61
N ASP C 24 19.54 43.66 -7.64
CA ASP C 24 20.47 44.73 -7.97
C ASP C 24 21.65 44.19 -8.76
N LEU C 25 22.24 43.09 -8.28
CA LEU C 25 23.35 42.46 -9.01
C LEU C 25 22.90 42.01 -10.39
N LEU C 26 21.71 41.40 -10.49
CA LEU C 26 21.20 40.94 -11.77
C LEU C 26 21.04 42.10 -12.75
N ASN C 27 20.46 43.22 -12.28
CA ASN C 27 20.25 44.36 -13.15
C ASN C 27 21.57 44.98 -13.60
N SER C 28 22.52 45.13 -12.67
CA SER C 28 23.82 45.68 -13.03
C SER C 28 24.49 44.80 -14.08
N ARG C 29 24.48 43.49 -13.87
CA ARG C 29 25.14 42.58 -14.81
C ARG C 29 24.47 42.59 -16.17
N ILE C 30 23.12 42.57 -16.20
CA ILE C 30 22.43 42.54 -17.49
C ILE C 30 22.64 43.85 -18.24
N SER C 31 22.68 44.97 -17.52
CA SER C 31 22.92 46.25 -18.18
C SER C 31 24.33 46.33 -18.74
N ASN C 32 25.33 45.90 -17.96
CA ASN C 32 26.70 45.91 -18.44
C ASN C 32 26.86 45.00 -19.66
N ILE C 33 26.25 43.82 -19.62
CA ILE C 33 26.37 42.89 -20.74
C ILE C 33 25.68 43.45 -21.98
N LYS C 34 24.52 44.09 -21.80
CA LYS C 34 23.83 44.70 -22.93
C LYS C 34 24.69 45.80 -23.55
N ASN C 35 25.29 46.66 -22.72
CA ASN C 35 26.14 47.70 -23.26
C ASN C 35 27.35 47.12 -23.98
N VAL C 36 27.94 46.06 -23.43
CA VAL C 36 29.11 45.45 -24.05
C VAL C 36 28.76 44.87 -25.41
N ASN C 37 27.68 44.10 -25.49
CA ASN C 37 27.36 43.45 -26.76
C ASN C 37 26.66 44.37 -27.74
N LYS C 38 26.21 45.55 -27.31
CA LYS C 38 25.76 46.55 -28.27
C LYS C 38 26.89 47.44 -28.75
N SER C 39 27.98 47.56 -27.98
CA SER C 39 29.13 48.35 -28.39
C SER C 39 30.01 47.64 -29.41
N TYR C 40 29.72 46.38 -29.75
CA TYR C 40 30.53 45.60 -30.68
C TYR C 40 29.75 45.13 -31.89
N GLY C 41 28.65 45.81 -32.23
CA GLY C 41 27.92 45.51 -33.45
C GLY C 41 27.27 44.15 -33.49
N LYS C 42 26.26 43.94 -32.65
CA LYS C 42 25.48 42.71 -32.66
C LYS C 42 24.04 43.03 -33.00
N PRO C 43 23.44 42.33 -33.97
CA PRO C 43 22.04 42.63 -34.34
C PRO C 43 21.03 42.27 -33.25
N ASP C 44 21.42 41.48 -32.26
CA ASP C 44 20.54 41.13 -31.13
C ASP C 44 21.08 41.80 -29.88
N PRO C 45 20.66 43.04 -29.57
CA PRO C 45 21.23 43.75 -28.41
C PRO C 45 20.91 43.12 -27.07
N GLU C 46 20.11 42.06 -27.03
CA GLU C 46 19.83 41.39 -25.78
C GLU C 46 20.60 40.08 -25.67
N PRO C 47 21.18 39.79 -24.52
CA PRO C 47 21.90 38.52 -24.37
C PRO C 47 20.96 37.37 -24.04
N THR C 48 21.32 36.20 -24.54
CA THR C 48 20.53 35.00 -24.30
C THR C 48 20.75 34.55 -22.86
N LEU C 49 20.18 33.41 -22.51
CA LEU C 49 20.29 32.89 -21.14
C LEU C 49 21.68 32.36 -20.80
N SER C 50 22.68 32.55 -21.68
CA SER C 50 24.01 32.04 -21.39
C SER C 50 24.78 32.98 -20.47
N GLN C 51 24.72 34.29 -20.73
CA GLN C 51 25.50 35.25 -19.95
C GLN C 51 24.96 35.41 -18.54
N ILE C 52 23.65 35.22 -18.34
CA ILE C 52 23.05 35.41 -17.03
C ILE C 52 23.12 34.18 -16.15
N GLU C 53 23.51 33.03 -16.71
CA GLU C 53 23.60 31.79 -15.94
C GLU C 53 24.95 31.61 -15.28
N GLU C 54 25.74 32.67 -15.15
CA GLU C 54 27.04 32.55 -14.51
C GLU C 54 26.89 32.36 -13.00
N THR C 55 25.97 33.08 -12.38
CA THR C 55 25.74 32.95 -10.94
C THR C 55 24.26 32.92 -10.61
N HIS C 56 23.42 32.48 -11.54
CA HIS C 56 21.99 32.41 -11.34
C HIS C 56 21.48 31.04 -11.79
N LEU C 57 20.42 30.59 -11.12
CA LEU C 57 19.79 29.30 -11.43
C LEU C 57 18.37 29.58 -11.91
N VAL C 58 18.18 29.54 -13.22
CA VAL C 58 16.89 29.80 -13.84
C VAL C 58 16.15 28.47 -13.99
N HIS C 59 14.83 28.53 -13.92
CA HIS C 59 13.99 27.34 -13.98
C HIS C 59 13.44 27.05 -15.36
N PHE C 60 13.09 28.08 -16.13
CA PHE C 60 12.54 27.88 -17.46
C PHE C 60 13.63 27.83 -18.52
N ASN C 61 14.62 26.96 -18.29
CA ASN C 61 15.70 26.75 -19.25
C ASN C 61 16.39 25.44 -18.91
N ALA C 62 16.51 24.55 -19.90
CA ALA C 62 17.14 23.26 -19.70
C ALA C 62 18.62 23.37 -20.00
N HIS C 63 19.32 22.23 -20.02
CA HIS C 63 20.74 22.19 -20.31
C HIS C 63 21.01 20.95 -21.16
N PHE C 64 21.58 21.15 -22.34
CA PHE C 64 21.81 20.05 -23.26
C PHE C 64 23.09 19.30 -22.92
N LYS C 65 23.18 18.09 -23.43
CA LYS C 65 24.38 17.26 -23.33
C LYS C 65 24.37 16.25 -24.47
N PRO C 66 25.31 16.32 -25.41
CA PRO C 66 25.37 15.31 -26.47
C PRO C 66 25.50 13.89 -25.91
N TYR C 67 24.46 13.10 -26.10
CA TYR C 67 24.41 11.76 -25.55
C TYR C 67 25.28 10.81 -26.37
N VAL C 68 26.23 10.17 -25.71
CA VAL C 68 27.16 9.27 -26.40
C VAL C 68 26.42 7.99 -26.77
N PRO C 69 26.52 7.52 -28.01
CA PRO C 69 25.67 6.41 -28.47
C PRO C 69 26.03 5.10 -27.79
N VAL C 70 25.03 4.51 -27.12
CA VAL C 70 25.15 3.17 -26.55
C VAL C 70 23.86 2.42 -26.83
N GLY C 71 23.92 1.10 -26.71
CA GLY C 71 22.75 0.27 -26.93
C GLY C 71 22.84 -1.03 -26.15
N PHE C 72 21.88 -1.94 -26.36
CA PHE C 72 21.88 -3.20 -25.65
C PHE C 72 21.00 -4.19 -26.38
N GLU C 73 21.12 -5.45 -26.00
CA GLU C 73 20.32 -6.53 -26.57
C GLU C 73 20.35 -7.70 -25.61
N TYR C 74 19.18 -8.13 -25.15
CA TYR C 74 19.09 -9.19 -24.15
C TYR C 74 19.53 -10.51 -24.77
N ASN C 75 20.70 -10.99 -24.35
CA ASN C 75 21.25 -12.26 -24.83
C ASN C 75 20.59 -13.41 -24.07
N LYS C 76 21.14 -14.61 -24.20
CA LYS C 76 20.59 -15.78 -23.53
C LYS C 76 21.68 -16.83 -23.44
N VAL C 77 21.99 -17.27 -22.22
CA VAL C 77 23.07 -18.21 -21.97
C VAL C 77 22.49 -19.44 -21.29
N ARG C 78 22.44 -20.55 -22.01
CA ARG C 78 21.99 -21.81 -21.44
C ARG C 78 22.99 -22.27 -20.37
N PRO C 79 22.61 -23.23 -19.52
CA PRO C 79 23.50 -23.64 -18.43
C PRO C 79 24.76 -24.34 -18.90
N HIS C 80 25.55 -24.82 -17.94
CA HIS C 80 26.78 -25.54 -18.23
C HIS C 80 26.57 -27.05 -18.14
N THR C 81 25.36 -27.51 -18.46
CA THR C 81 24.97 -28.93 -18.40
C THR C 81 25.33 -29.53 -17.04
N GLY C 82 25.15 -28.73 -16.00
CA GLY C 82 25.35 -29.21 -14.64
C GLY C 82 24.27 -30.19 -14.23
N THR C 83 24.42 -30.71 -13.03
CA THR C 83 23.52 -31.73 -12.52
C THR C 83 22.12 -31.15 -12.32
N PRO C 84 21.12 -32.01 -12.11
CA PRO C 84 19.79 -31.53 -11.71
C PRO C 84 19.77 -30.97 -10.28
N THR C 85 18.57 -30.68 -9.78
CA THR C 85 18.34 -29.98 -8.53
C THR C 85 19.25 -30.38 -7.37
N LEU C 86 19.65 -31.65 -7.31
CA LEU C 86 20.40 -32.14 -6.14
C LEU C 86 21.69 -31.36 -5.93
N GLY C 87 22.62 -31.46 -6.88
CA GLY C 87 23.88 -30.76 -6.78
C GLY C 87 23.75 -29.30 -7.19
N ASN C 88 24.90 -28.65 -7.32
CA ASN C 88 24.93 -27.28 -7.80
C ASN C 88 24.55 -27.30 -9.28
N LYS C 89 23.30 -26.99 -9.57
CA LYS C 89 22.69 -27.22 -10.87
C LYS C 89 23.02 -26.15 -11.89
N LEU C 90 24.10 -25.39 -11.68
CA LEU C 90 24.45 -24.35 -12.63
C LEU C 90 25.87 -23.88 -12.37
N THR C 91 26.60 -23.65 -13.46
CA THR C 91 27.82 -22.85 -13.41
C THR C 91 27.92 -22.14 -14.77
N PHE C 92 27.32 -20.96 -14.85
CA PHE C 92 27.09 -20.32 -16.14
C PHE C 92 28.37 -19.68 -16.66
N GLY C 93 28.62 -19.87 -17.95
CA GLY C 93 29.76 -19.26 -18.60
C GLY C 93 29.45 -17.82 -18.99
N ILE C 94 30.37 -17.25 -19.77
CA ILE C 94 30.24 -15.89 -20.24
C ILE C 94 30.69 -15.81 -21.70
N PRO C 95 29.78 -15.50 -22.63
CA PRO C 95 30.19 -15.27 -24.02
C PRO C 95 30.61 -13.82 -24.25
N GLN C 96 31.68 -13.65 -25.02
CA GLN C 96 32.17 -12.32 -25.32
C GLN C 96 31.37 -11.70 -26.47
N TYR C 97 30.04 -11.71 -26.36
CA TYR C 97 29.20 -11.21 -27.44
C TYR C 97 29.24 -9.69 -27.51
N GLY C 98 28.81 -9.02 -26.45
CA GLY C 98 28.87 -7.58 -26.40
C GLY C 98 30.22 -7.10 -25.92
N ASP C 99 30.23 -6.02 -25.13
CA ASP C 99 31.45 -5.49 -24.54
C ASP C 99 31.36 -5.23 -23.06
N PHE C 100 30.16 -5.11 -22.49
CA PHE C 100 29.99 -4.81 -21.08
C PHE C 100 28.95 -5.74 -20.46
N PHE C 101 28.55 -5.45 -19.23
CA PHE C 101 27.53 -6.25 -18.55
C PHE C 101 26.64 -5.35 -17.72
N HIS C 102 25.51 -5.91 -17.29
CA HIS C 102 24.55 -5.20 -16.46
C HIS C 102 23.73 -6.26 -15.71
N ASP C 103 22.60 -5.84 -15.16
CA ASP C 103 21.77 -6.72 -14.34
C ASP C 103 21.47 -8.03 -15.08
N MET C 104 21.44 -9.11 -14.32
CA MET C 104 21.20 -10.44 -14.86
C MET C 104 20.05 -11.10 -14.11
N VAL C 105 19.29 -11.91 -14.82
CA VAL C 105 18.13 -12.59 -14.26
C VAL C 105 18.25 -14.08 -14.50
N GLY C 106 17.93 -14.86 -13.48
CA GLY C 106 17.80 -16.29 -13.64
C GLY C 106 16.47 -16.64 -14.25
N HIS C 107 16.19 -17.94 -14.27
CA HIS C 107 14.95 -18.48 -14.79
C HIS C 107 14.90 -19.95 -14.41
N HIS C 108 13.73 -20.41 -13.96
CA HIS C 108 13.59 -21.81 -13.57
C HIS C 108 12.14 -22.23 -13.69
N ILE C 109 11.94 -23.48 -14.08
CA ILE C 109 10.62 -24.10 -14.17
C ILE C 109 10.60 -25.31 -13.24
N LEU C 110 9.57 -25.40 -12.42
CA LEU C 110 9.43 -26.49 -11.48
C LEU C 110 8.33 -27.44 -11.96
N GLY C 111 8.63 -28.72 -11.98
CA GLY C 111 7.71 -29.71 -12.50
C GLY C 111 6.44 -29.81 -11.66
N ALA C 112 5.51 -30.61 -12.18
CA ALA C 112 4.22 -30.79 -11.53
C ALA C 112 4.35 -31.78 -10.37
N CYS C 113 3.45 -31.65 -9.40
CA CYS C 113 3.42 -32.50 -8.23
C CYS C 113 2.09 -33.22 -8.13
N HIS C 114 2.10 -34.39 -7.49
CA HIS C 114 0.90 -35.18 -7.28
C HIS C 114 0.95 -35.78 -5.89
N SER C 115 0.06 -36.72 -5.62
CA SER C 115 -0.01 -37.38 -4.32
C SER C 115 -0.08 -38.89 -4.51
N SER C 116 0.39 -39.62 -3.51
CA SER C 116 0.37 -41.08 -3.54
C SER C 116 -0.93 -41.58 -2.94
N TRP C 117 -1.59 -42.49 -3.66
CA TRP C 117 -2.89 -43.00 -3.22
C TRP C 117 -2.76 -43.74 -1.90
N GLN C 118 -3.61 -43.36 -0.95
CA GLN C 118 -3.61 -43.93 0.39
C GLN C 118 -4.88 -44.77 0.60
N ASP C 119 -5.05 -45.25 1.82
CA ASP C 119 -6.22 -46.06 2.19
C ASP C 119 -6.87 -45.45 3.42
N ALA C 120 -8.20 -45.56 3.49
CA ALA C 120 -8.95 -45.02 4.60
C ALA C 120 -8.74 -45.88 5.85
N PRO C 121 -8.87 -45.29 7.03
CA PRO C 121 -8.70 -46.07 8.27
C PRO C 121 -9.88 -47.00 8.53
N ILE C 122 -9.85 -48.18 7.92
CA ILE C 122 -11.01 -49.08 7.96
C ILE C 122 -11.40 -49.40 9.39
N GLN C 123 -10.43 -49.52 10.29
CA GLN C 123 -10.71 -49.82 11.68
C GLN C 123 -10.77 -48.54 12.50
N GLY C 124 -11.67 -48.54 13.49
CA GLY C 124 -11.88 -47.39 14.35
C GLY C 124 -10.71 -47.04 15.26
N THR C 125 -9.64 -47.82 15.23
CA THR C 125 -8.43 -47.53 16.01
C THR C 125 -7.22 -47.84 15.12
N SER C 126 -6.39 -46.83 14.90
CA SER C 126 -5.23 -46.97 14.02
C SER C 126 -3.96 -46.58 14.77
N GLN C 127 -2.83 -47.00 14.20
CA GLN C 127 -1.53 -46.61 14.74
C GLN C 127 -1.16 -45.22 14.26
N MET C 128 -0.63 -44.41 15.17
CA MET C 128 -0.35 -43.01 14.89
C MET C 128 1.02 -42.86 14.21
N GLY C 129 1.39 -41.61 13.97
CA GLY C 129 2.69 -41.28 13.43
C GLY C 129 2.66 -40.71 12.03
N ALA C 130 2.63 -39.38 11.94
CA ALA C 130 2.81 -38.66 10.69
C ALA C 130 3.69 -37.43 10.86
N HIS C 131 3.94 -36.98 12.08
CA HIS C 131 4.80 -35.86 12.42
C HIS C 131 5.37 -36.14 13.80
N GLY C 132 5.88 -35.11 14.47
CA GLY C 132 6.21 -35.25 15.87
C GLY C 132 5.03 -35.56 16.77
N GLN C 133 3.82 -35.63 16.22
CA GLN C 133 2.62 -35.94 16.97
C GLN C 133 1.55 -36.41 15.99
N LEU C 134 0.58 -37.17 16.51
CA LEU C 134 -0.51 -37.66 15.70
C LEU C 134 -1.68 -38.01 16.61
N GLN C 135 -2.84 -38.24 15.99
CA GLN C 135 -4.06 -38.52 16.74
C GLN C 135 -4.89 -39.56 15.98
N THR C 136 -5.99 -39.98 16.60
CA THR C 136 -6.85 -41.01 16.03
C THR C 136 -8.28 -40.74 16.45
N PHE C 137 -9.23 -41.11 15.60
CA PHE C 137 -10.64 -41.02 15.92
C PHE C 137 -11.09 -42.36 16.50
N PRO C 138 -11.44 -42.44 17.78
CA PRO C 138 -11.59 -43.74 18.43
C PRO C 138 -13.00 -44.31 18.46
N ARG C 139 -13.10 -45.61 18.23
CA ARG C 139 -14.26 -46.44 18.58
C ARG C 139 -15.57 -45.93 18.00
N ASN C 140 -15.51 -45.01 17.03
CA ASN C 140 -16.71 -44.51 16.34
C ASN C 140 -17.75 -43.98 17.32
N GLY C 141 -17.30 -43.17 18.27
CA GLY C 141 -18.22 -42.52 19.18
C GLY C 141 -18.25 -43.05 20.59
N TYR C 142 -17.08 -43.37 21.15
CA TYR C 142 -17.03 -43.85 22.53
C TYR C 142 -16.01 -43.10 23.37
N ASP C 143 -14.95 -42.62 22.75
CA ASP C 143 -13.84 -42.00 23.46
C ASP C 143 -13.56 -40.60 22.93
N TRP C 144 -13.02 -39.75 23.79
CA TRP C 144 -12.65 -38.40 23.38
C TRP C 144 -11.30 -38.39 22.67
N ASP C 145 -10.24 -38.83 23.36
CA ASP C 145 -8.91 -39.00 22.76
C ASP C 145 -8.41 -40.40 23.12
N ASN C 146 -8.87 -41.38 22.36
CA ASN C 146 -8.39 -42.77 22.37
C ASN C 146 -8.74 -43.49 23.67
N GLN C 147 -9.16 -42.75 24.69
CA GLN C 147 -9.81 -43.33 25.87
C GLN C 147 -10.45 -42.23 26.72
N THR C 148 -11.77 -42.28 26.88
CA THR C 148 -12.53 -41.45 27.81
C THR C 148 -13.98 -41.89 27.77
N PRO C 149 -14.69 -41.91 28.91
CA PRO C 149 -16.14 -42.15 28.86
C PRO C 149 -16.88 -40.91 28.37
N LEU C 150 -17.39 -40.95 27.14
CA LEU C 150 -18.08 -39.82 26.54
C LEU C 150 -19.53 -40.20 26.27
N GLU C 151 -20.43 -39.26 26.56
CA GLU C 151 -21.87 -39.53 26.51
C GLU C 151 -22.35 -39.89 25.11
N GLY C 152 -22.24 -38.93 24.18
CA GLY C 152 -22.76 -39.16 22.84
C GLY C 152 -21.97 -38.47 21.76
N ALA C 153 -21.61 -39.21 20.72
CA ALA C 153 -20.84 -38.70 19.60
C ALA C 153 -20.84 -39.74 18.49
N VAL C 154 -20.71 -39.26 17.25
CA VAL C 154 -20.54 -40.12 16.08
C VAL C 154 -19.37 -39.60 15.28
N TYR C 155 -18.55 -40.52 14.77
CA TYR C 155 -17.33 -40.17 14.05
C TYR C 155 -17.41 -40.77 12.65
N THR C 156 -18.02 -40.02 11.72
CA THR C 156 -18.08 -40.42 10.32
C THR C 156 -17.15 -39.52 9.52
N LEU C 157 -16.11 -40.12 8.94
CA LEU C 157 -15.09 -39.35 8.25
C LEU C 157 -15.65 -38.68 7.00
N VAL C 158 -15.23 -37.44 6.78
CA VAL C 158 -15.68 -36.68 5.62
C VAL C 158 -14.67 -35.58 5.30
N PRO C 160 -12.68 -31.14 2.89
CA PRO C 160 -11.51 -30.96 2.02
C PRO C 160 -11.74 -29.92 0.93
N PHE C 161 -12.52 -30.29 -0.09
CA PHE C 161 -12.84 -29.42 -1.21
C PHE C 161 -14.35 -29.34 -1.40
N GLY C 162 -15.07 -29.11 -0.30
CA GLY C 162 -16.52 -29.03 -0.34
C GLY C 162 -17.17 -29.92 0.69
N ARG C 163 -17.99 -30.86 0.24
CA ARG C 163 -18.62 -31.85 1.11
C ARG C 163 -18.46 -33.23 0.46
N PRO C 164 -17.24 -33.76 0.43
CA PRO C 164 -16.99 -35.07 -0.20
C PRO C 164 -17.24 -36.23 0.77
N ILE C 165 -18.52 -36.54 0.96
CA ILE C 165 -18.90 -37.60 1.90
C ILE C 165 -18.28 -38.92 1.44
N VAL C 166 -17.85 -39.72 2.40
CA VAL C 166 -17.14 -40.96 2.13
C VAL C 166 -17.87 -42.11 2.82
N PRO C 167 -18.08 -43.24 2.16
CA PRO C 167 -18.69 -44.39 2.84
C PRO C 167 -17.87 -44.83 4.04
N GLY C 168 -18.51 -45.55 4.95
CA GLY C 168 -17.91 -45.83 6.23
C GLY C 168 -16.59 -46.57 6.17
N THR C 169 -15.50 -45.83 6.41
CA THR C 169 -14.15 -46.38 6.55
C THR C 169 -13.80 -47.39 5.44
N LYS C 170 -14.26 -47.11 4.22
CA LYS C 170 -13.87 -47.93 3.08
C LYS C 170 -13.85 -47.04 1.84
N ASN C 171 -12.67 -46.48 1.56
CA ASN C 171 -12.44 -45.62 0.40
C ASN C 171 -10.95 -45.29 0.34
N ALA C 172 -10.57 -44.43 -0.59
CA ALA C 172 -9.22 -43.89 -0.69
C ALA C 172 -9.29 -42.37 -0.61
N TYR C 173 -8.13 -41.74 -0.79
CA TYR C 173 -8.04 -40.28 -0.74
C TYR C 173 -6.69 -39.86 -1.30
N ARG C 174 -6.59 -38.59 -1.66
CA ARG C 174 -5.36 -37.99 -2.15
C ARG C 174 -4.94 -36.86 -1.23
N ASN C 175 -3.65 -36.52 -1.28
CA ASN C 175 -3.07 -35.51 -0.41
C ASN C 175 -2.89 -34.21 -1.16
N LEU C 176 -3.43 -33.12 -0.63
CA LEU C 176 -3.25 -31.82 -1.24
C LEU C 176 -1.79 -31.39 -1.13
N VAL C 177 -1.29 -30.73 -2.18
CA VAL C 177 0.11 -30.36 -2.29
C VAL C 177 0.21 -28.86 -2.49
N TYR C 178 1.15 -28.22 -1.79
CA TYR C 178 1.35 -26.79 -1.89
C TYR C 178 2.83 -26.48 -1.75
N TYR C 179 3.24 -25.39 -2.40
CA TYR C 179 4.65 -24.98 -2.39
C TYR C 179 4.94 -24.19 -1.11
N CYS C 180 6.12 -23.59 -1.04
CA CYS C 180 6.52 -22.80 0.12
C CYS C 180 6.44 -21.32 -0.24
N GLU C 181 6.11 -20.50 0.76
CA GLU C 181 5.98 -19.07 0.55
C GLU C 181 7.33 -18.46 0.20
N TYR C 182 7.37 -17.72 -0.90
CA TYR C 182 8.57 -17.06 -1.42
C TYR C 182 9.66 -18.08 -1.72
N PRO C 183 9.46 -18.95 -2.72
CA PRO C 183 10.50 -19.94 -3.05
C PRO C 183 11.70 -19.34 -3.76
N GLY C 184 11.59 -18.12 -4.28
CA GLY C 184 12.70 -17.53 -4.99
C GLY C 184 13.88 -17.23 -4.09
N LEU C 185 13.62 -16.78 -2.86
CA LEU C 185 14.66 -16.52 -1.89
C LEU C 185 15.15 -17.79 -1.19
N ARG C 186 14.54 -18.94 -1.50
CA ARG C 186 14.93 -20.21 -0.89
C ARG C 186 15.65 -21.15 -1.85
N LEU C 187 15.36 -21.07 -3.15
CA LEU C 187 16.03 -21.94 -4.12
C LEU C 187 17.53 -21.68 -4.12
N TYR C 188 17.95 -20.48 -4.50
CA TYR C 188 19.37 -20.15 -4.58
C TYR C 188 19.95 -20.12 -3.17
N GLU C 189 20.77 -21.10 -2.84
CA GLU C 189 21.37 -21.19 -1.52
C GLU C 189 22.79 -20.62 -1.46
N ASN C 190 23.46 -20.47 -2.59
CA ASN C 190 24.81 -19.94 -2.60
C ASN C 190 25.16 -19.47 -4.00
N VAL C 191 25.65 -18.24 -4.11
CA VAL C 191 26.06 -17.65 -5.38
C VAL C 191 27.47 -17.11 -5.21
N ARG C 192 28.33 -17.32 -6.22
CA ARG C 192 29.74 -16.97 -6.10
C ARG C 192 30.26 -16.63 -7.49
N PHE C 193 30.41 -15.34 -7.76
CA PHE C 193 30.98 -14.88 -9.02
C PHE C 193 32.50 -14.90 -8.92
N GLU C 194 33.16 -15.48 -9.93
CA GLU C 194 34.59 -15.62 -9.89
C GLU C 194 35.15 -15.59 -11.30
N VAL C 195 36.35 -15.03 -11.44
CA VAL C 195 37.08 -15.01 -12.70
C VAL C 195 38.47 -15.61 -12.46
N ASN C 196 38.92 -16.45 -13.40
CA ASN C 196 40.22 -17.09 -13.32
C ASN C 196 40.44 -17.78 -11.97
N GLY C 197 39.37 -18.26 -11.36
CA GLY C 197 39.45 -18.83 -10.04
C GLY C 197 39.58 -17.85 -8.90
N ASN C 198 39.60 -16.54 -9.20
CA ASN C 198 39.69 -15.51 -8.17
C ASN C 198 38.28 -15.15 -7.74
N SER C 199 37.80 -15.80 -6.69
CA SER C 199 36.48 -15.48 -6.15
C SER C 199 36.46 -14.05 -5.64
N LEU C 200 35.48 -13.27 -6.11
CA LEU C 200 35.38 -11.87 -5.74
C LEU C 200 34.13 -11.59 -4.91
N ASP C 201 32.95 -11.94 -5.42
CA ASP C 201 31.70 -11.71 -4.72
C ASP C 201 31.06 -13.04 -4.36
N GLU C 202 30.38 -13.06 -3.21
CA GLU C 202 29.74 -14.28 -2.71
C GLU C 202 28.84 -13.90 -1.54
N TYR C 203 27.70 -14.58 -1.47
CA TYR C 203 26.81 -14.45 -0.31
C TYR C 203 26.09 -15.78 -0.12
N SER C 204 25.03 -15.77 0.68
CA SER C 204 24.32 -16.98 1.04
C SER C 204 22.82 -16.72 0.93
N SER C 205 22.03 -17.65 1.46
CA SER C 205 20.58 -17.53 1.47
C SER C 205 20.06 -16.63 2.58
N ASP C 206 20.94 -15.90 3.26
CA ASP C 206 20.55 -14.91 4.26
C ASP C 206 20.54 -13.50 3.71
N VAL C 207 21.47 -13.17 2.81
CA VAL C 207 21.44 -11.87 2.14
C VAL C 207 20.22 -11.76 1.24
N THR C 208 19.81 -12.87 0.64
CA THR C 208 18.60 -12.86 -0.19
C THR C 208 17.33 -12.64 0.63
N THR C 209 17.42 -12.75 1.96
CA THR C 209 16.28 -12.47 2.83
C THR C 209 16.37 -11.13 3.52
N LEU C 210 17.56 -10.72 3.97
CA LEU C 210 17.76 -9.44 4.62
C LEU C 210 18.03 -8.32 3.63
N VAL C 211 17.65 -8.48 2.37
CA VAL C 211 17.72 -7.40 1.40
C VAL C 211 16.33 -7.24 0.80
N ARG C 212 15.55 -8.32 0.81
CA ARG C 212 14.18 -8.25 0.32
C ARG C 212 13.35 -7.26 1.10
N LYS C 213 13.63 -7.09 2.39
CA LYS C 213 12.92 -6.12 3.21
C LYS C 213 13.59 -4.76 3.27
N PHE C 214 14.78 -4.61 2.69
CA PHE C 214 15.54 -3.38 2.83
C PHE C 214 16.08 -2.84 1.52
N CYS C 215 15.58 -3.32 0.38
CA CYS C 215 15.96 -2.78 -0.92
C CYS C 215 14.76 -2.27 -1.71
N ILE C 216 13.69 -3.05 -1.78
CA ILE C 216 12.53 -2.69 -2.61
C ILE C 216 11.66 -1.69 -1.87
N PRO C 217 11.17 -0.64 -2.53
CA PRO C 217 10.27 0.30 -1.86
C PRO C 217 8.84 -0.22 -1.83
N GLY C 218 7.91 0.59 -1.34
CA GLY C 218 6.51 0.24 -1.28
C GLY C 218 5.79 0.28 -2.61
N ASP C 219 6.51 0.45 -3.71
CA ASP C 219 5.92 0.51 -5.04
C ASP C 219 6.02 -0.81 -5.79
N LYS C 220 7.19 -1.45 -5.76
CA LYS C 220 7.43 -2.69 -6.47
C LYS C 220 7.06 -3.92 -5.64
N MET C 221 6.15 -3.78 -4.67
CA MET C 221 5.74 -4.92 -3.86
C MET C 221 5.16 -6.04 -4.73
N THR C 222 4.09 -5.73 -5.47
CA THR C 222 3.48 -6.74 -6.33
C THR C 222 4.41 -7.14 -7.47
N GLY C 223 5.25 -6.21 -7.94
CA GLY C 223 6.24 -6.57 -8.94
C GLY C 223 7.15 -7.69 -8.48
N TYR C 224 7.72 -7.55 -7.29
CA TYR C 224 8.56 -8.61 -6.75
C TYR C 224 7.74 -9.87 -6.44
N LYS C 225 6.53 -9.69 -5.92
CA LYS C 225 5.70 -10.85 -5.59
C LYS C 225 5.38 -11.68 -6.81
N HIS C 226 5.29 -11.06 -7.99
CA HIS C 226 5.10 -11.82 -9.22
C HIS C 226 6.40 -12.23 -9.87
N LEU C 227 7.50 -11.54 -9.57
CA LEU C 227 8.80 -11.94 -10.11
C LEU C 227 9.26 -13.25 -9.47
N VAL C 228 9.11 -13.39 -8.16
CA VAL C 228 9.57 -14.58 -7.46
C VAL C 228 8.42 -15.57 -7.22
N GLY C 229 7.31 -15.41 -7.94
CA GLY C 229 6.23 -16.39 -7.88
C GLY C 229 5.60 -16.55 -6.51
N GLN C 230 5.52 -15.47 -5.74
CA GLN C 230 4.85 -15.49 -4.46
C GLN C 230 3.36 -15.21 -4.65
N GLU C 231 2.55 -15.70 -3.72
CA GLU C 231 1.11 -15.50 -3.80
C GLU C 231 0.78 -14.02 -3.79
N VAL C 232 -0.25 -13.65 -4.56
CA VAL C 232 -0.69 -12.27 -4.67
C VAL C 232 -2.10 -12.16 -4.10
N SER C 233 -2.45 -10.96 -3.66
CA SER C 233 -3.77 -10.69 -3.08
C SER C 233 -4.58 -9.88 -4.10
N VAL C 234 -5.69 -10.45 -4.54
CA VAL C 234 -6.58 -9.77 -5.47
C VAL C 234 -7.71 -9.11 -4.69
N GLU C 235 -8.31 -8.08 -5.28
CA GLU C 235 -9.43 -7.39 -4.66
C GLU C 235 -10.73 -8.13 -4.98
N GLY C 236 -11.84 -7.60 -4.45
CA GLY C 236 -13.13 -8.20 -4.67
C GLY C 236 -14.23 -7.19 -4.41
N THR C 237 -15.47 -7.65 -4.52
CA THR C 237 -16.64 -6.83 -4.27
C THR C 237 -17.62 -7.63 -3.43
N SER C 238 -18.83 -7.10 -3.28
CA SER C 238 -19.89 -7.78 -2.55
C SER C 238 -21.22 -7.27 -3.06
N GLY C 239 -22.28 -7.98 -2.68
CA GLY C 239 -23.62 -7.57 -3.04
C GLY C 239 -24.04 -6.33 -2.30
N PRO C 240 -24.79 -5.45 -2.96
CA PRO C 240 -25.23 -4.21 -2.31
C PRO C 240 -26.18 -4.53 -1.16
N LEU C 241 -25.76 -4.17 0.05
CA LEU C 241 -26.54 -4.40 1.26
C LEU C 241 -26.73 -3.09 2.00
N LEU C 242 -27.86 -2.99 2.69
CA LEU C 242 -28.20 -1.78 3.45
C LEU C 242 -27.62 -1.85 4.86
N CYS C 243 -27.08 -0.73 5.32
CA CYS C 243 -26.49 -0.64 6.65
C CYS C 243 -27.08 0.55 7.39
N ASN C 244 -27.29 0.38 8.69
CA ASN C 244 -27.84 1.45 9.50
C ASN C 244 -26.77 2.52 9.76
N ILE C 245 -27.23 3.72 10.07
CA ILE C 245 -26.35 4.82 10.43
C ILE C 245 -26.71 5.29 11.83
N HIS C 246 -25.71 5.82 12.54
CA HIS C 246 -25.88 6.19 13.94
C HIS C 246 -24.93 7.32 14.26
N ASP C 247 -25.46 8.54 14.36
CA ASP C 247 -24.68 9.72 14.64
C ASP C 247 -24.93 10.21 16.06
N LEU C 248 -23.90 10.83 16.64
CA LEU C 248 -24.00 11.41 17.98
C LEU C 248 -24.15 12.92 17.84
N HIS C 249 -25.24 13.46 18.36
CA HIS C 249 -25.59 14.86 18.10
C HIS C 249 -25.05 15.80 19.18
N LYS C 250 -25.50 15.63 20.42
CA LYS C 250 -25.13 16.54 21.49
C LYS C 250 -25.57 16.01 22.86
N PRO C 251 -25.15 16.64 23.95
CA PRO C 251 -25.58 16.18 25.28
C PRO C 251 -26.87 16.88 25.71
N HIS C 252 -27.85 16.08 26.11
CA HIS C 252 -29.13 16.56 26.62
C HIS C 252 -29.92 17.33 25.57
N GLN C 253 -29.41 17.40 24.34
CA GLN C 253 -30.16 18.03 23.26
C GLN C 253 -31.32 17.16 22.79
N SER C 254 -31.28 15.87 23.09
CA SER C 254 -32.36 14.95 22.77
C SER C 254 -32.18 13.71 23.63
N LYS C 255 -33.25 13.30 24.31
CA LYS C 255 -33.12 12.20 25.25
C LYS C 255 -34.01 11.03 24.86
N PRO C 256 -34.04 10.65 23.57
CA PRO C 256 -34.72 9.41 23.19
C PRO C 256 -33.80 8.21 23.37
N ILE C 257 -34.12 7.32 24.31
CA ILE C 257 -33.20 6.24 24.66
C ILE C 257 -33.16 5.20 23.54
N LEU C 258 -34.27 4.50 23.34
CA LEU C 258 -34.36 3.45 22.32
C LEU C 258 -35.80 3.00 22.21
N THR C 259 -36.25 2.72 20.99
CA THR C 259 -37.54 2.12 20.75
C THR C 259 -37.35 0.86 19.93
N ASP C 260 -38.06 -0.21 20.31
CA ASP C 260 -37.75 -1.53 19.78
C ASP C 260 -38.07 -1.64 18.29
N GLU C 261 -39.28 -1.23 17.89
CA GLU C 261 -39.75 -1.52 16.54
C GLU C 261 -40.01 -0.28 15.70
N ASN C 262 -40.67 0.74 16.24
CA ASN C 262 -41.08 1.88 15.42
C ASN C 262 -40.62 3.22 16.01
N ASP C 263 -41.13 4.32 15.45
CA ASP C 263 -40.97 5.66 16.00
C ASP C 263 -39.48 6.04 16.13
N THR C 264 -38.84 6.13 14.97
CA THR C 264 -37.44 6.52 14.88
C THR C 264 -37.37 7.91 14.26
N GLN C 265 -37.43 8.94 15.10
CA GLN C 265 -37.36 10.33 14.67
C GLN C 265 -37.15 11.20 15.91
N ARG C 266 -37.19 12.52 15.71
CA ARG C 266 -37.10 13.50 16.79
C ARG C 266 -35.77 13.38 17.55
N THR C 267 -34.67 13.51 16.80
CA THR C 267 -33.32 13.46 17.36
C THR C 267 -32.64 14.79 17.07
N CYS C 268 -31.77 15.21 17.99
CA CYS C 268 -31.02 16.46 17.82
C CYS C 268 -30.29 16.47 16.48
N SER C 269 -30.30 17.63 15.84
CA SER C 269 -29.78 17.74 14.48
C SER C 269 -28.32 18.19 14.51
N HIS C 270 -27.67 18.14 13.35
CA HIS C 270 -26.28 18.52 13.16
C HIS C 270 -26.14 19.35 11.88
N THR C 271 -27.00 20.36 11.73
CA THR C 271 -27.05 21.19 10.52
C THR C 271 -27.37 20.34 9.29
N ASN C 272 -28.60 19.82 9.31
CA ASN C 272 -29.19 18.92 8.33
C ASN C 272 -28.83 19.17 6.86
N PRO C 273 -28.92 20.42 6.34
CA PRO C 273 -28.61 20.63 4.91
C PRO C 273 -27.30 20.00 4.44
N LYS C 274 -26.28 20.04 5.30
CA LYS C 274 -25.02 19.36 4.96
C LYS C 274 -25.19 17.85 4.93
N PHE C 275 -25.80 17.28 5.96
CA PHE C 275 -25.89 15.83 6.07
C PHE C 275 -26.88 15.24 5.08
N LEU C 276 -27.75 16.04 4.49
CA LEU C 276 -28.68 15.57 3.48
C LEU C 276 -28.00 15.46 2.13
N SER C 277 -27.44 16.58 1.64
CA SER C 277 -26.84 16.61 0.32
C SER C 277 -25.68 15.61 0.18
N GLN C 278 -24.78 15.59 1.16
CA GLN C 278 -23.62 14.71 1.08
C GLN C 278 -23.99 13.23 1.18
N HIS C 279 -25.17 12.91 1.71
CA HIS C 279 -25.62 11.53 1.85
C HIS C 279 -26.75 11.15 0.91
N PHE C 280 -27.60 12.11 0.53
CA PHE C 280 -28.74 11.87 -0.34
C PHE C 280 -29.64 10.79 0.27
N PRO C 281 -30.32 11.09 1.37
CA PRO C 281 -31.07 10.06 2.10
C PRO C 281 -32.36 9.62 1.42
N HIS C 282 -32.59 9.98 0.17
CA HIS C 282 -33.81 9.62 -0.54
C HIS C 282 -33.59 8.47 -1.53
N PRO C 284 -32.47 5.04 -0.50
CA PRO C 284 -32.77 3.62 -0.18
C PRO C 284 -34.23 3.25 -0.41
N GLU C 285 -35.05 4.16 -0.92
CA GLU C 285 -36.51 4.04 -0.91
C GLU C 285 -37.03 3.69 -2.30
N ASN C 286 -38.14 2.97 -2.32
CA ASN C 286 -38.82 2.61 -3.56
C ASN C 286 -39.72 3.74 -4.03
N ILE C 287 -40.22 4.55 -3.11
CA ILE C 287 -41.22 5.58 -3.42
C ILE C 287 -40.62 6.62 -4.34
N GLN C 288 -41.48 7.45 -4.93
CA GLN C 288 -41.06 8.41 -5.95
C GLN C 288 -39.91 9.27 -5.46
N THR C 289 -38.86 9.34 -6.27
CA THR C 289 -37.71 10.21 -6.02
C THR C 289 -37.65 11.22 -7.17
N ALA C 290 -37.98 12.48 -6.87
CA ALA C 290 -38.03 13.51 -7.90
C ALA C 290 -36.63 13.77 -8.46
N GLY C 291 -36.59 14.60 -9.50
CA GLY C 291 -35.34 14.96 -10.14
C GLY C 291 -34.44 15.86 -9.34
N LYS C 292 -34.75 16.09 -8.06
CA LYS C 292 -33.94 16.94 -7.19
C LYS C 292 -33.85 16.28 -5.83
N GLN C 293 -33.14 16.94 -4.92
CA GLN C 293 -32.91 16.44 -3.58
C GLN C 293 -33.95 17.04 -2.62
N ASP C 294 -34.35 16.26 -1.63
CA ASP C 294 -35.37 16.67 -0.67
C ASP C 294 -34.71 17.17 0.61
N ILE C 295 -35.19 18.30 1.11
CA ILE C 295 -34.57 18.98 2.25
C ILE C 295 -35.29 18.51 3.51
N THR C 296 -34.75 17.46 4.14
CA THR C 296 -35.05 17.09 5.51
C THR C 296 -36.55 16.98 5.78
N PRO C 297 -37.19 15.87 5.40
CA PRO C 297 -38.64 15.72 5.67
C PRO C 297 -38.98 15.86 7.15
N ILE C 298 -38.41 14.99 7.98
CA ILE C 298 -38.54 15.10 9.44
C ILE C 298 -37.21 14.76 10.09
N THR C 299 -36.50 15.78 10.57
CA THR C 299 -35.19 15.70 11.21
C THR C 299 -34.32 14.61 10.59
N ASP C 300 -34.34 14.52 9.25
CA ASP C 300 -33.64 13.45 8.53
C ASP C 300 -32.21 13.90 8.23
N ALA C 301 -31.37 13.83 9.26
CA ALA C 301 -29.96 14.14 9.09
C ALA C 301 -29.27 13.04 8.29
N THR C 302 -29.35 11.81 8.77
CA THR C 302 -28.76 10.65 8.09
C THR C 302 -29.69 9.46 8.30
N TYR C 303 -30.24 8.93 7.22
CA TYR C 303 -31.16 7.80 7.26
C TYR C 303 -30.76 6.77 6.21
N LEU C 304 -30.43 5.57 6.67
CA LEU C 304 -30.24 4.40 5.81
C LEU C 304 -29.17 4.64 4.74
N ASP C 305 -27.94 4.83 5.20
CA ASP C 305 -26.81 4.95 4.30
C ASP C 305 -26.52 3.60 3.63
N ILE C 306 -25.95 3.65 2.43
CA ILE C 306 -25.67 2.47 1.63
C ILE C 306 -24.20 2.10 1.76
N ARG C 307 -23.93 0.80 1.86
CA ARG C 307 -22.59 0.29 2.07
C ARG C 307 -22.38 -0.95 1.20
N ARG C 308 -21.13 -1.19 0.82
CA ARG C 308 -20.76 -2.39 0.09
C ARG C 308 -19.44 -2.92 0.64
N ASN C 309 -19.42 -4.22 0.94
CA ASN C 309 -18.25 -4.83 1.56
C ASN C 309 -17.18 -5.14 0.52
N VAL C 310 -16.00 -5.48 1.02
CA VAL C 310 -14.85 -5.85 0.19
C VAL C 310 -14.28 -7.15 0.74
N HIS C 311 -14.01 -8.10 -0.15
CA HIS C 311 -13.46 -9.40 0.21
C HIS C 311 -12.17 -9.63 -0.56
N TYR C 312 -11.11 -10.01 0.16
CA TYR C 312 -9.88 -10.38 -0.50
C TYR C 312 -9.90 -11.86 -0.89
N SER C 313 -8.99 -12.22 -1.78
CA SER C 313 -8.83 -13.62 -2.19
C SER C 313 -7.42 -13.80 -2.71
N CYS C 314 -7.05 -15.06 -2.93
CA CYS C 314 -5.70 -15.39 -3.36
C CYS C 314 -5.74 -16.61 -4.26
N ASN C 315 -4.59 -16.90 -4.86
CA ASN C 315 -4.41 -18.03 -5.77
C ASN C 315 -2.92 -18.14 -6.07
N GLY C 316 -2.53 -19.31 -6.56
CA GLY C 316 -1.17 -19.51 -7.01
C GLY C 316 -0.48 -20.70 -6.36
N PRO C 317 0.85 -20.62 -6.25
CA PRO C 317 1.61 -21.74 -5.66
C PRO C 317 1.41 -21.89 -4.17
N GLN C 318 0.74 -20.95 -3.50
CA GLN C 318 0.59 -20.99 -2.05
C GLN C 318 -0.79 -21.50 -1.62
N THR C 319 -1.50 -22.19 -2.50
CA THR C 319 -2.77 -22.78 -2.09
C THR C 319 -2.76 -24.28 -2.32
N PRO C 320 -3.33 -25.05 -1.40
CA PRO C 320 -3.28 -26.52 -1.51
C PRO C 320 -4.21 -27.01 -2.61
N LYS C 321 -3.64 -27.68 -3.61
CA LYS C 321 -4.39 -28.28 -4.70
C LYS C 321 -3.86 -29.68 -4.96
N TYR C 322 -4.70 -30.51 -5.60
CA TYR C 322 -4.29 -31.87 -5.93
C TYR C 322 -3.21 -31.92 -6.99
N TYR C 323 -2.91 -30.80 -7.64
CA TYR C 323 -1.95 -30.75 -8.74
C TYR C 323 -1.45 -29.33 -8.86
N GLN C 324 -0.19 -29.17 -9.23
CA GLN C 324 0.39 -27.84 -9.37
C GLN C 324 0.91 -27.64 -10.79
N PRO C 325 0.42 -26.64 -11.50
CA PRO C 325 0.98 -26.31 -12.81
C PRO C 325 2.43 -25.89 -12.68
N PRO C 326 3.21 -25.97 -13.75
CA PRO C 326 4.64 -25.61 -13.67
C PRO C 326 4.80 -24.12 -13.37
N LEU C 327 5.38 -23.83 -12.21
CA LEU C 327 5.63 -22.44 -11.81
C LEU C 327 6.78 -21.86 -12.64
N ALA C 328 7.03 -20.57 -12.44
CA ALA C 328 8.12 -19.86 -13.12
C ALA C 328 8.74 -18.89 -12.11
N LEU C 329 9.80 -19.35 -11.45
CA LEU C 329 10.41 -18.62 -10.35
C LEU C 329 11.62 -17.86 -10.88
N TRP C 330 11.39 -16.64 -11.33
CA TRP C 330 12.48 -15.79 -11.79
C TRP C 330 13.32 -15.36 -10.59
N ILE C 331 14.64 -15.44 -10.74
CA ILE C 331 15.56 -15.09 -9.66
C ILE C 331 16.51 -14.01 -10.16
N LYS C 332 16.83 -13.07 -9.28
CA LYS C 332 17.83 -12.06 -9.59
C LYS C 332 19.18 -12.47 -9.00
N LEU C 333 20.22 -11.72 -9.37
CA LEU C 333 21.57 -11.95 -8.87
C LEU C 333 22.07 -10.63 -8.30
N ARG C 334 21.90 -10.46 -6.99
CA ARG C 334 22.24 -9.22 -6.31
C ARG C 334 23.75 -9.08 -6.23
N PHE C 335 24.33 -8.31 -7.15
CA PHE C 335 25.76 -8.01 -7.15
C PHE C 335 25.96 -6.51 -7.19
N TRP C 336 27.20 -6.07 -7.43
CA TRP C 336 27.44 -4.67 -7.76
C TRP C 336 27.19 -4.38 -9.22
N PHE C 337 27.10 -5.40 -10.07
CA PHE C 337 26.82 -5.22 -11.49
C PHE C 337 25.32 -5.03 -11.74
N ASN C 338 24.47 -5.65 -10.94
CA ASN C 338 23.02 -5.46 -11.04
C ASN C 338 22.61 -4.21 -10.24
N ASP C 339 23.15 -3.08 -10.67
CA ASP C 339 23.00 -1.81 -9.97
C ASP C 339 23.00 -0.70 -11.01
N ASN C 340 23.29 0.52 -10.58
CA ASN C 340 23.39 1.66 -11.49
C ASN C 340 24.30 1.32 -12.66
N VAL C 341 23.89 1.76 -13.86
CA VAL C 341 24.58 1.39 -15.08
C VAL C 341 26.00 1.94 -15.14
N LEU C 343 29.13 2.18 -12.88
CA LEU C 343 29.46 1.35 -14.02
C LEU C 343 29.63 -0.09 -13.55
N ALA C 344 29.90 -1.02 -14.48
CA ALA C 344 30.05 -2.41 -14.10
C ALA C 344 30.74 -3.19 -15.21
N ILE C 345 31.69 -4.04 -14.82
CA ILE C 345 32.27 -5.08 -15.67
C ILE C 345 32.73 -4.53 -17.02
N PRO C 346 33.86 -3.82 -17.07
CA PRO C 346 34.32 -3.28 -18.36
C PRO C 346 34.48 -4.32 -19.45
N SER C 347 34.93 -5.52 -19.11
CA SER C 347 34.99 -6.67 -20.02
C SER C 347 35.74 -6.36 -21.31
N VAL C 348 36.59 -5.34 -21.31
CA VAL C 348 37.42 -5.03 -22.47
C VAL C 348 38.83 -5.59 -22.33
N SER C 349 39.27 -5.87 -21.10
CA SER C 349 40.57 -6.47 -20.87
C SER C 349 40.46 -7.90 -20.35
N ILE C 350 39.25 -8.40 -20.11
CA ILE C 350 39.08 -9.79 -19.68
C ILE C 350 39.29 -10.71 -20.87
N PRO C 351 40.10 -11.77 -20.76
CA PRO C 351 40.32 -12.66 -21.90
C PRO C 351 39.11 -13.52 -22.19
N PHE C 352 39.16 -14.31 -23.26
CA PHE C 352 38.07 -15.22 -23.58
C PHE C 352 37.94 -16.28 -22.50
N GLY C 353 36.70 -16.56 -22.10
CA GLY C 353 36.50 -17.46 -20.99
C GLY C 353 36.95 -16.84 -19.68
N GLU C 354 37.26 -17.71 -18.72
CA GLU C 354 37.76 -17.29 -17.41
C GLU C 354 36.79 -16.34 -16.71
N ARG C 355 35.49 -16.57 -16.91
CA ARG C 355 34.44 -15.80 -16.25
C ARG C 355 33.31 -16.76 -15.93
N PHE C 356 33.20 -17.15 -14.67
CA PHE C 356 32.27 -18.20 -14.26
C PHE C 356 31.36 -17.70 -13.15
N ILE C 357 30.22 -18.38 -13.01
CA ILE C 357 29.29 -18.19 -11.91
C ILE C 357 29.04 -19.56 -11.30
N THR C 358 28.50 -19.55 -10.08
CA THR C 358 28.16 -20.80 -9.39
C THR C 358 26.87 -20.58 -8.61
N ILE C 359 25.93 -21.52 -8.74
CA ILE C 359 24.64 -21.41 -8.08
C ILE C 359 24.28 -22.74 -7.45
N LYS C 360 24.47 -22.87 -6.14
CA LYS C 360 24.20 -24.11 -5.43
C LYS C 360 22.73 -24.17 -5.07
N LEU C 361 21.97 -24.98 -5.80
CA LEU C 361 20.54 -25.10 -5.55
C LEU C 361 20.29 -25.90 -4.26
N ALA C 362 19.02 -25.99 -3.88
CA ALA C 362 18.59 -26.71 -2.69
C ALA C 362 17.95 -28.03 -3.09
N SER C 363 17.38 -28.72 -2.11
CA SER C 363 16.75 -30.02 -2.32
C SER C 363 15.23 -29.88 -2.26
N GLN C 364 14.55 -31.03 -2.36
CA GLN C 364 13.10 -31.03 -2.44
C GLN C 364 12.43 -31.05 -1.07
N LYS C 365 13.00 -31.77 -0.11
CA LYS C 365 12.33 -31.96 1.18
C LYS C 365 12.18 -30.66 1.96
N ASP C 366 12.81 -29.57 1.53
CA ASP C 366 12.74 -28.30 2.22
C ASP C 366 11.78 -27.30 1.56
N LEU C 367 11.11 -27.70 0.48
CA LEU C 367 10.20 -26.80 -0.22
C LEU C 367 8.75 -27.25 -0.15
N VAL C 368 8.46 -28.49 -0.55
CA VAL C 368 7.09 -28.95 -0.74
C VAL C 368 6.69 -29.81 0.45
N ASN C 369 5.46 -29.64 0.93
CA ASN C 369 4.93 -30.47 2.00
C ASN C 369 3.61 -31.10 1.56
N GLU C 370 2.95 -31.78 2.49
CA GLU C 370 1.60 -32.29 2.26
C GLU C 370 0.59 -31.41 3.00
N PHE C 371 -0.68 -31.77 2.88
CA PHE C 371 -1.74 -30.98 3.49
C PHE C 371 -2.84 -31.94 3.92
N PRO C 372 -3.61 -31.59 4.96
CA PRO C 372 -4.64 -32.51 5.46
C PRO C 372 -5.73 -32.73 4.43
N GLY C 373 -6.03 -34.00 4.16
CA GLY C 373 -7.08 -34.34 3.24
C GLY C 373 -8.17 -35.16 3.89
N LEU C 374 -7.83 -35.87 4.97
CA LEU C 374 -8.79 -36.76 5.62
C LEU C 374 -9.84 -35.98 6.40
N PHE C 375 -9.41 -35.00 7.20
CA PHE C 375 -10.30 -34.23 8.06
C PHE C 375 -11.10 -35.16 8.98
N VAL C 376 -10.36 -35.78 9.89
CA VAL C 376 -10.89 -36.75 10.85
C VAL C 376 -12.20 -36.25 11.42
N ARG C 377 -13.18 -37.15 11.52
CA ARG C 377 -14.56 -36.77 11.79
C ARG C 377 -14.66 -35.89 13.04
N GLN C 378 -15.61 -34.96 13.00
CA GLN C 378 -15.79 -34.01 14.09
C GLN C 378 -16.59 -34.64 15.23
N SER C 379 -16.35 -34.13 16.43
CA SER C 379 -17.04 -34.62 17.62
C SER C 379 -18.48 -34.10 17.59
N THR C 380 -19.32 -34.80 16.83
CA THR C 380 -20.72 -34.41 16.70
C THR C 380 -21.47 -34.74 17.98
N VAL C 381 -21.12 -34.07 19.07
CA VAL C 381 -21.66 -34.38 20.38
C VAL C 381 -23.07 -33.81 20.51
N ILE C 382 -23.88 -34.46 21.32
CA ILE C 382 -25.22 -33.99 21.66
C ILE C 382 -25.23 -33.84 23.18
N ALA C 383 -24.96 -32.63 23.67
CA ALA C 383 -24.85 -32.39 25.10
C ALA C 383 -26.22 -32.16 25.73
N GLY C 384 -27.14 -33.11 25.53
CA GLY C 384 -28.46 -32.97 26.12
C GLY C 384 -29.28 -31.92 25.39
N ARG C 385 -30.04 -31.15 26.17
CA ARG C 385 -30.90 -30.12 25.60
C ARG C 385 -30.10 -28.87 25.21
N PRO C 386 -29.34 -28.24 26.11
CA PRO C 386 -28.60 -27.04 25.71
C PRO C 386 -27.38 -27.40 24.88
N SER C 387 -27.15 -26.61 23.83
CA SER C 387 -26.06 -26.84 22.87
C SER C 387 -26.16 -28.24 22.26
N ARG C 388 -27.25 -28.46 21.53
CA ARG C 388 -27.52 -29.78 20.96
C ARG C 388 -26.42 -30.19 20.00
N ARG C 389 -26.27 -29.47 18.90
CA ARG C 389 -25.26 -29.80 17.91
C ARG C 389 -23.95 -29.10 18.21
N ASN C 390 -22.85 -29.74 17.80
CA ASN C 390 -21.53 -29.17 18.00
C ASN C 390 -20.56 -29.90 17.07
N ILE C 391 -19.78 -29.12 16.31
CA ILE C 391 -18.88 -29.65 15.30
C ILE C 391 -17.50 -29.08 15.52
N ARG C 392 -16.47 -29.92 15.37
CA ARG C 392 -15.08 -29.48 15.55
C ARG C 392 -14.19 -30.41 14.73
N PHE C 393 -13.74 -29.93 13.58
CA PHE C 393 -12.94 -30.75 12.68
C PHE C 393 -11.54 -30.96 13.25
N LYS C 394 -10.78 -31.86 12.60
CA LYS C 394 -9.41 -32.16 12.99
C LYS C 394 -8.70 -32.81 11.82
N PRO C 395 -7.42 -32.52 11.60
CA PRO C 395 -6.69 -33.14 10.50
C PRO C 395 -6.25 -34.57 10.82
N TRP C 396 -5.90 -35.29 9.76
CA TRP C 396 -5.46 -36.68 9.89
C TRP C 396 -4.59 -37.00 8.68
N PHE C 397 -3.27 -37.00 8.87
CA PHE C 397 -2.35 -37.16 7.75
C PHE C 397 -2.16 -38.63 7.38
N ILE C 398 -1.48 -38.84 6.26
CA ILE C 398 -1.02 -40.14 5.79
C ILE C 398 0.07 -39.88 4.75
N PRO C 399 1.27 -39.49 5.18
CA PRO C 399 2.26 -38.94 4.22
C PRO C 399 2.87 -39.99 3.30
N GLY C 400 3.85 -39.56 2.51
CA GLY C 400 4.54 -40.44 1.58
C GLY C 400 4.31 -40.10 0.13
N VAL C 401 5.27 -39.42 -0.48
CA VAL C 401 5.21 -39.06 -1.90
C VAL C 401 6.60 -38.56 -2.27
N ILE C 402 6.95 -38.67 -3.56
CA ILE C 402 8.23 -38.13 -4.01
C ILE C 402 8.03 -37.09 -5.09
N ASN C 403 7.58 -37.53 -6.28
CA ASN C 403 7.36 -36.67 -7.44
C ASN C 403 8.45 -35.62 -7.58
N GLU C 404 9.70 -36.07 -7.74
CA GLU C 404 10.88 -35.23 -7.62
C GLU C 404 11.23 -34.48 -8.90
N ILE C 405 10.25 -34.17 -9.74
CA ILE C 405 10.50 -33.42 -10.98
C ILE C 405 11.36 -32.20 -10.69
N SER C 406 12.45 -32.08 -11.43
CA SER C 406 13.49 -31.10 -11.15
C SER C 406 13.35 -29.89 -12.08
N LEU C 407 14.35 -29.01 -12.04
CA LEU C 407 14.32 -27.80 -12.84
C LEU C 407 14.47 -28.13 -14.32
N THR C 408 13.47 -27.75 -15.10
CA THR C 408 13.47 -27.93 -16.55
C THR C 408 14.30 -26.79 -17.16
N ASN C 409 14.15 -26.56 -18.46
CA ASN C 409 14.89 -25.52 -19.19
C ASN C 409 15.00 -24.23 -18.38
N ASN C 410 16.22 -23.72 -18.29
CA ASN C 410 16.51 -22.58 -17.44
C ASN C 410 17.65 -21.78 -18.04
N GLU C 411 17.40 -20.51 -18.34
CA GLU C 411 18.35 -19.65 -19.02
C GLU C 411 18.89 -18.59 -18.08
N LEU C 412 19.76 -17.74 -18.61
CA LEU C 412 20.43 -16.69 -17.83
C LEU C 412 20.43 -15.37 -18.59
N TYR C 413 19.23 -14.92 -19.01
CA TYR C 413 19.09 -13.66 -19.74
C TYR C 413 19.99 -12.58 -19.19
N ILE C 414 20.84 -12.03 -20.05
CA ILE C 414 21.86 -11.07 -19.65
C ILE C 414 22.06 -10.07 -20.77
N ASN C 415 22.11 -8.79 -20.43
CA ASN C 415 22.24 -7.74 -21.43
C ASN C 415 23.71 -7.41 -21.67
N ASN C 416 23.94 -6.38 -22.48
CA ASN C 416 25.27 -5.87 -22.75
C ASN C 416 25.17 -4.37 -22.95
N LEU C 417 26.30 -3.73 -23.28
CA LEU C 417 26.34 -2.32 -23.67
C LEU C 417 27.26 -2.21 -24.88
N PHE C 418 26.66 -2.31 -26.07
CA PHE C 418 27.42 -2.19 -27.30
C PHE C 418 27.96 -0.77 -27.46
N VAL C 419 29.17 -0.67 -28.02
CA VAL C 419 29.81 0.61 -28.25
C VAL C 419 30.24 0.68 -29.70
N THR C 420 30.25 1.89 -30.25
CA THR C 420 30.72 2.09 -31.61
C THR C 420 32.20 1.69 -31.71
N PRO C 421 32.63 1.18 -32.86
CA PRO C 421 34.04 0.74 -32.99
C PRO C 421 35.05 1.87 -32.82
N GLU C 422 34.62 3.13 -32.76
CA GLU C 422 35.55 4.23 -32.54
C GLU C 422 35.97 4.30 -31.08
N ILE C 423 35.00 4.34 -30.17
CA ILE C 423 35.30 4.46 -28.74
C ILE C 423 35.95 3.21 -28.20
N HIS C 424 35.72 2.05 -28.83
CA HIS C 424 36.21 0.77 -28.32
C HIS C 424 37.72 0.62 -28.34
N ASN C 425 38.46 1.64 -28.78
CA ASN C 425 39.92 1.57 -28.79
C ASN C 425 40.60 2.50 -27.80
N LEU C 426 39.89 3.51 -27.28
CA LEU C 426 40.50 4.43 -26.33
C LEU C 426 40.55 3.88 -24.91
N TYR C 427 39.73 2.89 -24.58
CA TYR C 427 39.73 2.31 -23.25
C TYR C 427 40.02 0.81 -23.27
N VAL C 428 40.76 0.36 -24.28
CA VAL C 428 41.15 -1.05 -24.38
C VAL C 428 42.55 -1.21 -23.81
N LYS C 429 43.36 -0.14 -23.87
CA LYS C 429 44.73 -0.19 -23.41
C LYS C 429 44.94 0.49 -22.06
N ARG C 430 44.03 1.38 -21.64
CA ARG C 430 44.19 2.08 -20.38
C ARG C 430 43.71 1.23 -19.23
N VAL C 431 44.19 1.57 -18.02
CA VAL C 431 43.79 0.89 -16.79
C VAL C 431 43.22 1.94 -15.84
N ARG C 432 42.16 1.56 -15.12
CA ARG C 432 41.50 2.50 -14.22
C ARG C 432 40.78 1.70 -13.14
N PHE C 433 40.61 2.35 -11.98
CA PHE C 433 39.97 1.74 -10.83
C PHE C 433 38.57 2.33 -10.65
N SER C 434 37.80 1.70 -9.76
CA SER C 434 36.44 2.14 -9.47
C SER C 434 35.98 1.50 -8.18
N LEU C 435 35.51 2.31 -7.24
CA LEU C 435 35.07 1.81 -5.95
C LEU C 435 33.77 1.04 -6.10
N ILE C 436 33.81 -0.27 -5.83
CA ILE C 436 32.65 -1.13 -5.96
C ILE C 436 32.25 -1.63 -4.58
N ARG C 437 31.12 -2.34 -4.53
CA ARG C 437 30.58 -2.89 -3.29
C ARG C 437 30.48 -4.40 -3.43
N VAL C 438 30.94 -5.11 -2.39
CA VAL C 438 30.89 -6.57 -2.36
C VAL C 438 30.40 -7.00 -0.99
N HIS C 439 29.51 -7.99 -0.97
CA HIS C 439 28.82 -8.37 0.27
C HIS C 439 29.66 -9.34 1.07
N LYS C 440 29.49 -9.29 2.39
CA LYS C 440 30.10 -10.21 3.33
C LYS C 440 29.01 -10.88 4.16
N THR C 441 29.34 -12.04 4.72
CA THR C 441 28.40 -12.76 5.56
C THR C 441 29.18 -13.70 6.47
N GLN C 442 28.89 -13.65 7.77
CA GLN C 442 29.55 -14.53 8.74
C GLN C 442 28.48 -14.99 9.73
N VAL C 443 27.88 -16.15 9.44
CA VAL C 443 26.89 -16.71 10.34
C VAL C 443 27.58 -17.34 11.54
N THR C 444 26.84 -17.47 12.63
CA THR C 444 27.38 -18.01 13.87
C THR C 444 26.25 -18.59 14.72
N HIS C 445 26.54 -19.72 15.36
CA HIS C 445 25.62 -20.32 16.31
C HIS C 445 25.84 -19.70 17.69
N THR C 446 24.78 -19.70 18.50
CA THR C 446 24.82 -19.00 19.78
C THR C 446 24.13 -19.81 20.87
N ASN C 447 24.40 -19.41 22.11
CA ASN C 447 23.90 -20.03 23.32
C ASN C 447 23.99 -19.00 24.44
N ASN C 448 23.95 -19.46 25.70
CA ASN C 448 24.08 -18.59 26.86
C ASN C 448 22.93 -17.58 26.93
N ASN C 449 21.74 -18.13 27.23
CA ASN C 449 20.47 -17.42 27.29
C ASN C 449 20.55 -16.04 27.94
N HIS C 450 21.44 -15.87 28.92
CA HIS C 450 21.55 -14.61 29.64
C HIS C 450 22.28 -13.60 28.75
N HIS C 451 22.74 -12.49 29.33
CA HIS C 451 23.34 -11.43 28.55
C HIS C 451 24.69 -11.87 28.00
N ASP C 452 24.67 -12.52 26.84
CA ASP C 452 25.86 -13.13 26.27
C ASP C 452 26.56 -12.13 25.34
N GLU C 453 27.54 -12.62 24.59
CA GLU C 453 28.27 -11.83 23.61
C GLU C 453 28.91 -12.78 22.61
N LYS C 454 29.71 -12.25 21.70
CA LYS C 454 30.36 -13.06 20.68
C LYS C 454 31.55 -12.28 20.13
N LEU C 455 32.18 -12.85 19.09
CA LEU C 455 33.31 -12.22 18.42
C LEU C 455 33.09 -12.37 16.92
N MET C 456 33.22 -11.28 16.19
CA MET C 456 32.93 -11.28 14.76
C MET C 456 34.19 -11.52 13.95
N SER C 457 34.05 -12.27 12.86
CA SER C 457 35.17 -12.60 11.99
C SER C 457 34.68 -12.52 10.54
N ALA C 458 35.51 -13.04 9.63
CA ALA C 458 35.20 -13.07 8.20
C ALA C 458 34.92 -11.67 7.66
N LEU C 459 35.61 -10.67 8.19
CA LEU C 459 35.44 -9.28 7.79
C LEU C 459 36.81 -8.63 7.72
N LYS C 460 37.22 -8.19 6.53
CA LYS C 460 38.52 -7.56 6.36
C LYS C 460 38.51 -6.29 5.51
N TRP C 461 37.44 -6.01 4.79
CA TRP C 461 37.38 -4.82 3.96
C TRP C 461 36.84 -3.64 4.75
N PRO C 462 37.18 -2.41 4.35
CA PRO C 462 36.57 -1.23 4.98
C PRO C 462 35.06 -1.24 4.80
N ILE C 463 34.33 -1.20 5.92
CA ILE C 463 32.91 -1.47 5.95
C ILE C 463 32.16 -0.16 6.16
N GLU C 464 31.01 -0.02 5.50
CA GLU C 464 30.21 1.20 5.55
C GLU C 464 28.72 0.91 5.62
N TYR C 465 28.35 -0.22 6.21
CA TYR C 465 26.96 -0.68 6.27
C TYR C 465 26.97 -1.91 7.17
N MET C 466 25.78 -2.29 7.65
CA MET C 466 25.72 -3.39 8.59
C MET C 466 24.29 -3.93 8.65
N PHE C 467 24.17 -5.20 9.01
CA PHE C 467 22.89 -5.85 9.25
C PHE C 467 23.01 -6.74 10.47
N ILE C 468 21.91 -6.88 11.22
CA ILE C 468 21.81 -7.81 12.33
C ILE C 468 20.58 -8.68 12.09
N GLY C 469 20.45 -9.75 12.87
CA GLY C 469 19.28 -10.59 12.80
C GLY C 469 19.37 -11.69 13.82
N LEU C 470 18.26 -12.40 14.00
CA LEU C 470 18.23 -13.55 14.91
C LEU C 470 17.10 -14.46 14.46
N LYS C 471 17.46 -15.59 13.86
CA LYS C 471 16.47 -16.55 13.37
C LYS C 471 16.52 -17.81 14.22
N PRO C 472 15.50 -18.09 15.02
CA PRO C 472 15.52 -19.30 15.84
C PRO C 472 15.57 -20.56 14.98
N THR C 473 16.33 -21.55 15.44
CA THR C 473 16.53 -22.77 14.68
C THR C 473 15.25 -23.61 14.59
N TRP C 474 14.30 -23.40 15.51
CA TRP C 474 13.04 -24.12 15.43
C TRP C 474 12.30 -23.84 14.12
N ASN C 475 12.50 -22.67 13.53
CA ASN C 475 11.88 -22.37 12.26
C ASN C 475 12.50 -23.16 11.11
N ILE C 476 13.74 -23.60 11.27
CA ILE C 476 14.45 -24.30 10.21
C ILE C 476 14.39 -25.81 10.44
N SER C 477 14.15 -26.21 11.69
CA SER C 477 14.01 -27.63 12.01
C SER C 477 12.86 -28.25 11.22
N ASP C 478 13.19 -29.17 10.31
CA ASP C 478 12.18 -29.71 9.40
C ASP C 478 11.11 -30.50 10.11
N GLN C 479 11.35 -30.95 11.34
CA GLN C 479 10.34 -31.72 12.06
C GLN C 479 9.17 -30.87 12.53
N ASN C 480 9.27 -29.55 12.42
CA ASN C 480 8.16 -28.69 12.82
C ASN C 480 7.11 -28.66 11.71
N PRO C 481 5.83 -28.79 12.05
CA PRO C 481 4.77 -28.78 11.05
C PRO C 481 4.49 -27.42 10.43
N HIS C 482 5.28 -26.40 10.75
CA HIS C 482 5.11 -25.07 10.18
C HIS C 482 6.46 -24.50 9.77
N GLN C 483 7.25 -25.31 9.08
CA GLN C 483 8.58 -24.89 8.63
C GLN C 483 8.54 -24.24 7.26
N HIS C 484 7.86 -24.87 6.30
CA HIS C 484 7.83 -24.39 4.92
C HIS C 484 6.79 -23.29 4.70
N ARG C 485 6.32 -22.66 5.76
CA ARG C 485 5.36 -21.57 5.65
C ARG C 485 5.87 -20.26 6.26
N ASP C 486 6.62 -20.33 7.35
CA ASP C 486 7.12 -19.17 8.06
C ASP C 486 8.60 -19.34 8.39
N TRP C 487 9.39 -19.74 7.38
CA TRP C 487 10.81 -19.99 7.60
C TRP C 487 11.65 -18.72 7.54
N HIS C 488 11.23 -17.71 6.78
CA HIS C 488 12.00 -16.50 6.59
C HIS C 488 11.74 -15.45 7.65
N LYS C 489 11.00 -15.79 8.71
CA LYS C 489 10.74 -14.84 9.77
C LYS C 489 12.01 -14.60 10.59
N PHE C 490 11.99 -13.52 11.38
CA PHE C 490 13.11 -13.17 12.24
C PHE C 490 12.64 -13.00 13.67
N GLY C 491 11.80 -13.91 14.13
CA GLY C 491 11.30 -13.89 15.49
C GLY C 491 10.51 -15.13 15.76
N HIS C 492 10.23 -15.36 17.05
CA HIS C 492 9.47 -16.54 17.45
C HIS C 492 8.04 -16.42 16.93
N VAL C 493 7.71 -17.25 15.93
CA VAL C 493 6.39 -17.23 15.31
C VAL C 493 5.46 -18.14 16.10
N VAL C 494 4.22 -17.69 16.28
CA VAL C 494 3.19 -18.48 16.96
C VAL C 494 1.90 -18.35 16.17
N ASN C 495 1.13 -19.44 16.15
CA ASN C 495 -0.13 -19.47 15.44
C ASN C 495 -1.29 -19.25 16.40
N ALA C 496 -2.27 -18.45 15.98
CA ALA C 496 -3.43 -18.11 16.79
C ALA C 496 -4.67 -18.61 16.06
N ILE C 497 -5.04 -19.87 16.30
CA ILE C 497 -6.22 -20.42 15.65
C ILE C 497 -7.47 -19.79 16.23
N MET C 498 -8.54 -19.81 15.44
CA MET C 498 -9.84 -19.33 15.87
C MET C 498 -10.90 -20.18 15.19
N GLN C 499 -12.17 -19.80 15.37
CA GLN C 499 -13.28 -20.53 14.76
C GLN C 499 -14.48 -19.60 14.62
N PRO C 500 -14.79 -19.15 13.40
CA PRO C 500 -16.01 -18.38 13.18
C PRO C 500 -17.24 -19.25 13.17
N THR C 501 -17.79 -19.54 14.36
CA THR C 501 -18.88 -20.48 14.50
C THR C 501 -20.17 -19.92 13.88
N HIS C 502 -21.21 -20.75 13.91
CA HIS C 502 -22.54 -20.40 13.40
C HIS C 502 -23.53 -20.54 14.55
N HIS C 503 -24.18 -19.45 14.93
CA HIS C 503 -25.13 -19.44 16.04
C HIS C 503 -26.53 -19.59 15.48
N ALA C 504 -26.98 -20.84 15.37
CA ALA C 504 -28.30 -21.18 14.83
C ALA C 504 -29.18 -21.60 16.01
N GLU C 505 -29.82 -20.61 16.64
CA GLU C 505 -30.62 -20.83 17.84
C GLU C 505 -32.10 -20.82 17.46
N ILE C 506 -32.59 -21.99 17.03
CA ILE C 506 -33.98 -22.16 16.60
C ILE C 506 -34.77 -22.75 17.75
N SER C 507 -36.01 -22.25 17.93
CA SER C 507 -36.89 -22.71 19.01
C SER C 507 -38.28 -22.91 18.42
N PHE C 508 -38.59 -24.15 18.05
CA PHE C 508 -39.91 -24.48 17.51
C PHE C 508 -41.00 -24.47 18.57
N GLN C 509 -40.63 -24.35 19.84
CA GLN C 509 -41.61 -24.29 20.93
C GLN C 509 -42.42 -23.00 20.79
N ASP C 510 -43.73 -23.15 20.59
CA ASP C 510 -44.60 -21.99 20.38
C ASP C 510 -44.81 -21.18 21.65
N ARG C 511 -44.60 -21.78 22.82
CA ARG C 511 -44.78 -21.12 24.10
C ARG C 511 -43.43 -21.07 24.83
N ASP C 512 -43.46 -20.66 26.10
CA ASP C 512 -42.26 -20.60 26.94
C ASP C 512 -41.20 -19.70 26.31
N THR C 513 -41.53 -18.40 26.25
CA THR C 513 -40.67 -17.41 25.61
C THR C 513 -39.31 -17.26 26.29
N ALA C 514 -39.09 -17.96 27.41
CA ALA C 514 -37.84 -17.83 28.15
C ALA C 514 -36.69 -18.46 27.37
N LEU C 515 -35.51 -18.49 28.00
CA LEU C 515 -34.26 -18.99 27.43
C LEU C 515 -34.45 -20.38 26.82
N PRO C 516 -34.37 -20.51 25.50
CA PRO C 516 -34.55 -21.83 24.88
C PRO C 516 -33.37 -22.74 25.11
N ASP C 517 -33.24 -23.27 26.32
CA ASP C 517 -32.13 -24.15 26.68
C ASP C 517 -32.32 -25.58 26.19
N ALA C 518 -33.24 -25.80 25.23
CA ALA C 518 -33.51 -27.12 24.70
C ALA C 518 -33.00 -27.33 23.29
N CYS C 519 -32.84 -26.27 22.50
CA CYS C 519 -32.41 -26.39 21.11
C CYS C 519 -31.40 -25.31 20.79
N SER C 520 -30.34 -25.69 20.09
CA SER C 520 -29.28 -24.78 19.67
C SER C 520 -28.50 -25.44 18.55
N SER C 521 -27.45 -24.76 18.09
CA SER C 521 -26.62 -25.31 17.02
C SER C 521 -25.30 -24.56 16.97
N ILE C 522 -24.20 -25.31 16.91
CA ILE C 522 -22.86 -24.77 16.70
C ILE C 522 -22.25 -25.52 15.53
N SER C 523 -21.40 -24.84 14.77
CA SER C 523 -20.82 -25.42 13.56
C SER C 523 -19.37 -24.94 13.42
N ASP C 524 -18.76 -25.32 12.31
CA ASP C 524 -17.38 -24.96 11.99
C ASP C 524 -17.13 -25.33 10.53
N ILE C 525 -16.02 -24.83 9.99
CA ILE C 525 -15.67 -25.06 8.60
C ILE C 525 -14.26 -25.59 8.45
N SER C 526 -13.27 -24.86 8.96
CA SER C 526 -11.87 -25.20 8.82
C SER C 526 -11.05 -24.26 9.71
N PRO C 527 -9.84 -24.68 10.10
CA PRO C 527 -9.00 -23.79 10.92
C PRO C 527 -8.53 -22.57 10.16
N VAL C 528 -8.06 -21.59 10.93
CA VAL C 528 -7.54 -20.33 10.39
C VAL C 528 -6.40 -19.87 11.28
N THR C 529 -5.26 -19.54 10.67
CA THR C 529 -4.05 -19.18 11.40
C THR C 529 -3.79 -17.69 11.32
N TYR C 530 -2.86 -17.24 12.17
CA TYR C 530 -2.45 -15.84 12.20
C TYR C 530 -0.99 -15.77 12.64
N PRO C 531 -0.07 -15.73 11.69
CA PRO C 531 1.34 -15.63 12.05
C PRO C 531 1.68 -14.31 12.74
N ILE C 532 2.05 -14.39 14.01
CA ILE C 532 2.45 -13.23 14.79
C ILE C 532 3.97 -13.27 14.97
N THR C 533 4.61 -12.11 14.90
CA THR C 533 6.05 -11.99 15.06
C THR C 533 6.35 -11.20 16.33
N LEU C 534 7.21 -11.76 17.17
CA LEU C 534 7.63 -11.11 18.41
C LEU C 534 9.15 -11.02 18.42
N PRO C 535 9.73 -9.83 18.53
CA PRO C 535 11.19 -9.71 18.53
C PRO C 535 11.79 -10.43 19.73
N ILE C 536 13.08 -10.75 19.59
CA ILE C 536 13.82 -11.50 20.60
C ILE C 536 14.90 -10.65 21.26
N ILE C 537 15.75 -10.04 20.45
CA ILE C 537 16.82 -9.20 20.98
C ILE C 537 16.22 -8.01 21.72
N LYS C 538 16.73 -7.73 22.91
CA LYS C 538 16.29 -6.57 23.68
C LYS C 538 17.30 -5.42 23.66
N ASN C 539 18.56 -5.69 23.33
CA ASN C 539 19.58 -4.66 23.30
C ASN C 539 20.66 -5.03 22.29
N ILE C 540 21.28 -4.00 21.73
CA ILE C 540 22.43 -4.16 20.84
C ILE C 540 23.55 -3.24 21.35
N SER C 541 24.76 -3.77 21.44
CA SER C 541 25.90 -2.98 21.88
C SER C 541 27.13 -3.45 21.10
N VAL C 542 27.41 -2.77 20.00
CA VAL C 542 28.59 -3.04 19.19
C VAL C 542 29.77 -2.30 19.80
N THR C 543 30.90 -2.98 19.94
CA THR C 543 32.08 -2.41 20.57
C THR C 543 33.31 -2.85 19.79
N ALA C 544 34.32 -1.98 19.77
CA ALA C 544 35.58 -2.27 19.11
C ALA C 544 36.72 -1.68 19.93
N HIS C 545 37.71 -2.52 20.24
CA HIS C 545 38.87 -2.10 21.02
C HIS C 545 38.45 -1.56 22.39
N GLY C 546 37.54 -2.26 23.04
CA GLY C 546 37.11 -1.87 24.38
C GLY C 546 36.18 -0.68 24.49
N ILE C 547 36.49 0.41 23.81
CA ILE C 547 35.66 1.60 23.89
C ILE C 547 34.29 1.31 23.29
N ASN C 548 33.24 1.65 24.04
CA ASN C 548 31.87 1.44 23.59
C ASN C 548 31.55 2.49 22.53
N LEU C 549 31.52 2.05 21.27
CA LEU C 549 31.21 2.98 20.18
C LEU C 549 29.74 3.35 20.17
N ILE C 550 28.86 2.37 20.35
CA ILE C 550 27.42 2.57 20.32
C ILE C 550 26.82 1.98 21.59
N ASP C 551 26.16 2.82 22.37
CA ASP C 551 25.58 2.39 23.63
C ASP C 551 24.41 1.44 23.39
N LYS C 552 23.97 0.80 24.47
CA LYS C 552 22.89 -0.17 24.38
C LYS C 552 21.58 0.54 24.05
N PHE C 553 20.85 0.00 23.08
CA PHE C 553 19.62 0.59 22.57
C PHE C 553 18.55 -0.47 22.43
N PRO C 554 17.29 -0.12 22.62
CA PRO C 554 16.21 -1.10 22.45
C PRO C 554 16.12 -1.59 21.02
N SER C 555 15.36 -2.67 20.84
CA SER C 555 15.25 -3.28 19.52
C SER C 555 14.46 -2.37 18.57
N GLN C 556 13.37 -1.77 19.04
CA GLN C 556 12.56 -0.92 18.19
C GLN C 556 13.27 0.36 17.76
N PHE C 557 14.44 0.65 18.34
CA PHE C 557 15.23 1.77 17.84
C PHE C 557 16.07 1.35 16.63
N CYS C 558 16.60 0.14 16.65
CA CYS C 558 17.40 -0.37 15.55
C CYS C 558 16.57 -1.13 14.52
N SER C 559 15.28 -1.29 14.75
CA SER C 559 14.41 -2.03 13.85
C SER C 559 13.53 -1.13 12.98
N SER C 560 12.88 -0.15 13.58
CA SER C 560 11.92 0.70 12.88
C SER C 560 12.39 2.13 12.69
N TYR C 561 13.10 2.71 13.66
CA TYR C 561 13.46 4.11 13.53
C TYR C 561 14.66 4.31 12.62
N ILE C 562 15.73 3.53 12.82
CA ILE C 562 16.98 3.78 12.12
C ILE C 562 16.87 3.57 10.61
N PRO C 563 15.95 2.76 10.07
CA PRO C 563 15.72 2.83 8.61
C PRO C 563 14.76 3.95 8.22
N PHE C 564 14.09 4.57 9.18
CA PHE C 564 13.12 5.62 8.86
C PHE C 564 13.81 6.97 8.68
N HIS C 565 14.53 7.43 9.70
CA HIS C 565 15.21 8.71 9.61
C HIS C 565 16.30 8.69 8.54
N TYR C 566 16.85 7.52 8.25
CA TYR C 566 17.84 7.34 7.19
C TYR C 566 17.16 6.66 6.00
N GLY C 567 17.96 6.32 5.00
CA GLY C 567 17.47 5.54 3.88
C GLY C 567 17.41 6.29 2.57
N GLY C 568 17.02 7.57 2.62
CA GLY C 568 16.87 8.36 1.41
C GLY C 568 15.85 7.76 0.46
N ASN C 569 14.60 7.65 0.93
CA ASN C 569 13.44 7.16 0.15
C ASN C 569 13.77 5.94 -0.69
N ALA C 570 14.66 5.08 -0.18
CA ALA C 570 15.04 3.86 -0.88
C ALA C 570 15.13 2.66 0.04
N ILE C 571 14.75 2.79 1.31
CA ILE C 571 14.85 1.71 2.29
C ILE C 571 13.51 1.59 2.99
N LYS C 572 12.80 0.51 2.73
CA LYS C 572 11.53 0.27 3.40
C LYS C 572 11.77 -0.06 4.87
N THR C 573 10.68 -0.24 5.61
CA THR C 573 10.83 -0.67 6.98
C THR C 573 10.19 -2.05 7.17
N PRO C 574 10.88 -2.95 7.86
CA PRO C 574 10.39 -4.34 7.93
C PRO C 574 9.11 -4.45 8.74
N ASP C 575 8.17 -5.24 8.22
CA ASP C 575 6.97 -5.54 8.97
C ASP C 575 7.30 -6.30 10.26
N ASP C 576 8.01 -7.41 10.12
CA ASP C 576 8.47 -8.17 11.27
C ASP C 576 9.57 -7.38 11.98
N PRO C 577 9.35 -6.92 13.22
CA PRO C 577 10.35 -6.07 13.88
C PRO C 577 11.62 -6.78 14.29
N GLY C 578 11.78 -8.08 13.97
CA GLY C 578 12.96 -8.80 14.41
C GLY C 578 14.23 -8.34 13.73
N ALA C 579 14.13 -7.81 12.52
CA ALA C 579 15.31 -7.35 11.81
C ALA C 579 15.86 -6.09 12.45
N MET C 580 17.16 -5.87 12.27
CA MET C 580 17.84 -4.69 12.79
C MET C 580 18.67 -4.07 11.68
N MET C 581 19.31 -2.93 12.00
CA MET C 581 20.17 -2.24 11.05
C MET C 581 21.01 -1.19 11.76
N ILE C 582 22.31 -1.17 11.47
CA ILE C 582 23.22 -0.17 12.01
C ILE C 582 23.94 0.47 10.84
N THR C 583 24.19 1.77 10.94
CA THR C 583 24.77 2.53 9.84
C THR C 583 25.93 3.38 10.36
N PHE C 584 27.06 3.30 9.67
CA PHE C 584 28.23 4.12 9.96
C PHE C 584 28.47 5.16 8.88
N ALA C 585 27.39 5.60 8.21
CA ALA C 585 27.51 6.55 7.11
C ALA C 585 26.27 7.44 7.11
N LEU C 586 26.26 8.40 6.19
CA LEU C 586 25.15 9.34 6.06
C LEU C 586 24.24 9.05 4.89
N TYR C 587 24.75 8.39 3.84
CA TYR C 587 23.94 8.02 2.67
C TYR C 587 23.92 6.49 2.59
N PRO C 588 22.97 5.84 3.26
CA PRO C 588 22.93 4.37 3.27
C PRO C 588 22.41 3.79 1.96
N ARG C 589 23.30 3.61 0.98
CA ARG C 589 23.07 2.97 -0.31
C ARG C 589 22.22 3.82 -1.25
N GLU C 590 21.79 5.01 -0.84
CA GLU C 590 21.02 5.86 -1.75
C GLU C 590 21.92 6.60 -2.74
N GLU C 591 23.16 6.88 -2.36
CA GLU C 591 24.08 7.62 -3.22
C GLU C 591 25.26 6.73 -3.61
N TYR C 592 25.86 7.07 -4.75
CA TYR C 592 27.01 6.31 -5.24
C TYR C 592 28.29 6.72 -4.54
N GLN C 593 28.41 7.98 -4.14
CA GLN C 593 29.59 8.45 -3.41
C GLN C 593 29.55 7.95 -1.99
N PRO C 594 30.64 7.36 -1.48
CA PRO C 594 30.65 6.92 -0.08
C PRO C 594 30.47 8.10 0.86
N SER C 595 29.85 7.82 2.01
CA SER C 595 29.51 8.87 2.97
C SER C 595 29.86 8.44 4.39
N GLY C 596 30.98 7.76 4.55
CA GLY C 596 31.44 7.37 5.88
C GLY C 596 31.65 5.89 6.04
N HIS C 597 32.74 5.49 6.68
CA HIS C 597 33.04 4.08 6.85
C HIS C 597 34.09 3.92 7.94
N ILE C 598 33.93 2.89 8.76
CA ILE C 598 34.92 2.49 9.76
C ILE C 598 35.70 1.32 9.20
N ASN C 599 36.99 1.28 9.49
CA ASN C 599 37.89 0.28 8.93
C ASN C 599 38.07 -0.86 9.92
N VAL C 600 37.90 -2.09 9.44
CA VAL C 600 38.14 -3.29 10.25
C VAL C 600 39.44 -3.98 9.90
N SER C 601 40.21 -3.44 8.94
CA SER C 601 41.51 -4.01 8.63
C SER C 601 42.52 -3.65 9.72
N ARG C 602 42.74 -2.35 9.93
CA ARG C 602 43.63 -1.92 11.00
C ARG C 602 43.04 -2.26 12.37
N ALA C 603 41.72 -2.10 12.52
CA ALA C 603 41.03 -2.45 13.76
C ALA C 603 40.46 -3.86 13.61
N ARG C 604 41.34 -4.85 13.82
CA ARG C 604 40.96 -6.25 13.66
C ARG C 604 40.03 -6.75 14.76
N GLU C 605 39.65 -5.91 15.72
CA GLU C 605 38.76 -6.30 16.80
C GLU C 605 37.35 -5.82 16.52
N PHE C 606 36.36 -6.63 16.89
CA PHE C 606 34.96 -6.28 16.68
C PHE C 606 34.06 -7.19 17.52
N TYR C 607 33.12 -6.61 18.25
CA TYR C 607 32.29 -7.37 19.17
C TYR C 607 30.84 -6.95 19.03
N ILE C 608 29.94 -7.91 19.22
CA ILE C 608 28.49 -7.69 19.17
C ILE C 608 27.89 -8.35 20.40
N SER C 609 27.40 -7.55 21.34
CA SER C 609 26.81 -8.04 22.58
C SER C 609 25.32 -7.73 22.60
N TRP C 610 24.54 -8.65 23.15
CA TRP C 610 23.10 -8.49 23.18
C TRP C 610 22.52 -9.34 24.29
N ASP C 611 21.55 -8.77 25.01
CA ASP C 611 20.81 -9.51 26.02
C ASP C 611 19.50 -10.03 25.42
N SER C 612 18.97 -11.09 26.02
CA SER C 612 17.74 -11.70 25.53
C SER C 612 17.20 -12.62 26.61
N ASP C 613 16.05 -13.23 26.31
CA ASP C 613 15.44 -14.19 27.22
C ASP C 613 14.83 -15.38 26.47
N TYR C 614 15.23 -15.61 25.22
CA TYR C 614 14.68 -16.71 24.44
C TYR C 614 15.66 -17.83 24.15
N VAL C 615 16.96 -17.57 24.19
CA VAL C 615 17.97 -18.60 23.96
C VAL C 615 17.91 -19.62 25.09
N GLY C 616 18.56 -20.76 24.90
CA GLY C 616 18.56 -21.79 25.93
C GLY C 616 19.17 -23.10 25.48
N SER C 617 18.48 -24.21 25.75
CA SER C 617 18.96 -25.53 25.36
C SER C 617 17.92 -26.29 24.58
N ILE C 618 16.64 -26.01 24.85
CA ILE C 618 15.56 -26.70 24.14
C ILE C 618 15.34 -26.07 22.76
N THR C 619 15.53 -24.76 22.64
CA THR C 619 15.38 -24.06 21.36
C THR C 619 16.45 -22.98 21.31
N THR C 620 17.51 -23.23 20.53
CA THR C 620 18.61 -22.29 20.41
C THR C 620 18.26 -21.24 19.36
N ALA C 621 19.22 -20.41 19.00
CA ALA C 621 19.00 -19.35 18.01
C ALA C 621 20.31 -19.04 17.31
N ASP C 622 20.26 -18.94 15.99
CA ASP C 622 21.43 -18.63 15.17
C ASP C 622 21.26 -17.26 14.55
N LEU C 623 22.18 -16.34 14.86
CA LEU C 623 22.12 -14.99 14.34
C LEU C 623 22.92 -14.89 13.05
N VAL C 624 22.36 -14.16 12.09
CA VAL C 624 23.02 -13.92 10.80
C VAL C 624 23.41 -12.45 10.74
N VAL C 625 24.53 -12.18 10.07
CA VAL C 625 25.06 -10.83 9.97
C VAL C 625 25.57 -10.62 8.56
N SER C 626 25.03 -9.64 7.85
CA SER C 626 25.53 -9.25 6.54
C SER C 626 26.37 -7.99 6.67
N SER C 627 26.78 -7.44 5.55
CA SER C 627 27.58 -6.22 5.52
C SER C 627 27.51 -5.64 4.11
N SER C 628 28.33 -4.61 3.88
CA SER C 628 28.50 -4.06 2.53
C SER C 628 29.86 -3.38 2.49
N ALA C 629 30.85 -4.05 1.90
CA ALA C 629 32.20 -3.54 1.86
C ALA C 629 32.32 -2.42 0.84
N ILE C 630 33.42 -1.68 0.95
CA ILE C 630 33.77 -0.63 0.00
C ILE C 630 35.21 -0.88 -0.43
N ASN C 631 35.39 -1.61 -1.52
CA ASN C 631 36.71 -1.93 -2.04
C ASN C 631 36.70 -1.83 -3.55
N PHE C 632 37.83 -1.41 -4.12
CA PHE C 632 37.94 -1.18 -5.55
C PHE C 632 38.87 -2.20 -6.19
N LEU C 633 38.78 -2.30 -7.51
CA LEU C 633 39.55 -3.24 -8.30
C LEU C 633 40.21 -2.49 -9.46
N LEU C 634 41.01 -3.23 -10.23
CA LEU C 634 41.69 -2.70 -11.40
C LEU C 634 41.37 -3.59 -12.60
N LEU C 635 41.68 -3.07 -13.80
CA LEU C 635 41.37 -3.80 -15.02
C LEU C 635 42.41 -4.90 -15.29
N GLN C 636 43.67 -4.50 -15.49
CA GLN C 636 44.72 -5.46 -15.77
C GLN C 636 46.09 -4.90 -15.44
#